data_4NY6
# 
_entry.id   4NY6 
# 
_audit_conform.dict_name       mmcif_pdbx.dic 
_audit_conform.dict_version    5.387 
_audit_conform.dict_location   http://mmcif.pdb.org/dictionaries/ascii/mmcif_pdbx.dic 
# 
loop_
_database_2.database_id 
_database_2.database_code 
_database_2.pdbx_database_accession 
_database_2.pdbx_DOI 
PDB   4NY6         pdb_00004ny6 10.2210/pdb4ny6/pdb 
RCSB  RCSB083803   ?            ?                   
WWPDB D_1000083803 ?            ?                   
# 
loop_
_pdbx_audit_revision_history.ordinal 
_pdbx_audit_revision_history.data_content_type 
_pdbx_audit_revision_history.major_revision 
_pdbx_audit_revision_history.minor_revision 
_pdbx_audit_revision_history.revision_date 
1 'Structure model' 1 0 2014-12-24 
2 'Structure model' 1 1 2017-11-22 
3 'Structure model' 1 2 2018-06-13 
4 'Structure model' 1 3 2024-02-28 
# 
_pdbx_audit_revision_details.ordinal             1 
_pdbx_audit_revision_details.revision_ordinal    1 
_pdbx_audit_revision_details.data_content_type   'Structure model' 
_pdbx_audit_revision_details.provider            repository 
_pdbx_audit_revision_details.type                'Initial release' 
_pdbx_audit_revision_details.description         ? 
_pdbx_audit_revision_details.details             ? 
# 
loop_
_pdbx_audit_revision_group.ordinal 
_pdbx_audit_revision_group.revision_ordinal 
_pdbx_audit_revision_group.data_content_type 
_pdbx_audit_revision_group.group 
1 2 'Structure model' 'Refinement description' 
2 3 'Structure model' 'Data collection'        
3 3 'Structure model' 'Refinement description' 
4 4 'Structure model' 'Data collection'        
5 4 'Structure model' 'Database references'    
6 4 'Structure model' 'Refinement description' 
# 
loop_
_pdbx_audit_revision_category.ordinal 
_pdbx_audit_revision_category.revision_ordinal 
_pdbx_audit_revision_category.data_content_type 
_pdbx_audit_revision_category.category 
1  2 'Structure model' software                    
2  3 'Structure model' diffrn                      
3  3 'Structure model' diffrn_detector             
4  3 'Structure model' diffrn_radiation            
5  3 'Structure model' diffrn_radiation_wavelength 
6  3 'Structure model' diffrn_source               
7  3 'Structure model' refine                      
8  3 'Structure model' refine_ls_shell             
9  3 'Structure model' reflns                      
10 3 'Structure model' reflns_shell                
11 4 'Structure model' chem_comp_atom              
12 4 'Structure model' chem_comp_bond              
13 4 'Structure model' database_2                  
14 4 'Structure model' refine_hist                 
15 4 'Structure model' struct_ref_seq_dif          
# 
loop_
_pdbx_audit_revision_item.ordinal 
_pdbx_audit_revision_item.revision_ordinal 
_pdbx_audit_revision_item.data_content_type 
_pdbx_audit_revision_item.item 
1  3 'Structure model' '_diffrn.ambient_temp'                             
2  3 'Structure model' '_diffrn_detector.detector'                        
3  3 'Structure model' '_diffrn_detector.pdbx_collection_date'            
4  3 'Structure model' '_diffrn_detector.type'                            
5  3 'Structure model' '_diffrn_radiation.monochromator'                  
6  3 'Structure model' '_diffrn_radiation.pdbx_diffrn_protocol'           
7  3 'Structure model' '_diffrn_radiation.pdbx_monochromatic_or_laue_m_l' 
8  3 'Structure model' '_diffrn_radiation.pdbx_scattering_type'           
9  3 'Structure model' '_diffrn_radiation_wavelength.wavelength'          
10 3 'Structure model' '_diffrn_source.pdbx_synchrotron_beamline'         
11 3 'Structure model' '_diffrn_source.pdbx_synchrotron_site'             
12 3 'Structure model' '_diffrn_source.pdbx_wavelength'                   
13 3 'Structure model' '_diffrn_source.pdbx_wavelength_list'              
14 3 'Structure model' '_diffrn_source.source'                            
15 3 'Structure model' '_diffrn_source.type'                              
16 3 'Structure model' '_refine.B_iso_mean'                               
17 3 'Structure model' '_refine.ls_R_factor_R_free'                       
18 3 'Structure model' '_refine.ls_R_factor_R_work'                       
19 3 'Structure model' '_refine.ls_R_factor_obs'                          
20 3 'Structure model' '_refine.ls_d_res_high'                            
21 3 'Structure model' '_refine.ls_d_res_low'                             
22 3 'Structure model' '_refine.ls_number_reflns_R_free'                  
23 3 'Structure model' '_refine.ls_number_reflns_obs'                     
24 3 'Structure model' '_refine.ls_percent_reflns_R_free'                 
25 3 'Structure model' '_refine.ls_percent_reflns_obs'                    
26 3 'Structure model' '_refine.occupancy_max'                            
27 3 'Structure model' '_refine.occupancy_min'                            
28 3 'Structure model' '_refine.overall_SU_ML'                            
29 3 'Structure model' '_refine.pdbx_ls_sigma_F'                          
30 3 'Structure model' '_refine.pdbx_overall_phase_error'                 
31 3 'Structure model' '_refine.pdbx_refine_id'                           
32 3 'Structure model' '_refine_ls_shell.R_factor_R_free'                 
33 3 'Structure model' '_refine_ls_shell.R_factor_R_work'                 
34 3 'Structure model' '_refine_ls_shell.d_res_high'                      
35 3 'Structure model' '_refine_ls_shell.d_res_low'                       
36 3 'Structure model' '_refine_ls_shell.number_reflns_R_free'            
37 3 'Structure model' '_refine_ls_shell.number_reflns_R_work'            
38 3 'Structure model' '_refine_ls_shell.pdbx_refine_id'                  
39 3 'Structure model' '_refine_ls_shell.percent_reflns_obs'              
40 3 'Structure model' '_reflns.d_resolution_high'                        
41 3 'Structure model' '_reflns.d_resolution_low'                         
42 3 'Structure model' '_reflns.number_all'                               
43 3 'Structure model' '_reflns.number_obs'                               
44 3 'Structure model' '_reflns.pdbx_Rmerge_I_obs'                        
45 3 'Structure model' '_reflns.pdbx_netI_over_sigmaI'                    
46 3 'Structure model' '_reflns.pdbx_redundancy'                          
47 3 'Structure model' '_reflns.percent_possible_obs'                     
48 3 'Structure model' '_reflns_shell.Rmerge_I_obs'                       
49 3 'Structure model' '_reflns_shell.d_res_high'                         
50 3 'Structure model' '_reflns_shell.d_res_low'                          
51 3 'Structure model' '_reflns_shell.meanI_over_sigI_obs'                
52 3 'Structure model' '_reflns_shell.pdbx_redundancy'                    
53 3 'Structure model' '_reflns_shell.percent_possible_all'               
54 4 'Structure model' '_database_2.pdbx_DOI'                             
55 4 'Structure model' '_database_2.pdbx_database_accession'              
56 4 'Structure model' '_refine_hist.d_res_high'                          
57 4 'Structure model' '_refine_hist.d_res_low'                           
58 4 'Structure model' '_struct_ref_seq_dif.details'                      
# 
_pdbx_database_status.status_code                     REL 
_pdbx_database_status.entry_id                        4NY6 
_pdbx_database_status.recvd_initial_deposition_date   2013-12-10 
_pdbx_database_status.deposit_site                    RCSB 
_pdbx_database_status.process_site                    RCSB 
_pdbx_database_status.status_code_sf                  REL 
_pdbx_database_status.status_code_mr                  ? 
_pdbx_database_status.SG_entry                        ? 
_pdbx_database_status.status_code_cs                  ? 
_pdbx_database_status.methods_development_category    ? 
_pdbx_database_status.pdb_format_compatible           Y 
_pdbx_database_status.status_code_nmr_data            ? 
# 
_pdbx_database_related.db_name        PDB 
_pdbx_database_related.db_id          3QF6 
_pdbx_database_related.details        . 
_pdbx_database_related.content_type   unspecified 
# 
loop_
_audit_author.name 
_audit_author.pdbx_ordinal 
'Fisher, S.J.'         1  
'Blakeley, M.P.'       2  
'Howard, E.I.'         3  
'Petite-Haertlein, I.' 4  
'Haertlein, M.'        5  
'Mitschler, A.'        6  
'Cousido-Siah, A.'     7  
'Salvaya, A.G.'        8  
'Popov, A.'            9  
'Muller-Dieckmann, C.' 10 
'Petrova, T.'          11 
'Podjarny, A.D.'       12 
# 
_citation.id                        primary 
_citation.title                     
'Perdeuteration: improved visualization of solvent structure in neutron macromolecular crystallography.' 
_citation.journal_abbrev            'Acta Crystallogr.,Sect.D' 
_citation.journal_volume            70 
_citation.page_first                3266 
_citation.page_last                 3272 
_citation.year                      2014 
_citation.journal_id_ASTM           ABCRE6 
_citation.country                   DK 
_citation.journal_id_ISSN           0907-4449 
_citation.journal_id_CSD            0766 
_citation.book_publisher            ? 
_citation.pdbx_database_id_PubMed   25478844 
_citation.pdbx_database_id_DOI      10.1107/S1399004714021610 
# 
loop_
_citation_author.citation_id 
_citation_author.name 
_citation_author.ordinal 
_citation_author.identifier_ORCID 
primary 'Fisher, S.J.'         1  ? 
primary 'Blakeley, M.P.'       2  ? 
primary 'Howard, E.I.'         3  ? 
primary 'Petit-Haertlein, I.'  4  ? 
primary 'Haertlein, M.'        5  ? 
primary 'Mitschler, A.'        6  ? 
primary 'Cousido-Siah, A.'     7  ? 
primary 'Salvay, A.G.'         8  ? 
primary 'Popov, A.'            9  ? 
primary 'Muller-Dieckmann, C.' 10 ? 
primary 'Petrova, T.'          11 ? 
primary 'Podjarny, A.'         12 ? 
# 
loop_
_entity.id 
_entity.type 
_entity.src_method 
_entity.pdbx_description 
_entity.formula_weight 
_entity.pdbx_number_of_molecules 
_entity.pdbx_ec 
_entity.pdbx_mutation 
_entity.pdbx_fragment 
_entity.details 
1 polymer man 'Type-3 ice-structuring protein HPLC 12' 6894.129 1  ? ? ? ? 
2 water   nat water                                    18.015   42 ? ? ? ? 
# 
_entity_name_com.entity_id   1 
_entity_name_com.name        'Antifreeze protein QAE(HPLC 12), ISP type III HPLC 12' 
# 
_entity_poly.entity_id                      1 
_entity_poly.type                           'polypeptide(L)' 
_entity_poly.nstd_linkage                   no 
_entity_poly.nstd_monomer                   no 
_entity_poly.pdbx_seq_one_letter_code       NQASVVANQLIPINTALTLVMMRSEVVTPVGIPADDIPRLVSMQVNRAVPLGTTLMPDMVKGYAA 
_entity_poly.pdbx_seq_one_letter_code_can   NQASVVANQLIPINTALTLVMMRSEVVTPVGIPADDIPRLVSMQVNRAVPLGTTLMPDMVKGYAA 
_entity_poly.pdbx_strand_id                 A 
_entity_poly.pdbx_target_identifier         ? 
# 
_pdbx_entity_nonpoly.entity_id   2 
_pdbx_entity_nonpoly.name        water 
_pdbx_entity_nonpoly.comp_id     DOD 
# 
loop_
_entity_poly_seq.entity_id 
_entity_poly_seq.num 
_entity_poly_seq.mon_id 
_entity_poly_seq.hetero 
1 1  ASN n 
1 2  GLN n 
1 3  ALA n 
1 4  SER n 
1 5  VAL n 
1 6  VAL n 
1 7  ALA n 
1 8  ASN n 
1 9  GLN n 
1 10 LEU n 
1 11 ILE n 
1 12 PRO n 
1 13 ILE n 
1 14 ASN n 
1 15 THR n 
1 16 ALA n 
1 17 LEU n 
1 18 THR n 
1 19 LEU n 
1 20 VAL n 
1 21 MET n 
1 22 MET n 
1 23 ARG n 
1 24 SER n 
1 25 GLU n 
1 26 VAL n 
1 27 VAL n 
1 28 THR n 
1 29 PRO n 
1 30 VAL n 
1 31 GLY n 
1 32 ILE n 
1 33 PRO n 
1 34 ALA n 
1 35 ASP n 
1 36 ASP n 
1 37 ILE n 
1 38 PRO n 
1 39 ARG n 
1 40 LEU n 
1 41 VAL n 
1 42 SER n 
1 43 MET n 
1 44 GLN n 
1 45 VAL n 
1 46 ASN n 
1 47 ARG n 
1 48 ALA n 
1 49 VAL n 
1 50 PRO n 
1 51 LEU n 
1 52 GLY n 
1 53 THR n 
1 54 THR n 
1 55 LEU n 
1 56 MET n 
1 57 PRO n 
1 58 ASP n 
1 59 MET n 
1 60 VAL n 
1 61 LYS n 
1 62 GLY n 
1 63 TYR n 
1 64 ALA n 
1 65 ALA n 
# 
_entity_src_gen.entity_id                          1 
_entity_src_gen.pdbx_src_id                        1 
_entity_src_gen.pdbx_alt_source_flag               sample 
_entity_src_gen.pdbx_seq_type                      ? 
_entity_src_gen.pdbx_beg_seq_num                   ? 
_entity_src_gen.pdbx_end_seq_num                   ? 
_entity_src_gen.gene_src_common_name               'North-Atlantic ocean pout,mother-of-eels,muttonfish,poodler' 
_entity_src_gen.gene_src_genus                     ? 
_entity_src_gen.pdbx_gene_src_gene                 ? 
_entity_src_gen.gene_src_species                   ? 
_entity_src_gen.gene_src_strain                    ? 
_entity_src_gen.gene_src_tissue                    ? 
_entity_src_gen.gene_src_tissue_fraction           ? 
_entity_src_gen.gene_src_details                   ? 
_entity_src_gen.pdbx_gene_src_fragment             ? 
_entity_src_gen.pdbx_gene_src_scientific_name      'Zoarces americanus' 
_entity_src_gen.pdbx_gene_src_ncbi_taxonomy_id     8199 
_entity_src_gen.pdbx_gene_src_variant              ? 
_entity_src_gen.pdbx_gene_src_cell_line            ? 
_entity_src_gen.pdbx_gene_src_atcc                 ? 
_entity_src_gen.pdbx_gene_src_organ                ? 
_entity_src_gen.pdbx_gene_src_organelle            ? 
_entity_src_gen.pdbx_gene_src_cell                 ? 
_entity_src_gen.pdbx_gene_src_cellular_location    ? 
_entity_src_gen.host_org_common_name               ? 
_entity_src_gen.pdbx_host_org_scientific_name      'Escherichia coli' 
_entity_src_gen.pdbx_host_org_ncbi_taxonomy_id     469008 
_entity_src_gen.host_org_genus                     ? 
_entity_src_gen.pdbx_host_org_gene                 ? 
_entity_src_gen.pdbx_host_org_organ                ? 
_entity_src_gen.host_org_species                   ? 
_entity_src_gen.pdbx_host_org_tissue               ? 
_entity_src_gen.pdbx_host_org_tissue_fraction      ? 
_entity_src_gen.pdbx_host_org_strain               'BL21(DE3)' 
_entity_src_gen.pdbx_host_org_variant              ? 
_entity_src_gen.pdbx_host_org_cell_line            ? 
_entity_src_gen.pdbx_host_org_atcc                 ? 
_entity_src_gen.pdbx_host_org_culture_collection   ? 
_entity_src_gen.pdbx_host_org_cell                 ? 
_entity_src_gen.pdbx_host_org_organelle            ? 
_entity_src_gen.pdbx_host_org_cellular_location    ? 
_entity_src_gen.pdbx_host_org_vector_type          ? 
_entity_src_gen.pdbx_host_org_vector               ? 
_entity_src_gen.host_org_details                   ? 
_entity_src_gen.expression_system_id               ? 
_entity_src_gen.plasmid_name                       pET-28a 
_entity_src_gen.plasmid_details                    ? 
_entity_src_gen.pdbx_description                   ? 
# 
loop_
_chem_comp.id 
_chem_comp.type 
_chem_comp.mon_nstd_flag 
_chem_comp.name 
_chem_comp.pdbx_synonyms 
_chem_comp.formula 
_chem_comp.formula_weight 
ALA 'L-peptide linking' y ALANINE            ? 'C3 H7 N O2'     89.093  
ARG 'L-peptide linking' y ARGININE           ? 'C6 H15 N4 O2 1' 175.209 
ASN 'L-peptide linking' y ASPARAGINE         ? 'C4 H8 N2 O3'    132.118 
ASP 'L-peptide linking' y 'ASPARTIC ACID'    ? 'C4 H7 N O4'     133.103 
DOD non-polymer         . 'DEUTERATED WATER' ? 'D2 O'           20.028  
GLN 'L-peptide linking' y GLUTAMINE          ? 'C5 H10 N2 O3'   146.144 
GLU 'L-peptide linking' y 'GLUTAMIC ACID'    ? 'C5 H9 N O4'     147.129 
GLY 'peptide linking'   y GLYCINE            ? 'C2 H5 N O2'     75.067  
ILE 'L-peptide linking' y ISOLEUCINE         ? 'C6 H13 N O2'    131.173 
LEU 'L-peptide linking' y LEUCINE            ? 'C6 H13 N O2'    131.173 
LYS 'L-peptide linking' y LYSINE             ? 'C6 H15 N2 O2 1' 147.195 
MET 'L-peptide linking' y METHIONINE         ? 'C5 H11 N O2 S'  149.211 
PRO 'L-peptide linking' y PROLINE            ? 'C5 H9 N O2'     115.130 
SER 'L-peptide linking' y SERINE             ? 'C3 H7 N O3'     105.093 
THR 'L-peptide linking' y THREONINE          ? 'C4 H9 N O3'     119.119 
TYR 'L-peptide linking' y TYROSINE           ? 'C9 H11 N O3'    181.189 
VAL 'L-peptide linking' y VALINE             ? 'C5 H11 N O2'    117.146 
# 
loop_
_pdbx_poly_seq_scheme.asym_id 
_pdbx_poly_seq_scheme.entity_id 
_pdbx_poly_seq_scheme.seq_id 
_pdbx_poly_seq_scheme.mon_id 
_pdbx_poly_seq_scheme.ndb_seq_num 
_pdbx_poly_seq_scheme.pdb_seq_num 
_pdbx_poly_seq_scheme.auth_seq_num 
_pdbx_poly_seq_scheme.pdb_mon_id 
_pdbx_poly_seq_scheme.auth_mon_id 
_pdbx_poly_seq_scheme.pdb_strand_id 
_pdbx_poly_seq_scheme.pdb_ins_code 
_pdbx_poly_seq_scheme.hetero 
A 1 1  ASN 1  1  1  ASN ASN A . n 
A 1 2  GLN 2  2  2  GLN GLN A . n 
A 1 3  ALA 3  3  3  ALA ALA A . n 
A 1 4  SER 4  4  4  SER SER A . n 
A 1 5  VAL 5  5  5  VAL VAL A . n 
A 1 6  VAL 6  6  6  VAL VAL A . n 
A 1 7  ALA 7  7  7  ALA ALA A . n 
A 1 8  ASN 8  8  8  ASN ASN A . n 
A 1 9  GLN 9  9  9  GLN GLN A . n 
A 1 10 LEU 10 10 10 LEU LEU A . n 
A 1 11 ILE 11 11 11 ILE ILE A . n 
A 1 12 PRO 12 12 12 PRO PRO A . n 
A 1 13 ILE 13 13 13 ILE ILE A . n 
A 1 14 ASN 14 14 14 ASN ASN A . n 
A 1 15 THR 15 15 15 THR THR A . n 
A 1 16 ALA 16 16 16 ALA ALA A . n 
A 1 17 LEU 17 17 17 LEU LEU A . n 
A 1 18 THR 18 18 18 THR THR A . n 
A 1 19 LEU 19 19 19 LEU LEU A . n 
A 1 20 VAL 20 20 20 VAL VAL A . n 
A 1 21 MET 21 21 21 MET MET A . n 
A 1 22 MET 22 22 22 MET MET A . n 
A 1 23 ARG 23 23 23 ARG ARG A . n 
A 1 24 SER 24 24 24 SER SER A . n 
A 1 25 GLU 25 25 25 GLU GLU A . n 
A 1 26 VAL 26 26 26 VAL VAL A . n 
A 1 27 VAL 27 27 27 VAL VAL A . n 
A 1 28 THR 28 28 28 THR THR A . n 
A 1 29 PRO 29 29 29 PRO PRO A . n 
A 1 30 VAL 30 30 30 VAL VAL A . n 
A 1 31 GLY 31 31 31 GLY GLY A . n 
A 1 32 ILE 32 32 32 ILE ILE A . n 
A 1 33 PRO 33 33 33 PRO PRO A . n 
A 1 34 ALA 34 34 34 ALA ALA A . n 
A 1 35 ASP 35 35 35 ASP ASP A . n 
A 1 36 ASP 36 36 36 ASP ASP A . n 
A 1 37 ILE 37 37 37 ILE ILE A . n 
A 1 38 PRO 38 38 38 PRO PRO A . n 
A 1 39 ARG 39 39 39 ARG ARG A . n 
A 1 40 LEU 40 40 40 LEU LEU A . n 
A 1 41 VAL 41 41 41 VAL VAL A . n 
A 1 42 SER 42 42 42 SER SER A . n 
A 1 43 MET 43 43 43 MET MET A . n 
A 1 44 GLN 44 44 44 GLN GLN A . n 
A 1 45 VAL 45 45 45 VAL VAL A . n 
A 1 46 ASN 46 46 46 ASN ASN A . n 
A 1 47 ARG 47 47 47 ARG ARG A . n 
A 1 48 ALA 48 48 48 ALA ALA A . n 
A 1 49 VAL 49 49 49 VAL VAL A . n 
A 1 50 PRO 50 50 50 PRO PRO A . n 
A 1 51 LEU 51 51 51 LEU LEU A . n 
A 1 52 GLY 52 52 52 GLY GLY A . n 
A 1 53 THR 53 53 53 THR THR A . n 
A 1 54 THR 54 54 54 THR THR A . n 
A 1 55 LEU 55 55 55 LEU LEU A . n 
A 1 56 MET 56 56 56 MET MET A . n 
A 1 57 PRO 57 57 57 PRO PRO A . n 
A 1 58 ASP 58 58 58 ASP ASP A . n 
A 1 59 MET 59 59 59 MET MET A . n 
A 1 60 VAL 60 60 60 VAL VAL A . n 
A 1 61 LYS 61 61 61 LYS LYS A . n 
A 1 62 GLY 62 62 62 GLY GLY A . n 
A 1 63 TYR 63 63 63 TYR TYR A . n 
A 1 64 ALA 64 64 64 ALA ALA A . n 
A 1 65 ALA 65 65 65 ALA ALA A . n 
# 
loop_
_pdbx_nonpoly_scheme.asym_id 
_pdbx_nonpoly_scheme.entity_id 
_pdbx_nonpoly_scheme.mon_id 
_pdbx_nonpoly_scheme.ndb_seq_num 
_pdbx_nonpoly_scheme.pdb_seq_num 
_pdbx_nonpoly_scheme.auth_seq_num 
_pdbx_nonpoly_scheme.pdb_mon_id 
_pdbx_nonpoly_scheme.auth_mon_id 
_pdbx_nonpoly_scheme.pdb_strand_id 
_pdbx_nonpoly_scheme.pdb_ins_code 
B 2 DOD 1  101 1  DOD DOD A . 
B 2 DOD 2  102 2  DOD DOD A . 
B 2 DOD 3  103 3  DOD DOD A . 
B 2 DOD 4  104 4  DOD DOD A . 
B 2 DOD 5  105 5  DOD DOD A . 
B 2 DOD 6  106 6  DOD DOD A . 
B 2 DOD 7  107 7  DOD DOD A . 
B 2 DOD 8  108 8  DOD DOD A . 
B 2 DOD 9  109 9  DOD DOD A . 
B 2 DOD 10 110 10 DOD DOD A . 
B 2 DOD 11 111 11 DOD DOD A . 
B 2 DOD 12 112 12 DOD DOD A . 
B 2 DOD 13 113 13 DOD DOD A . 
B 2 DOD 14 114 14 DOD DOD A . 
B 2 DOD 15 115 15 DOD DOD A . 
B 2 DOD 16 116 16 DOD DOD A . 
B 2 DOD 17 117 17 DOD DOD A . 
B 2 DOD 18 118 18 DOD DOD A . 
B 2 DOD 19 119 19 DOD DOD A . 
B 2 DOD 20 120 20 DOD DOD A . 
B 2 DOD 21 121 21 DOD DOD A . 
B 2 DOD 22 122 22 DOD DOD A . 
B 2 DOD 23 123 23 DOD DOD A . 
B 2 DOD 24 124 24 DOD DOD A . 
B 2 DOD 25 125 25 DOD DOD A . 
B 2 DOD 26 126 26 DOD DOD A . 
B 2 DOD 27 127 27 DOD DOD A . 
B 2 DOD 28 128 28 DOD DOD A . 
B 2 DOD 29 129 29 DOD DOD A . 
B 2 DOD 30 130 30 DOD DOD A . 
B 2 DOD 31 131 31 DOD DOD A . 
B 2 DOD 32 132 32 DOD DOD A . 
B 2 DOD 33 133 33 DOD DOD A . 
B 2 DOD 34 134 34 DOD DOD A . 
B 2 DOD 35 135 35 DOD DOD A . 
B 2 DOD 36 136 36 DOD DOD A . 
B 2 DOD 37 137 37 DOD DOD A . 
B 2 DOD 38 138 38 DOD DOD A . 
B 2 DOD 39 139 39 DOD DOD A . 
B 2 DOD 40 140 40 DOD DOD A . 
B 2 DOD 41 141 41 DOD DOD A . 
B 2 DOD 42 142 42 DOD DOD A . 
# 
loop_
_software.name 
_software.classification 
_software.version 
_software.citation_id 
_software.pdbx_ordinal 
_software.date 
_software.type 
_software.location 
_software.language 
QLD     'data collection' .                           ? 1 ? ? ? ? 
PHENIX  'model building'  .                           ? 2 ? ? ? ? 
PHENIX  refinement        '(phenix.refine: 1.8_1069)' ? 3 ? ? ? ? 
LAUEGEN 'data reduction'  .                           ? 4 ? ? ? ? 
LSCALE  'data scaling'    .                           ? 5 ? ? ? ? 
SCALA   'data scaling'    .                           ? 6 ? ? ? ? 
PHENIX  phasing           .                           ? 7 ? ? ? ? 
# 
_cell.entry_id           4NY6 
_cell.length_a           32.730 
_cell.length_b           39.120 
_cell.length_c           46.540 
_cell.angle_alpha        90.00 
_cell.angle_beta         90.00 
_cell.angle_gamma        90.00 
_cell.Z_PDB              4 
_cell.pdbx_unique_axis   ? 
_cell.length_a_esd       ? 
_cell.length_b_esd       ? 
_cell.length_c_esd       ? 
_cell.angle_alpha_esd    ? 
_cell.angle_beta_esd     ? 
_cell.angle_gamma_esd    ? 
# 
_symmetry.entry_id                         4NY6 
_symmetry.space_group_name_H-M             'P 21 21 21' 
_symmetry.pdbx_full_space_group_name_H-M   ? 
_symmetry.cell_setting                     ? 
_symmetry.Int_Tables_number                19 
_symmetry.space_group_name_Hall            ? 
# 
loop_
_exptl.entry_id 
_exptl.method 
_exptl.crystals_number 
4NY6 'NEUTRON DIFFRACTION' 1 
4NY6 'X-RAY DIFFRACTION'   1 
# 
_exptl_crystal.id                    1 
_exptl_crystal.density_meas          ? 
_exptl_crystal.density_Matthews      2.16 
_exptl_crystal.density_percent_sol   43.08 
_exptl_crystal.description           ? 
_exptl_crystal.F_000                 ? 
_exptl_crystal.preparation           ? 
# 
_exptl_crystal_grow.crystal_id      1 
_exptl_crystal_grow.method          'VAPOR DIFFUSION, SITTING DROP' 
_exptl_crystal_grow.temp            285 
_exptl_crystal_grow.temp_details    ? 
_exptl_crystal_grow.pH              5.2 
_exptl_crystal_grow.pdbx_pH_range   ? 
_exptl_crystal_grow.pdbx_details    
;10mg/ml protein in 50 mM sodium acetate pD 5.2. Drops containing 20 ml protein solution and 30 ml precipitant buffer (2.1 M ammonium sulfate, 9% d8-glycerol) were equilibrated against 1 ml precipitant buffer in the reservoir, VAPOR DIFFUSION, SITTING DROP, temperature 285K
;
# 
loop_
_diffrn.id 
_diffrn.ambient_temp 
_diffrn.ambient_temp_details 
_diffrn.crystal_id 
1 100 ? 1 
2 298 ? 1 
# 
loop_
_diffrn_detector.diffrn_id 
_diffrn_detector.detector 
_diffrn_detector.type 
_diffrn_detector.pdbx_collection_date 
_diffrn_detector.details 
1 PIXEL    'DECTRIS PILATUS 6M' ?          ? 
2 LADI-III 'Image Plate'        2008-05-28 ? 
# 
loop_
_diffrn_radiation.diffrn_id 
_diffrn_radiation.wavelength_id 
_diffrn_radiation.pdbx_monochromatic_or_laue_m_l 
_diffrn_radiation.monochromator 
_diffrn_radiation.pdbx_diffrn_protocol 
_diffrn_radiation.pdbx_scattering_type 
1 1 M ?                        'SINGLE WAVELENGTH' x-ray   
2 1 L 'NiTi Multilayer Filter' LAUE                neutron 
# 
loop_
_diffrn_radiation_wavelength.id 
_diffrn_radiation_wavelength.wavelength 
_diffrn_radiation_wavelength.wt 
1 0.6525 1.0 
2 3.18   1.0 
3 4.22   1.0 
# 
loop_
_diffrn_source.diffrn_id 
_diffrn_source.source 
_diffrn_source.type 
_diffrn_source.pdbx_synchrotron_site 
_diffrn_source.pdbx_synchrotron_beamline 
_diffrn_source.pdbx_wavelength 
_diffrn_source.pdbx_wavelength_list 
1 SYNCHROTRON       'ESRF BEAMLINE ID23-1' ESRF ID23-1 ? 0.6525    
2 'NUCLEAR REACTOR' OTHER                  ?    ?      ? 3.18-4.22 
# 
loop_
_reflns.pdbx_diffrn_id 
_reflns.pdbx_ordinal 
_reflns.entry_id 
_reflns.observed_criterion_sigma_I 
_reflns.observed_criterion_sigma_F 
_reflns.d_resolution_low 
_reflns.d_resolution_high 
_reflns.number_obs 
_reflns.number_all 
_reflns.percent_possible_obs 
_reflns.pdbx_Rmerge_I_obs 
_reflns.pdbx_Rsym_value 
_reflns.pdbx_netI_over_sigmaI 
_reflns.B_iso_Wilson_estimate 
_reflns.pdbx_redundancy 
_reflns.R_free_details 
_reflns.limit_h_max 
_reflns.limit_h_min 
_reflns.limit_k_max 
_reflns.limit_k_min 
_reflns.limit_l_max 
_reflns.limit_l_min 
_reflns.observed_criterion_F_max 
_reflns.observed_criterion_F_min 
_reflns.pdbx_chi_squared 
_reflns.pdbx_scaling_rejects 
1 1 4NY6 ? ? 50.0  1.05 28534 ?    99.7 0.048 ? 32.5 ? 6.1  ? ? ? ? ? ? ? ? ? ? ? 
2 2 4NY6 ? ? 46.52 1.80 5194  5916 89.3 0.136 ? 14.0 ? 11.1 ? ? ? ? ? ? ? ? ? ? ? 
# 
loop_
_reflns_shell.pdbx_diffrn_id 
_reflns_shell.pdbx_ordinal 
_reflns_shell.d_res_high 
_reflns_shell.d_res_low 
_reflns_shell.percent_possible_all 
_reflns_shell.Rmerge_I_obs 
_reflns_shell.pdbx_Rsym_value 
_reflns_shell.meanI_over_sigI_obs 
_reflns_shell.pdbx_redundancy 
_reflns_shell.percent_possible_obs 
_reflns_shell.number_unique_all 
_reflns_shell.number_measured_all 
_reflns_shell.number_measured_obs 
_reflns_shell.number_unique_obs 
_reflns_shell.pdbx_chi_squared 
1 1 1.05 1.09 99.9 0.638 ? 2.66 ?   ? ? ? ? ? ? 
2 2 1.80 1.90 71.4 0.169 ? 6.6  3.5 ? ? ? ? ? ? 
# 
loop_
_refine.pdbx_refine_id 
_refine.entry_id 
_refine.pdbx_diffrn_id 
_refine.pdbx_TLS_residual_ADP_flag 
_refine.ls_number_reflns_obs 
_refine.ls_number_reflns_all 
_refine.pdbx_ls_sigma_I 
_refine.pdbx_ls_sigma_F 
_refine.pdbx_data_cutoff_high_absF 
_refine.pdbx_data_cutoff_low_absF 
_refine.pdbx_data_cutoff_high_rms_absF 
_refine.ls_d_res_low 
_refine.ls_d_res_high 
_refine.ls_percent_reflns_obs 
_refine.ls_R_factor_obs 
_refine.ls_R_factor_all 
_refine.ls_R_factor_R_work 
_refine.ls_R_factor_R_free 
_refine.ls_R_factor_R_free_error 
_refine.ls_R_factor_R_free_error_details 
_refine.ls_percent_reflns_R_free 
_refine.ls_number_reflns_R_free 
_refine.ls_number_parameters 
_refine.ls_number_restraints 
_refine.occupancy_min 
_refine.occupancy_max 
_refine.correlation_coeff_Fo_to_Fc 
_refine.correlation_coeff_Fo_to_Fc_free 
_refine.B_iso_mean 
_refine.aniso_B[1][1] 
_refine.aniso_B[2][2] 
_refine.aniso_B[3][3] 
_refine.aniso_B[1][2] 
_refine.aniso_B[1][3] 
_refine.aniso_B[2][3] 
_refine.solvent_model_details 
_refine.solvent_model_param_ksol 
_refine.solvent_model_param_bsol 
_refine.pdbx_solvent_vdw_probe_radii 
_refine.pdbx_solvent_ion_probe_radii 
_refine.pdbx_solvent_shrinkage_radii 
_refine.pdbx_ls_cross_valid_method 
_refine.details 
_refine.pdbx_starting_model 
_refine.pdbx_method_to_determine_struct 
_refine.pdbx_isotropic_thermal_model 
_refine.pdbx_stereochemistry_target_values 
_refine.pdbx_stereochem_target_val_spec_case 
_refine.pdbx_R_Free_selection_details 
_refine.pdbx_overall_ESU_R 
_refine.pdbx_overall_ESU_R_Free 
_refine.overall_SU_ML 
_refine.pdbx_overall_phase_error 
_refine.overall_SU_B 
_refine.overall_SU_R_Cruickshank_DPI 
_refine.pdbx_overall_SU_R_free_Cruickshank_DPI 
_refine.pdbx_overall_SU_R_Blow_DPI 
_refine.pdbx_overall_SU_R_free_Blow_DPI 
_refine.ls_redundancy_reflns_obs 
_refine.B_iso_min 
_refine.B_iso_max 
_refine.overall_SU_R_free 
_refine.ls_wR_factor_R_free 
_refine.ls_wR_factor_R_work 
_refine.overall_FOM_free_R_set 
_refine.overall_FOM_work_R_set 
'X-RAY DIFFRACTION'   4NY6 1 ? 28511 ? ? 1.34 ? ? ? 18.965 1.050 99.82 0.1712 ? 0.1703 0.1881 ? ? 5.00 1426 ? ? 0.000 1.000 ? ? 
16.9609 ? ? ? ? ? ? 'FLAT BULK SOLVENT MODEL' ? ? 1.11 ? 0.90 ? ? ? ? ? 'Joint X-ray/neutron ML' ? ? ? ? 0.09 18.06 ? ? ? ? ? ? ? 
? ? ? ? ? ? 
'NEUTRON DIFFRACTION' 4NY6 2 ? 4897  ? ? .    ? ? ? 26.772 1.850 89.94 0.1782 ? 0.1757 0.2245 ? ? 5.02 246  ? ? ?     ?     ? ? ? 
? ? ? ? ? ? 'FLAT BULK SOLVENT MODEL' ? ? 1.11 ? 0.90 ? ? ? ? ? 'Joint X-ray/neutron ML' ? ? ? ? 0.16 18.78 ? ? ? ? ? ? ? ? ? ? ? 
? ? 
# 
_refine_hist.pdbx_refine_id                   'X-RAY DIFFRACTION' 
_refine_hist.cycle_id                         LAST 
_refine_hist.pdbx_number_atoms_protein        479 
_refine_hist.pdbx_number_atoms_nucleic_acid   0 
_refine_hist.pdbx_number_atoms_ligand         0 
_refine_hist.number_atoms_solvent             42 
_refine_hist.number_atoms_total               521 
_refine_hist.d_res_high                       1.050 
_refine_hist.d_res_low                        18.965 
# 
loop_
_refine_ls_restr.type 
_refine_ls_restr.dev_ideal 
_refine_ls_restr.dev_ideal_target 
_refine_ls_restr.weight 
_refine_ls_restr.number 
_refine_ls_restr.pdbx_refine_id 
_refine_ls_restr.pdbx_restraint_function 
f_bond_d           0.013  ? ? 1232 'NEUTRON DIFFRACTION' ? 
f_angle_d          1.302  ? ? 2179 'NEUTRON DIFFRACTION' ? 
f_dihedral_angle_d 15.259 ? ? 323  'NEUTRON DIFFRACTION' ? 
f_chiral_restr     0.080  ? ? 103  'NEUTRON DIFFRACTION' ? 
f_plane_restr      0.006  ? ? 189  'NEUTRON DIFFRACTION' ? 
# 
loop_
_refine_ls_shell.pdbx_refine_id 
_refine_ls_shell.pdbx_total_number_of_bins_used 
_refine_ls_shell.d_res_high 
_refine_ls_shell.d_res_low 
_refine_ls_shell.number_reflns_R_work 
_refine_ls_shell.R_factor_R_work 
_refine_ls_shell.percent_reflns_obs 
_refine_ls_shell.R_factor_R_free 
_refine_ls_shell.R_factor_R_free_error 
_refine_ls_shell.percent_reflns_R_free 
_refine_ls_shell.number_reflns_R_free 
_refine_ls_shell.number_reflns_all 
_refine_ls_shell.R_factor_all 
_refine_ls_shell.redundancy_reflns_obs 
_refine_ls_shell.number_reflns_obs 
'X-RAY DIFFRACTION'   . 1.0500 1.0875  2676 0.2328 100.00 0.2745 . . 141 . . . . 
'X-RAY DIFFRACTION'   . 1.0875 1.1311  2654 0.1691 100.00 0.1703 . . 139 . . . . 
'X-RAY DIFFRACTION'   . 1.1311 1.1825  2659 0.1508 100.00 0.1547 . . 141 . . . . 
'X-RAY DIFFRACTION'   . 1.1825 1.2449  2677 0.1619 100.00 0.1898 . . 140 . . . . 
'X-RAY DIFFRACTION'   . 1.2449 1.3229  2694 0.1579 100.00 0.1784 . . 143 . . . . 
'X-RAY DIFFRACTION'   . 1.3229 1.4250  2686 0.1502 100.00 0.1582 . . 140 . . . . 
'X-RAY DIFFRACTION'   . 1.4250 1.5683  2709 0.1644 100.00 0.1897 . . 143 . . . . 
'X-RAY DIFFRACTION'   . 1.5683 1.7951  2727 0.1691 100.00 0.1984 . . 143 . . . . 
'X-RAY DIFFRACTION'   . 1.7951 2.2610  2743 0.1646 100.00 0.1663 . . 145 . . . . 
'X-RAY DIFFRACTION'   . 2.2610 18.9684 2860 0.1771 99.00  0.2011 . . 151 . . . . 
'NEUTRON DIFFRACTION' . 1.8502 2.3309  2186 0.1669 87.00  0.2142 . . 115 . . . . 
'NEUTRON DIFFRACTION' . 2.3309 26.7751 2465 0.1812 93.00  0.2315 . . 131 . . . . 
# 
_struct.entry_id                  4NY6 
_struct.title                     'Neutron structure of leucine and valine methyl protonated type III antifreeze' 
_struct.pdbx_model_details        ? 
_struct.pdbx_CASP_flag            ? 
_struct.pdbx_model_type_details   ? 
# 
_struct_keywords.entry_id        4NY6 
_struct_keywords.pdbx_keywords   'ANTIFREEZE PROTEIN' 
_struct_keywords.text            'Antifreeze Protein' 
# 
loop_
_struct_asym.id 
_struct_asym.pdbx_blank_PDB_chainid_flag 
_struct_asym.pdbx_modified 
_struct_asym.entity_id 
_struct_asym.details 
A N N 1 ? 
B N N 2 ? 
# 
_struct_ref.id                         1 
_struct_ref.db_name                    UNP 
_struct_ref.db_code                    ANP12_ZOAAM 
_struct_ref.pdbx_db_accession          P19614 
_struct_ref.entity_id                  1 
_struct_ref.pdbx_seq_one_letter_code   NQASVVANQLIPINTALTLVMMRSEVVTPVGIPAEDIPRLVSMQVNRAVPLGTTLMPDMVKGY 
_struct_ref.pdbx_align_begin           1 
_struct_ref.pdbx_db_isoform            ? 
# 
_struct_ref_seq.align_id                      1 
_struct_ref_seq.ref_id                        1 
_struct_ref_seq.pdbx_PDB_id_code              4NY6 
_struct_ref_seq.pdbx_strand_id                A 
_struct_ref_seq.seq_align_beg                 1 
_struct_ref_seq.pdbx_seq_align_beg_ins_code   ? 
_struct_ref_seq.seq_align_end                 63 
_struct_ref_seq.pdbx_seq_align_end_ins_code   ? 
_struct_ref_seq.pdbx_db_accession             P19614 
_struct_ref_seq.db_align_beg                  1 
_struct_ref_seq.pdbx_db_align_beg_ins_code    ? 
_struct_ref_seq.db_align_end                  63 
_struct_ref_seq.pdbx_db_align_end_ins_code    ? 
_struct_ref_seq.pdbx_auth_seq_align_beg       1 
_struct_ref_seq.pdbx_auth_seq_align_end       63 
# 
loop_
_struct_ref_seq_dif.align_id 
_struct_ref_seq_dif.pdbx_pdb_id_code 
_struct_ref_seq_dif.mon_id 
_struct_ref_seq_dif.pdbx_pdb_strand_id 
_struct_ref_seq_dif.seq_num 
_struct_ref_seq_dif.pdbx_pdb_ins_code 
_struct_ref_seq_dif.pdbx_seq_db_name 
_struct_ref_seq_dif.pdbx_seq_db_accession_code 
_struct_ref_seq_dif.db_mon_id 
_struct_ref_seq_dif.pdbx_seq_db_seq_num 
_struct_ref_seq_dif.details 
_struct_ref_seq_dif.pdbx_auth_seq_num 
_struct_ref_seq_dif.pdbx_ordinal 
1 4NY6 ASP A 35 ? UNP P19614 GLU 35 conflict         35 1 
1 4NY6 ALA A 64 ? UNP P19614 ?   ?  'expression tag' 64 2 
1 4NY6 ALA A 65 ? UNP P19614 ?   ?  'expression tag' 65 3 
# 
_pdbx_struct_assembly.id                   1 
_pdbx_struct_assembly.details              author_and_software_defined_assembly 
_pdbx_struct_assembly.method_details       PISA 
_pdbx_struct_assembly.oligomeric_details   monomeric 
_pdbx_struct_assembly.oligomeric_count     1 
# 
_pdbx_struct_assembly_gen.assembly_id       1 
_pdbx_struct_assembly_gen.oper_expression   1 
_pdbx_struct_assembly_gen.asym_id_list      A,B 
# 
_pdbx_struct_oper_list.id                   1 
_pdbx_struct_oper_list.type                 'identity operation' 
_pdbx_struct_oper_list.name                 1_555 
_pdbx_struct_oper_list.symmetry_operation   x,y,z 
_pdbx_struct_oper_list.matrix[1][1]         1.0000000000 
_pdbx_struct_oper_list.matrix[1][2]         0.0000000000 
_pdbx_struct_oper_list.matrix[1][3]         0.0000000000 
_pdbx_struct_oper_list.vector[1]            0.0000000000 
_pdbx_struct_oper_list.matrix[2][1]         0.0000000000 
_pdbx_struct_oper_list.matrix[2][2]         1.0000000000 
_pdbx_struct_oper_list.matrix[2][3]         0.0000000000 
_pdbx_struct_oper_list.vector[2]            0.0000000000 
_pdbx_struct_oper_list.matrix[3][1]         0.0000000000 
_pdbx_struct_oper_list.matrix[3][2]         0.0000000000 
_pdbx_struct_oper_list.matrix[3][3]         1.0000000000 
_pdbx_struct_oper_list.vector[3]            0.0000000000 
# 
loop_
_struct_conf.conf_type_id 
_struct_conf.id 
_struct_conf.pdbx_PDB_helix_id 
_struct_conf.beg_label_comp_id 
_struct_conf.beg_label_asym_id 
_struct_conf.beg_label_seq_id 
_struct_conf.pdbx_beg_PDB_ins_code 
_struct_conf.end_label_comp_id 
_struct_conf.end_label_asym_id 
_struct_conf.end_label_seq_id 
_struct_conf.pdbx_end_PDB_ins_code 
_struct_conf.beg_auth_comp_id 
_struct_conf.beg_auth_asym_id 
_struct_conf.beg_auth_seq_id 
_struct_conf.end_auth_comp_id 
_struct_conf.end_auth_asym_id 
_struct_conf.end_auth_seq_id 
_struct_conf.pdbx_PDB_helix_class 
_struct_conf.details 
_struct_conf.pdbx_PDB_helix_length 
HELX_P HELX_P1 1 THR A 18 ? VAL A 20 ? THR A 18 VAL A 20 5 ? 3 
HELX_P HELX_P2 2 PRO A 33 ? ASP A 35 ? PRO A 33 ASP A 35 5 ? 3 
HELX_P HELX_P3 3 ASP A 36 ? VAL A 41 ? ASP A 36 VAL A 41 1 ? 6 
HELX_P HELX_P4 4 MET A 56 ? VAL A 60 ? MET A 56 VAL A 60 5 ? 5 
# 
_struct_conf_type.id          HELX_P 
_struct_conf_type.criteria    ? 
_struct_conf_type.reference   ? 
# 
loop_
_struct_mon_prot_cis.pdbx_id 
_struct_mon_prot_cis.label_comp_id 
_struct_mon_prot_cis.label_seq_id 
_struct_mon_prot_cis.label_asym_id 
_struct_mon_prot_cis.label_alt_id 
_struct_mon_prot_cis.pdbx_PDB_ins_code 
_struct_mon_prot_cis.auth_comp_id 
_struct_mon_prot_cis.auth_seq_id 
_struct_mon_prot_cis.auth_asym_id 
_struct_mon_prot_cis.pdbx_label_comp_id_2 
_struct_mon_prot_cis.pdbx_label_seq_id_2 
_struct_mon_prot_cis.pdbx_label_asym_id_2 
_struct_mon_prot_cis.pdbx_PDB_ins_code_2 
_struct_mon_prot_cis.pdbx_auth_comp_id_2 
_struct_mon_prot_cis.pdbx_auth_seq_id_2 
_struct_mon_prot_cis.pdbx_auth_asym_id_2 
_struct_mon_prot_cis.pdbx_PDB_model_num 
_struct_mon_prot_cis.pdbx_omega_angle 
1 THR 28 A . ? THR 28 A PRO 29 A ? PRO 29 A 1 -0.11 
2 THR 28 A . ? THR 28 A PRO 29 A ? PRO 29 A 1 0.17  
3 THR 28 A . ? THR 28 A PRO 29 A ? PRO 29 A 1 -1.23 
# 
_struct_sheet.id               A 
_struct_sheet.type             ? 
_struct_sheet.number_strands   2 
_struct_sheet.details          ? 
# 
_struct_sheet_order.sheet_id     A 
_struct_sheet_order.range_id_1   1 
_struct_sheet_order.range_id_2   2 
_struct_sheet_order.offset       ? 
_struct_sheet_order.sense        anti-parallel 
# 
loop_
_struct_sheet_range.sheet_id 
_struct_sheet_range.id 
_struct_sheet_range.beg_label_comp_id 
_struct_sheet_range.beg_label_asym_id 
_struct_sheet_range.beg_label_seq_id 
_struct_sheet_range.pdbx_beg_PDB_ins_code 
_struct_sheet_range.end_label_comp_id 
_struct_sheet_range.end_label_asym_id 
_struct_sheet_range.end_label_seq_id 
_struct_sheet_range.pdbx_end_PDB_ins_code 
_struct_sheet_range.beg_auth_comp_id 
_struct_sheet_range.beg_auth_asym_id 
_struct_sheet_range.beg_auth_seq_id 
_struct_sheet_range.end_auth_comp_id 
_struct_sheet_range.end_auth_asym_id 
_struct_sheet_range.end_auth_seq_id 
A 1 SER A 4  ? ALA A 7  ? SER A 4  ALA A 7  
A 2 MET A 22 ? GLU A 25 ? MET A 22 GLU A 25 
# 
_pdbx_struct_sheet_hbond.sheet_id                A 
_pdbx_struct_sheet_hbond.range_id_1              1 
_pdbx_struct_sheet_hbond.range_id_2              2 
_pdbx_struct_sheet_hbond.range_1_label_atom_id   N 
_pdbx_struct_sheet_hbond.range_1_label_comp_id   SER 
_pdbx_struct_sheet_hbond.range_1_label_asym_id   A 
_pdbx_struct_sheet_hbond.range_1_label_seq_id    4 
_pdbx_struct_sheet_hbond.range_1_PDB_ins_code    ? 
_pdbx_struct_sheet_hbond.range_1_auth_atom_id    N 
_pdbx_struct_sheet_hbond.range_1_auth_comp_id    SER 
_pdbx_struct_sheet_hbond.range_1_auth_asym_id    A 
_pdbx_struct_sheet_hbond.range_1_auth_seq_id     4 
_pdbx_struct_sheet_hbond.range_2_label_atom_id   O 
_pdbx_struct_sheet_hbond.range_2_label_comp_id   GLU 
_pdbx_struct_sheet_hbond.range_2_label_asym_id   A 
_pdbx_struct_sheet_hbond.range_2_label_seq_id    25 
_pdbx_struct_sheet_hbond.range_2_PDB_ins_code    ? 
_pdbx_struct_sheet_hbond.range_2_auth_atom_id    O 
_pdbx_struct_sheet_hbond.range_2_auth_comp_id    GLU 
_pdbx_struct_sheet_hbond.range_2_auth_asym_id    A 
_pdbx_struct_sheet_hbond.range_2_auth_seq_id     25 
# 
loop_
_pdbx_validate_close_contact.id 
_pdbx_validate_close_contact.PDB_model_num 
_pdbx_validate_close_contact.auth_atom_id_1 
_pdbx_validate_close_contact.auth_asym_id_1 
_pdbx_validate_close_contact.auth_comp_id_1 
_pdbx_validate_close_contact.auth_seq_id_1 
_pdbx_validate_close_contact.PDB_ins_code_1 
_pdbx_validate_close_contact.label_alt_id_1 
_pdbx_validate_close_contact.auth_atom_id_2 
_pdbx_validate_close_contact.auth_asym_id_2 
_pdbx_validate_close_contact.auth_comp_id_2 
_pdbx_validate_close_contact.auth_seq_id_2 
_pdbx_validate_close_contact.PDB_ins_code_2 
_pdbx_validate_close_contact.label_alt_id_2 
_pdbx_validate_close_contact.dist 
1 1 D2 A DOD 118 ? ? O A DOD 121 ? ? 1.32 
2 1 D2 A DOD 135 ? ? O A DOD 140 ? ? 1.38 
3 1 O  A DOD 118 ? ? O A DOD 121 ? ? 2.17 
4 1 O  A DOD 104 ? ? O A DOD 119 ? ? 2.18 
# 
loop_
_pdbx_validate_symm_contact.id 
_pdbx_validate_symm_contact.PDB_model_num 
_pdbx_validate_symm_contact.auth_atom_id_1 
_pdbx_validate_symm_contact.auth_asym_id_1 
_pdbx_validate_symm_contact.auth_comp_id_1 
_pdbx_validate_symm_contact.auth_seq_id_1 
_pdbx_validate_symm_contact.PDB_ins_code_1 
_pdbx_validate_symm_contact.label_alt_id_1 
_pdbx_validate_symm_contact.site_symmetry_1 
_pdbx_validate_symm_contact.auth_atom_id_2 
_pdbx_validate_symm_contact.auth_asym_id_2 
_pdbx_validate_symm_contact.auth_comp_id_2 
_pdbx_validate_symm_contact.auth_seq_id_2 
_pdbx_validate_symm_contact.PDB_ins_code_2 
_pdbx_validate_symm_contact.label_alt_id_2 
_pdbx_validate_symm_contact.site_symmetry_2 
_pdbx_validate_symm_contact.dist 
1 1 O A DOD 138 ? ? 1_555 D1 A DOD 141 ? ? 2_564 1.18 
2 1 O A DOD 138 ? ? 1_555 O  A DOD 141 ? ? 2_564 2.00 
# 
loop_
_pdbx_validate_torsion.id 
_pdbx_validate_torsion.PDB_model_num 
_pdbx_validate_torsion.auth_comp_id 
_pdbx_validate_torsion.auth_asym_id 
_pdbx_validate_torsion.auth_seq_id 
_pdbx_validate_torsion.PDB_ins_code 
_pdbx_validate_torsion.label_alt_id 
_pdbx_validate_torsion.phi 
_pdbx_validate_torsion.psi 
1 1 SER A 42 ? ? 80.46 -2.09 
2 1 SER A 42 ? ? 80.46 -6.06 
# 
loop_
_chem_comp_atom.comp_id 
_chem_comp_atom.atom_id 
_chem_comp_atom.type_symbol 
_chem_comp_atom.pdbx_aromatic_flag 
_chem_comp_atom.pdbx_stereo_config 
_chem_comp_atom.pdbx_ordinal 
ALA N    N N N 1   
ALA CA   C N S 2   
ALA C    C N N 3   
ALA O    O N N 4   
ALA CB   C N N 5   
ALA OXT  O N N 6   
ALA H    H N N 7   
ALA H2   H N N 8   
ALA HA   H N N 9   
ALA HB1  H N N 10  
ALA HB2  H N N 11  
ALA HB3  H N N 12  
ALA HXT  H N N 13  
ARG N    N N N 14  
ARG CA   C N S 15  
ARG C    C N N 16  
ARG O    O N N 17  
ARG CB   C N N 18  
ARG CG   C N N 19  
ARG CD   C N N 20  
ARG NE   N N N 21  
ARG CZ   C N N 22  
ARG NH1  N N N 23  
ARG NH2  N N N 24  
ARG OXT  O N N 25  
ARG H    H N N 26  
ARG H2   H N N 27  
ARG HA   H N N 28  
ARG HB2  H N N 29  
ARG HB3  H N N 30  
ARG HG2  H N N 31  
ARG HG3  H N N 32  
ARG HD2  H N N 33  
ARG HD3  H N N 34  
ARG HE   H N N 35  
ARG HH11 H N N 36  
ARG HH12 H N N 37  
ARG HH21 H N N 38  
ARG HH22 H N N 39  
ARG HXT  H N N 40  
ASN N    N N N 41  
ASN CA   C N S 42  
ASN C    C N N 43  
ASN O    O N N 44  
ASN CB   C N N 45  
ASN CG   C N N 46  
ASN OD1  O N N 47  
ASN ND2  N N N 48  
ASN OXT  O N N 49  
ASN H    H N N 50  
ASN H2   H N N 51  
ASN HA   H N N 52  
ASN HB2  H N N 53  
ASN HB3  H N N 54  
ASN HD21 H N N 55  
ASN HD22 H N N 56  
ASN HXT  H N N 57  
ASP N    N N N 58  
ASP CA   C N S 59  
ASP C    C N N 60  
ASP O    O N N 61  
ASP CB   C N N 62  
ASP CG   C N N 63  
ASP OD1  O N N 64  
ASP OD2  O N N 65  
ASP OXT  O N N 66  
ASP H    H N N 67  
ASP H2   H N N 68  
ASP HA   H N N 69  
ASP HB2  H N N 70  
ASP HB3  H N N 71  
ASP HD2  H N N 72  
ASP HXT  H N N 73  
DOD O    O N N 74  
DOD D1   D N N 75  
DOD D2   D N N 76  
GLN N    N N N 77  
GLN CA   C N S 78  
GLN C    C N N 79  
GLN O    O N N 80  
GLN CB   C N N 81  
GLN CG   C N N 82  
GLN CD   C N N 83  
GLN OE1  O N N 84  
GLN NE2  N N N 85  
GLN OXT  O N N 86  
GLN H    H N N 87  
GLN H2   H N N 88  
GLN HA   H N N 89  
GLN HB2  H N N 90  
GLN HB3  H N N 91  
GLN HG2  H N N 92  
GLN HG3  H N N 93  
GLN HE21 H N N 94  
GLN HE22 H N N 95  
GLN HXT  H N N 96  
GLU N    N N N 97  
GLU CA   C N S 98  
GLU C    C N N 99  
GLU O    O N N 100 
GLU CB   C N N 101 
GLU CG   C N N 102 
GLU CD   C N N 103 
GLU OE1  O N N 104 
GLU OE2  O N N 105 
GLU OXT  O N N 106 
GLU H    H N N 107 
GLU H2   H N N 108 
GLU HA   H N N 109 
GLU HB2  H N N 110 
GLU HB3  H N N 111 
GLU HG2  H N N 112 
GLU HG3  H N N 113 
GLU HE2  H N N 114 
GLU HXT  H N N 115 
GLY N    N N N 116 
GLY CA   C N N 117 
GLY C    C N N 118 
GLY O    O N N 119 
GLY OXT  O N N 120 
GLY H    H N N 121 
GLY H2   H N N 122 
GLY HA2  H N N 123 
GLY HA3  H N N 124 
GLY HXT  H N N 125 
ILE N    N N N 126 
ILE CA   C N S 127 
ILE C    C N N 128 
ILE O    O N N 129 
ILE CB   C N S 130 
ILE CG1  C N N 131 
ILE CG2  C N N 132 
ILE CD1  C N N 133 
ILE OXT  O N N 134 
ILE H    H N N 135 
ILE H2   H N N 136 
ILE HA   H N N 137 
ILE HB   H N N 138 
ILE HG12 H N N 139 
ILE HG13 H N N 140 
ILE HG21 H N N 141 
ILE HG22 H N N 142 
ILE HG23 H N N 143 
ILE HD11 H N N 144 
ILE HD12 H N N 145 
ILE HD13 H N N 146 
ILE HXT  H N N 147 
LEU N    N N N 148 
LEU CA   C N S 149 
LEU C    C N N 150 
LEU O    O N N 151 
LEU CB   C N N 152 
LEU CG   C N N 153 
LEU CD1  C N N 154 
LEU CD2  C N N 155 
LEU OXT  O N N 156 
LEU H    H N N 157 
LEU H2   H N N 158 
LEU HA   H N N 159 
LEU HB2  H N N 160 
LEU HB3  H N N 161 
LEU HG   H N N 162 
LEU HD11 H N N 163 
LEU HD12 H N N 164 
LEU HD13 H N N 165 
LEU HD21 H N N 166 
LEU HD22 H N N 167 
LEU HD23 H N N 168 
LEU HXT  H N N 169 
LYS N    N N N 170 
LYS CA   C N S 171 
LYS C    C N N 172 
LYS O    O N N 173 
LYS CB   C N N 174 
LYS CG   C N N 175 
LYS CD   C N N 176 
LYS CE   C N N 177 
LYS NZ   N N N 178 
LYS OXT  O N N 179 
LYS H    H N N 180 
LYS H2   H N N 181 
LYS HA   H N N 182 
LYS HB2  H N N 183 
LYS HB3  H N N 184 
LYS HG2  H N N 185 
LYS HG3  H N N 186 
LYS HD2  H N N 187 
LYS HD3  H N N 188 
LYS HE2  H N N 189 
LYS HE3  H N N 190 
LYS HZ1  H N N 191 
LYS HZ2  H N N 192 
LYS HZ3  H N N 193 
LYS HXT  H N N 194 
MET N    N N N 195 
MET CA   C N S 196 
MET C    C N N 197 
MET O    O N N 198 
MET CB   C N N 199 
MET CG   C N N 200 
MET SD   S N N 201 
MET CE   C N N 202 
MET OXT  O N N 203 
MET H    H N N 204 
MET H2   H N N 205 
MET HA   H N N 206 
MET HB2  H N N 207 
MET HB3  H N N 208 
MET HG2  H N N 209 
MET HG3  H N N 210 
MET HE1  H N N 211 
MET HE2  H N N 212 
MET HE3  H N N 213 
MET HXT  H N N 214 
PRO N    N N N 215 
PRO CA   C N S 216 
PRO C    C N N 217 
PRO O    O N N 218 
PRO CB   C N N 219 
PRO CG   C N N 220 
PRO CD   C N N 221 
PRO OXT  O N N 222 
PRO H    H N N 223 
PRO HA   H N N 224 
PRO HB2  H N N 225 
PRO HB3  H N N 226 
PRO HG2  H N N 227 
PRO HG3  H N N 228 
PRO HD2  H N N 229 
PRO HD3  H N N 230 
PRO HXT  H N N 231 
SER N    N N N 232 
SER CA   C N S 233 
SER C    C N N 234 
SER O    O N N 235 
SER CB   C N N 236 
SER OG   O N N 237 
SER OXT  O N N 238 
SER H    H N N 239 
SER H2   H N N 240 
SER HA   H N N 241 
SER HB2  H N N 242 
SER HB3  H N N 243 
SER HG   H N N 244 
SER HXT  H N N 245 
THR N    N N N 246 
THR CA   C N S 247 
THR C    C N N 248 
THR O    O N N 249 
THR CB   C N R 250 
THR OG1  O N N 251 
THR CG2  C N N 252 
THR OXT  O N N 253 
THR H    H N N 254 
THR H2   H N N 255 
THR HA   H N N 256 
THR HB   H N N 257 
THR HG1  H N N 258 
THR HG21 H N N 259 
THR HG22 H N N 260 
THR HG23 H N N 261 
THR HXT  H N N 262 
TYR N    N N N 263 
TYR CA   C N S 264 
TYR C    C N N 265 
TYR O    O N N 266 
TYR CB   C N N 267 
TYR CG   C Y N 268 
TYR CD1  C Y N 269 
TYR CD2  C Y N 270 
TYR CE1  C Y N 271 
TYR CE2  C Y N 272 
TYR CZ   C Y N 273 
TYR OH   O N N 274 
TYR OXT  O N N 275 
TYR H    H N N 276 
TYR H2   H N N 277 
TYR HA   H N N 278 
TYR HB2  H N N 279 
TYR HB3  H N N 280 
TYR HD1  H N N 281 
TYR HD2  H N N 282 
TYR HE1  H N N 283 
TYR HE2  H N N 284 
TYR HH   H N N 285 
TYR HXT  H N N 286 
VAL N    N N N 287 
VAL CA   C N S 288 
VAL C    C N N 289 
VAL O    O N N 290 
VAL CB   C N N 291 
VAL CG1  C N N 292 
VAL CG2  C N N 293 
VAL OXT  O N N 294 
VAL H    H N N 295 
VAL H2   H N N 296 
VAL HA   H N N 297 
VAL HB   H N N 298 
VAL HG11 H N N 299 
VAL HG12 H N N 300 
VAL HG13 H N N 301 
VAL HG21 H N N 302 
VAL HG22 H N N 303 
VAL HG23 H N N 304 
VAL HXT  H N N 305 
# 
loop_
_chem_comp_bond.comp_id 
_chem_comp_bond.atom_id_1 
_chem_comp_bond.atom_id_2 
_chem_comp_bond.value_order 
_chem_comp_bond.pdbx_aromatic_flag 
_chem_comp_bond.pdbx_stereo_config 
_chem_comp_bond.pdbx_ordinal 
ALA N   CA   sing N N 1   
ALA N   H    sing N N 2   
ALA N   H2   sing N N 3   
ALA CA  C    sing N N 4   
ALA CA  CB   sing N N 5   
ALA CA  HA   sing N N 6   
ALA C   O    doub N N 7   
ALA C   OXT  sing N N 8   
ALA CB  HB1  sing N N 9   
ALA CB  HB2  sing N N 10  
ALA CB  HB3  sing N N 11  
ALA OXT HXT  sing N N 12  
ARG N   CA   sing N N 13  
ARG N   H    sing N N 14  
ARG N   H2   sing N N 15  
ARG CA  C    sing N N 16  
ARG CA  CB   sing N N 17  
ARG CA  HA   sing N N 18  
ARG C   O    doub N N 19  
ARG C   OXT  sing N N 20  
ARG CB  CG   sing N N 21  
ARG CB  HB2  sing N N 22  
ARG CB  HB3  sing N N 23  
ARG CG  CD   sing N N 24  
ARG CG  HG2  sing N N 25  
ARG CG  HG3  sing N N 26  
ARG CD  NE   sing N N 27  
ARG CD  HD2  sing N N 28  
ARG CD  HD3  sing N N 29  
ARG NE  CZ   sing N N 30  
ARG NE  HE   sing N N 31  
ARG CZ  NH1  sing N N 32  
ARG CZ  NH2  doub N N 33  
ARG NH1 HH11 sing N N 34  
ARG NH1 HH12 sing N N 35  
ARG NH2 HH21 sing N N 36  
ARG NH2 HH22 sing N N 37  
ARG OXT HXT  sing N N 38  
ASN N   CA   sing N N 39  
ASN N   H    sing N N 40  
ASN N   H2   sing N N 41  
ASN CA  C    sing N N 42  
ASN CA  CB   sing N N 43  
ASN CA  HA   sing N N 44  
ASN C   O    doub N N 45  
ASN C   OXT  sing N N 46  
ASN CB  CG   sing N N 47  
ASN CB  HB2  sing N N 48  
ASN CB  HB3  sing N N 49  
ASN CG  OD1  doub N N 50  
ASN CG  ND2  sing N N 51  
ASN ND2 HD21 sing N N 52  
ASN ND2 HD22 sing N N 53  
ASN OXT HXT  sing N N 54  
ASP N   CA   sing N N 55  
ASP N   H    sing N N 56  
ASP N   H2   sing N N 57  
ASP CA  C    sing N N 58  
ASP CA  CB   sing N N 59  
ASP CA  HA   sing N N 60  
ASP C   O    doub N N 61  
ASP C   OXT  sing N N 62  
ASP CB  CG   sing N N 63  
ASP CB  HB2  sing N N 64  
ASP CB  HB3  sing N N 65  
ASP CG  OD1  doub N N 66  
ASP CG  OD2  sing N N 67  
ASP OD2 HD2  sing N N 68  
ASP OXT HXT  sing N N 69  
DOD O   D1   sing N N 70  
DOD O   D2   sing N N 71  
GLN N   CA   sing N N 72  
GLN N   H    sing N N 73  
GLN N   H2   sing N N 74  
GLN CA  C    sing N N 75  
GLN CA  CB   sing N N 76  
GLN CA  HA   sing N N 77  
GLN C   O    doub N N 78  
GLN C   OXT  sing N N 79  
GLN CB  CG   sing N N 80  
GLN CB  HB2  sing N N 81  
GLN CB  HB3  sing N N 82  
GLN CG  CD   sing N N 83  
GLN CG  HG2  sing N N 84  
GLN CG  HG3  sing N N 85  
GLN CD  OE1  doub N N 86  
GLN CD  NE2  sing N N 87  
GLN NE2 HE21 sing N N 88  
GLN NE2 HE22 sing N N 89  
GLN OXT HXT  sing N N 90  
GLU N   CA   sing N N 91  
GLU N   H    sing N N 92  
GLU N   H2   sing N N 93  
GLU CA  C    sing N N 94  
GLU CA  CB   sing N N 95  
GLU CA  HA   sing N N 96  
GLU C   O    doub N N 97  
GLU C   OXT  sing N N 98  
GLU CB  CG   sing N N 99  
GLU CB  HB2  sing N N 100 
GLU CB  HB3  sing N N 101 
GLU CG  CD   sing N N 102 
GLU CG  HG2  sing N N 103 
GLU CG  HG3  sing N N 104 
GLU CD  OE1  doub N N 105 
GLU CD  OE2  sing N N 106 
GLU OE2 HE2  sing N N 107 
GLU OXT HXT  sing N N 108 
GLY N   CA   sing N N 109 
GLY N   H    sing N N 110 
GLY N   H2   sing N N 111 
GLY CA  C    sing N N 112 
GLY CA  HA2  sing N N 113 
GLY CA  HA3  sing N N 114 
GLY C   O    doub N N 115 
GLY C   OXT  sing N N 116 
GLY OXT HXT  sing N N 117 
ILE N   CA   sing N N 118 
ILE N   H    sing N N 119 
ILE N   H2   sing N N 120 
ILE CA  C    sing N N 121 
ILE CA  CB   sing N N 122 
ILE CA  HA   sing N N 123 
ILE C   O    doub N N 124 
ILE C   OXT  sing N N 125 
ILE CB  CG1  sing N N 126 
ILE CB  CG2  sing N N 127 
ILE CB  HB   sing N N 128 
ILE CG1 CD1  sing N N 129 
ILE CG1 HG12 sing N N 130 
ILE CG1 HG13 sing N N 131 
ILE CG2 HG21 sing N N 132 
ILE CG2 HG22 sing N N 133 
ILE CG2 HG23 sing N N 134 
ILE CD1 HD11 sing N N 135 
ILE CD1 HD12 sing N N 136 
ILE CD1 HD13 sing N N 137 
ILE OXT HXT  sing N N 138 
LEU N   CA   sing N N 139 
LEU N   H    sing N N 140 
LEU N   H2   sing N N 141 
LEU CA  C    sing N N 142 
LEU CA  CB   sing N N 143 
LEU CA  HA   sing N N 144 
LEU C   O    doub N N 145 
LEU C   OXT  sing N N 146 
LEU CB  CG   sing N N 147 
LEU CB  HB2  sing N N 148 
LEU CB  HB3  sing N N 149 
LEU CG  CD1  sing N N 150 
LEU CG  CD2  sing N N 151 
LEU CG  HG   sing N N 152 
LEU CD1 HD11 sing N N 153 
LEU CD1 HD12 sing N N 154 
LEU CD1 HD13 sing N N 155 
LEU CD2 HD21 sing N N 156 
LEU CD2 HD22 sing N N 157 
LEU CD2 HD23 sing N N 158 
LEU OXT HXT  sing N N 159 
LYS N   CA   sing N N 160 
LYS N   H    sing N N 161 
LYS N   H2   sing N N 162 
LYS CA  C    sing N N 163 
LYS CA  CB   sing N N 164 
LYS CA  HA   sing N N 165 
LYS C   O    doub N N 166 
LYS C   OXT  sing N N 167 
LYS CB  CG   sing N N 168 
LYS CB  HB2  sing N N 169 
LYS CB  HB3  sing N N 170 
LYS CG  CD   sing N N 171 
LYS CG  HG2  sing N N 172 
LYS CG  HG3  sing N N 173 
LYS CD  CE   sing N N 174 
LYS CD  HD2  sing N N 175 
LYS CD  HD3  sing N N 176 
LYS CE  NZ   sing N N 177 
LYS CE  HE2  sing N N 178 
LYS CE  HE3  sing N N 179 
LYS NZ  HZ1  sing N N 180 
LYS NZ  HZ2  sing N N 181 
LYS NZ  HZ3  sing N N 182 
LYS OXT HXT  sing N N 183 
MET N   CA   sing N N 184 
MET N   H    sing N N 185 
MET N   H2   sing N N 186 
MET CA  C    sing N N 187 
MET CA  CB   sing N N 188 
MET CA  HA   sing N N 189 
MET C   O    doub N N 190 
MET C   OXT  sing N N 191 
MET CB  CG   sing N N 192 
MET CB  HB2  sing N N 193 
MET CB  HB3  sing N N 194 
MET CG  SD   sing N N 195 
MET CG  HG2  sing N N 196 
MET CG  HG3  sing N N 197 
MET SD  CE   sing N N 198 
MET CE  HE1  sing N N 199 
MET CE  HE2  sing N N 200 
MET CE  HE3  sing N N 201 
MET OXT HXT  sing N N 202 
PRO N   CA   sing N N 203 
PRO N   CD   sing N N 204 
PRO N   H    sing N N 205 
PRO CA  C    sing N N 206 
PRO CA  CB   sing N N 207 
PRO CA  HA   sing N N 208 
PRO C   O    doub N N 209 
PRO C   OXT  sing N N 210 
PRO CB  CG   sing N N 211 
PRO CB  HB2  sing N N 212 
PRO CB  HB3  sing N N 213 
PRO CG  CD   sing N N 214 
PRO CG  HG2  sing N N 215 
PRO CG  HG3  sing N N 216 
PRO CD  HD2  sing N N 217 
PRO CD  HD3  sing N N 218 
PRO OXT HXT  sing N N 219 
SER N   CA   sing N N 220 
SER N   H    sing N N 221 
SER N   H2   sing N N 222 
SER CA  C    sing N N 223 
SER CA  CB   sing N N 224 
SER CA  HA   sing N N 225 
SER C   O    doub N N 226 
SER C   OXT  sing N N 227 
SER CB  OG   sing N N 228 
SER CB  HB2  sing N N 229 
SER CB  HB3  sing N N 230 
SER OG  HG   sing N N 231 
SER OXT HXT  sing N N 232 
THR N   CA   sing N N 233 
THR N   H    sing N N 234 
THR N   H2   sing N N 235 
THR CA  C    sing N N 236 
THR CA  CB   sing N N 237 
THR CA  HA   sing N N 238 
THR C   O    doub N N 239 
THR C   OXT  sing N N 240 
THR CB  OG1  sing N N 241 
THR CB  CG2  sing N N 242 
THR CB  HB   sing N N 243 
THR OG1 HG1  sing N N 244 
THR CG2 HG21 sing N N 245 
THR CG2 HG22 sing N N 246 
THR CG2 HG23 sing N N 247 
THR OXT HXT  sing N N 248 
TYR N   CA   sing N N 249 
TYR N   H    sing N N 250 
TYR N   H2   sing N N 251 
TYR CA  C    sing N N 252 
TYR CA  CB   sing N N 253 
TYR CA  HA   sing N N 254 
TYR C   O    doub N N 255 
TYR C   OXT  sing N N 256 
TYR CB  CG   sing N N 257 
TYR CB  HB2  sing N N 258 
TYR CB  HB3  sing N N 259 
TYR CG  CD1  doub Y N 260 
TYR CG  CD2  sing Y N 261 
TYR CD1 CE1  sing Y N 262 
TYR CD1 HD1  sing N N 263 
TYR CD2 CE2  doub Y N 264 
TYR CD2 HD2  sing N N 265 
TYR CE1 CZ   doub Y N 266 
TYR CE1 HE1  sing N N 267 
TYR CE2 CZ   sing Y N 268 
TYR CE2 HE2  sing N N 269 
TYR CZ  OH   sing N N 270 
TYR OH  HH   sing N N 271 
TYR OXT HXT  sing N N 272 
VAL N   CA   sing N N 273 
VAL N   H    sing N N 274 
VAL N   H2   sing N N 275 
VAL CA  C    sing N N 276 
VAL CA  CB   sing N N 277 
VAL CA  HA   sing N N 278 
VAL C   O    doub N N 279 
VAL C   OXT  sing N N 280 
VAL CB  CG1  sing N N 281 
VAL CB  CG2  sing N N 282 
VAL CB  HB   sing N N 283 
VAL CG1 HG11 sing N N 284 
VAL CG1 HG12 sing N N 285 
VAL CG1 HG13 sing N N 286 
VAL CG2 HG21 sing N N 287 
VAL CG2 HG22 sing N N 288 
VAL CG2 HG23 sing N N 289 
VAL OXT HXT  sing N N 290 
# 
loop_
_refine_funct_minimized.pdbx_refine_id 
_refine_funct_minimized.type 
'NEUTRON DIFFRACTION' 'Joint X-ray/neutron ML' 
'X-RAY DIFFRACTION'   'Joint X-ray/neutron ML' 
# 
_atom_sites.entry_id                    4NY6 
_atom_sites.fract_transf_matrix[1][1]   -0.02528689 
_atom_sites.fract_transf_matrix[1][2]   -0.01568679 
_atom_sites.fract_transf_matrix[1][3]   0.00692702 
_atom_sites.fract_transf_matrix[2][1]   0.01204242 
_atom_sites.fract_transf_matrix[2][2]   -0.01063196 
_atom_sites.fract_transf_matrix[2][3]   0.01988360 
_atom_sites.fract_transf_matrix[3][1]   -0.00655514 
_atom_sites.fract_transf_matrix[3][2]   0.01612806 
_atom_sites.fract_transf_matrix[3][3]   0.01259393 
_atom_sites.fract_transf_vector[1]      0.367515 
_atom_sites.fract_transf_vector[2]      0.308008 
_atom_sites.fract_transf_vector[3]      0.141758 
# 
loop_
_atom_type.symbol 
C 
D 
H 
N 
O 
S 
# 
loop_
_atom_site.group_PDB 
_atom_site.id 
_atom_site.type_symbol 
_atom_site.label_atom_id 
_atom_site.label_alt_id 
_atom_site.label_comp_id 
_atom_site.label_asym_id 
_atom_site.label_entity_id 
_atom_site.label_seq_id 
_atom_site.pdbx_PDB_ins_code 
_atom_site.Cartn_x 
_atom_site.Cartn_y 
_atom_site.Cartn_z 
_atom_site.occupancy 
_atom_site.B_iso_or_equiv 
_atom_site.pdbx_formal_charge 
_atom_site.auth_seq_id 
_atom_site.auth_comp_id 
_atom_site.auth_asym_id 
_atom_site.auth_atom_id 
_atom_site.pdbx_PDB_model_num 
ATOM   1    N N    . ASN A 1 1  ? 7.039   -15.383 3.851   1.00 37.77 ? 1   ASN A N    1 
ATOM   2    C CA   . ASN A 1 1  ? 7.977   -14.703 4.720   1.00 38.86 ? 1   ASN A CA   1 
ATOM   3    C C    . ASN A 1 1  ? 7.668   -13.205 4.917   1.00 32.58 ? 1   ASN A C    1 
ATOM   4    O O    . ASN A 1 1  ? 7.211   -12.759 5.967   1.00 31.47 ? 1   ASN A O    1 
ATOM   5    C CB   . ASN A 1 1  ? 9.381   -14.837 4.126   1.00 43.15 ? 1   ASN A CB   1 
ATOM   6    C CG   . ASN A 1 1  ? 9.524   -16.038 3.204   1.00 51.21 ? 1   ASN A CG   1 
ATOM   7    O OD1  . ASN A 1 1  ? 9.436   -15.901 1.985   1.00 51.32 ? 1   ASN A OD1  1 
ATOM   8    N ND2  . ASN A 1 1  ? 9.770   -17.218 3.780   1.00 58.81 ? 1   ASN A ND2  1 
ATOM   9    D DA   . ASN A 1 1  ? 7.955   -15.138 5.597   1.00 44.14 ? 1   ASN A DA   1 
ATOM   10   D DB2  . ASN A 1 1  ? 9.564   -14.058 3.585   1.00 52.26 ? 1   ASN A DB2  1 
ATOM   11   D DB3  . ASN A 1 1  ? 10.034  -14.899 4.837   1.00 30.96 ? 1   ASN A DB3  1 
ATOM   12   D DD21 . ASN A 1 1  ? 9.818   -17.282 4.637   1.00 65.37 ? 1   ASN A DD21 1 
ATOM   13   D DD22 . ASN A 1 1  ? 9.879   -17.917 3.292   1.00 59.22 ? 1   ASN A DD22 1 
ATOM   14   N N    . GLN A 1 2  ? 7.940   -12.437 3.878   1.00 28.00 ? 2   GLN A N    1 
ATOM   15   C CA   . GLN A 1 2  ? 7.947   -10.987 3.955   1.00 20.23 ? 2   GLN A CA   1 
ATOM   16   C C    . GLN A 1 2  ? 6.536   -10.453 3.763   1.00 16.09 ? 2   GLN A C    1 
ATOM   17   O O    . GLN A 1 2  ? 5.796   -10.934 2.902   1.00 18.11 ? 2   GLN A O    1 
ATOM   18   C CB   . GLN A 1 2  ? 8.883   -10.416 2.893   1.00 23.29 ? 2   GLN A CB   1 
ATOM   19   C CG   . GLN A 1 2  ? 10.326  -10.880 3.042   1.00 35.08 ? 2   GLN A CG   1 
ATOM   20   C CD   . GLN A 1 2  ? 10.963  -10.486 4.373   1.00 39.68 ? 2   GLN A CD   1 
ATOM   21   O OE1  . GLN A 1 2  ? 11.293  -9.318  4.591   1.00 40.66 ? 2   GLN A OE1  1 
ATOM   22   N NE2  . GLN A 1 2  ? 11.159  -11.470 5.259   1.00 42.88 ? 2   GLN A NE2  1 
ATOM   23   D D    . GLN A 1 2  ? 8.125   -12.747 3.103   1.00 37.22 ? 2   GLN A D    1 
ATOM   24   D DA   . GLN A 1 2  ? 8.279   -10.703 4.834   1.00 15.83 ? 2   GLN A DA   1 
ATOM   25   D DB2  . GLN A 1 2  ? 8.576   -10.703 2.013   1.00 11.19 ? 2   GLN A DB2  1 
ATOM   26   D DB3  . GLN A 1 2  ? 8.859   -9.437  2.944   1.00 25.57 ? 2   GLN A DB3  1 
ATOM   27   D DG2  . GLN A 1 2  ? 10.346  -11.845 2.965   1.00 36.28 ? 2   GLN A DG2  1 
ATOM   28   D DG3  . GLN A 1 2  ? 10.861  -10.482 2.341   1.00 41.42 ? 2   GLN A DG3  1 
ATOM   29   D DE21 . GLN A 1 2  ? 10.951  -12.281 5.061   1.00 60.00 ? 2   GLN A DE21 1 
ATOM   30   D DE22 . GLN A 1 2  ? 11.493  -11.297 6.034   1.00 28.53 ? 2   GLN A DE22 1 
ATOM   31   N N    . ALA A 1 3  ? 6.165   -9.500  4.598   1.00 16.55 ? 3   ALA A N    1 
ATOM   32   C CA   . ALA A 1 3  ? 4.832   -8.910  4.547   1.00 13.05 ? 3   ALA A CA   1 
ATOM   33   C C    . ALA A 1 3  ? 4.849   -7.642  3.725   1.00 10.89 ? 3   ALA A C    1 
ATOM   34   O O    . ALA A 1 3  ? 5.796   -6.862  3.775   1.00 12.61 ? 3   ALA A O    1 
ATOM   35   C CB   . ALA A 1 3  ? 4.322   -8.605  5.927   1.00 18.98 ? 3   ALA A CB   1 
ATOM   36   D D    . ALA A 1 3  ? 6.679   -9.157  5.193   1.00 32.54 ? 3   ALA A D    1 
ATOM   37   D DA   . ALA A 1 3  ? 4.197   -9.512  4.094   1.00 11.39 ? 3   ALA A DA   1 
ATOM   38   D DB1  . ALA A 1 3  ? 4.921   -7.977  6.346   1.00 14.21 ? 3   ALA A DB1  1 
ATOM   39   D DB2  . ALA A 1 3  ? 3.442   -8.221  5.865   1.00 19.96 ? 3   ALA A DB2  1 
ATOM   40   D DB3  . ALA A 1 3  ? 4.275   -9.422  6.421   1.00 29.79 ? 3   ALA A DB3  1 
ATOM   41   N N    . SER A 1 4  ? 3.752   -7.456  2.996   1.00 9.56  ? 4   SER A N    1 
ATOM   42   C CA   . SER A 1 4  ? 3.546   -6.302  2.170   1.00 7.57  ? 4   SER A CA   1 
ATOM   43   C C    . SER A 1 4  ? 2.337   -5.506  2.619   1.00 7.61  ? 4   SER A C    1 
ATOM   44   O O    . SER A 1 4  ? 1.472   -6.008  3.324   1.00 9.19  ? 4   SER A O    1 
ATOM   45   C CB   . SER A 1 4  ? 3.313   -6.719  0.726   1.00 8.31  ? 4   SER A CB   1 
ATOM   46   O OG   . SER A 1 4  ? 4.430   -7.438  0.202   1.00 11.25 ? 4   SER A OG   1 
ATOM   47   D D    . SER A 1 4  ? 3.095   -8.008  2.973   1.00 14.40 ? 4   SER A D    1 
ATOM   48   D DA   . SER A 1 4  ? 4.333   -5.725  2.229   1.00 7.00  ? 4   SER A DA   1 
ATOM   49   D DB2  . SER A 1 4  ? 3.186   -5.888  0.220   1.00 6.44  ? 4   SER A DB2  1 
ATOM   50   D DB3  . SER A 1 4  ? 2.502   -7.264  0.677   1.00 6.28  ? 4   SER A DB3  1 
ATOM   51   D DG   . SER A 1 4  ? 4.613   -8.051  0.718   1.00 21.58 ? 4   SER A DG   1 
ATOM   52   N N    . VAL A 1 5  ? 2.272   -4.270  2.144   1.00 7.57  ? 5   VAL A N    1 
ATOM   53   C CA   . VAL A 1 5  ? 1.098   -3.431  2.312   1.00 7.50  ? 5   VAL A CA   1 
ATOM   54   C C    . VAL A 1 5  ? -0.006  -3.868  1.353   1.00 6.34  ? 5   VAL A C    1 
ATOM   55   O O    . VAL A 1 5  ? 0.214   -3.966  0.153   1.00 7.52  ? 5   VAL A O    1 
ATOM   56   C CB   . VAL A 1 5  ? 1.434   -1.967  2.051   1.00 10.21 ? 5   VAL A CB   1 
ATOM   57   C CG1  . VAL A 1 5  ? 0.224   -1.072  2.325   1.00 14.11 ? 5   VAL A CG1  1 
ATOM   58   C CG2  . VAL A 1 5  ? 2.651   -1.519  2.878   1.00 13.97 ? 5   VAL A CG2  1 
ATOM   59   D D    . VAL A 1 5  ? 2.908   -3.891  1.700   1.00 11.46 ? 5   VAL A D    1 
ATOM   60   D DA   . VAL A 1 5  ? 0.768   -3.513  3.229   1.00 9.66  ? 5   VAL A DA   1 
ATOM   61   D DB   . VAL A 1 5  ? 1.682   -1.882  1.111   1.00 20.07 ? 5   VAL A DB   1 
ATOM   62   H HG11 . VAL A 1 5  ? -0.573  -1.559  2.087   1.00 16.67 ? 5   VAL A HG11 1 
ATOM   63   H HG12 . VAL A 1 5  ? 0.283   -0.281  1.776   1.00 20.63 ? 5   VAL A HG12 1 
ATOM   64   H HG13 . VAL A 1 5  ? 0.209   -0.830  3.260   1.00 24.04 ? 5   VAL A HG13 1 
ATOM   65   H HG21 . VAL A 1 5  ? 2.492   -1.671  3.814   1.00 18.39 ? 5   VAL A HG21 1 
ATOM   66   H HG22 . VAL A 1 5  ? 2.797   -0.584  2.714   1.00 23.73 ? 5   VAL A HG22 1 
ATOM   67   H HG23 . VAL A 1 5  ? 3.433   -2.002  2.591   1.00 13.67 ? 5   VAL A HG23 1 
ATOM   68   N N    . VAL A 1 6  ? -1.190  -4.098  1.914   1.00 6.69  ? 6   VAL A N    1 
ATOM   69   C CA   . VAL A 1 6  ? -2.358  -4.510  1.161   1.00 6.16  ? 6   VAL A CA   1 
ATOM   70   C C    . VAL A 1 6  ? -3.498  -3.548  1.461   1.00 5.99  ? 6   VAL A C    1 
ATOM   71   O O    . VAL A 1 6  ? -3.680  -3.113  2.587   1.00 7.85  ? 6   VAL A O    1 
ATOM   72   C CB   . VAL A 1 6  ? -2.735  -5.959  1.514   1.00 9.37  ? 6   VAL A CB   1 
ATOM   73   C CG1  . VAL A 1 6  ? -4.080  -6.361  0.890   1.00 21.27 ? 6   VAL A CG1  1 
ATOM   74   C CG2  . VAL A 1 6  ? -1.615  -6.902  1.094   1.00 11.28 ? 6   VAL A CG2  1 
ATOM   75   D D    . VAL A 1 6  ? -1.341  -4.006  2.764   1.00 9.95  ? 6   VAL A D    1 
ATOM   76   D DA   . VAL A 1 6  ? -2.179  -4.436  0.204   1.00 4.29  ? 6   VAL A DA   1 
ATOM   77   D DB   . VAL A 1 6  ? -2.833  -5.982  2.488   1.00 16.99 ? 6   VAL A DB   1 
ATOM   78   H HG11 . VAL A 1 6  ? -4.272  -7.284  1.080   1.00 31.56 ? 6   VAL A HG11 1 
ATOM   79   H HG12 . VAL A 1 6  ? -4.782  -5.800  1.239   1.00 31.23 ? 6   VAL A HG12 1 
ATOM   80   H HG13 . VAL A 1 6  ? -4.024  -6.239  -0.065  1.00 28.19 ? 6   VAL A HG13 1 
ATOM   81   H HG21 . VAL A 1 6  ? -1.952  -7.797  1.086   1.00 7.97  ? 6   VAL A HG21 1 
ATOM   82   H HG22 . VAL A 1 6  ? -1.289  -6.667  0.219   1.00 20.72 ? 6   VAL A HG22 1 
ATOM   83   H HG23 . VAL A 1 6  ? -0.910  -6.833  1.750   1.00 10.84 ? 6   VAL A HG23 1 
ATOM   84   N N    . ALA A 1 7  ? -4.278  -3.223  0.439   1.00 6.48  ? 7   ALA A N    1 
ATOM   85   C CA   . ALA A 1 7  ? -5.393  -2.298  0.590   1.00 6.28  ? 7   ALA A CA   1 
ATOM   86   C C    . ALA A 1 7  ? -6.493  -2.917  1.453   1.00 6.56  ? 7   ALA A C    1 
ATOM   87   O O    . ALA A 1 7  ? -7.035  -3.986  1.143   1.00 8.48  ? 7   ALA A O    1 
ATOM   88   C CB   . ALA A 1 7  ? -5.954  -1.917  -0.795  1.00 7.63  ? 7   ALA A CB   1 
ATOM   89   D D    . ALA A 1 7  ? -4.220  -3.576  -0.351  1.00 8.33  ? 7   ALA A D    1 
ATOM   90   D DA   . ALA A 1 7  ? -5.073  -1.478  1.024   1.00 6.13  ? 7   ALA A DA   1 
ATOM   91   D DB1  . ALA A 1 7  ? -6.653  -1.250  -0.684  1.00 5.96  ? 7   ALA A DB1  1 
ATOM   92   D DB2  . ALA A 1 7  ? -6.327  -2.689  -1.227  1.00 10.54 ? 7   ALA A DB2  1 
ATOM   93   D DB3  . ALA A 1 7  ? -5.254  -1.560  -1.365  1.00 8.99  ? 7   ALA A DB3  1 
ATOM   94   N N    . ASN A 1 8  ? -6.829  -2.222  2.535   1.00 7.17  ? 8   ASN A N    1 
ATOM   95   C CA   . ASN A 1 8  ? -7.875  -2.632  3.475   1.00 7.67  ? 8   ASN A CA   1 
ATOM   96   C C    . ASN A 1 8  ? -9.260  -2.157  3.066   1.00 9.86  ? 8   ASN A C    1 
ATOM   97   O O    . ASN A 1 8  ? -10.244 -2.554  3.650   1.00 11.12 ? 8   ASN A O    1 
ATOM   98   C CB   . ASN A 1 8  ? -7.525  -2.113  4.852   1.00 8.89  ? 8   ASN A CB   1 
ATOM   99   C CG   . ASN A 1 8  ? -8.408  -2.680  5.929   1.00 11.71 ? 8   ASN A CG   1 
ATOM   100  O OD1  . ASN A 1 8  ? -8.531  -3.896  6.088   1.00 13.36 ? 8   ASN A OD1  1 
ATOM   101  N ND2  . ASN A 1 8  ? -9.012  -1.791  6.701   1.00 16.36 ? 8   ASN A ND2  1 
ATOM   102  D D    . ASN A 1 8  ? -6.427  -1.490  2.753   1.00 8.58  ? 8   ASN A D    1 
ATOM   103  D DA   . ASN A 1 8  ? -7.924  -3.604  3.509   1.00 5.88  ? 8   ASN A DA   1 
ATOM   104  D DB2  . ASN A 1 8  ? -7.645  -1.152  4.853   1.00 7.68  ? 8   ASN A DB2  1 
ATOM   105  D DB3  . ASN A 1 8  ? -6.599  -2.331  5.029   1.00 4.90  ? 8   ASN A DB3  1 
ATOM   106  D DD21 . ASN A 1 8  ? -9.427  -2.041  7.412   1.00 19.25 ? 8   ASN A DD21 1 
ATOM   107  D DD22 . ASN A 1 8  ? -8.982  -0.959  6.487   1.00 25.80 ? 8   ASN A DD22 1 
ATOM   108  N N    A GLN A 1 9  ? -9.310  -1.320  2.038   0.61 10.12 ? 9   GLN A N    1 
ATOM   109  N N    B GLN A 1 9  ? -9.287  -1.276  2.066   0.39 17.72 ? 9   GLN A N    1 
ATOM   110  C CA   A GLN A 1 9  ? -10.537 -0.840  1.424   0.61 10.19 ? 9   GLN A CA   1 
ATOM   111  C CA   B GLN A 1 9  ? -10.504 -0.729  1.472   0.39 17.42 ? 9   GLN A CA   1 
ATOM   112  C C    A GLN A 1 9  ? -10.142 -0.415  0.020   0.61 9.39  ? 9   GLN A C    1 
ATOM   113  C C    B GLN A 1 9  ? -10.132 -0.372  0.034   0.39 14.21 ? 9   GLN A C    1 
ATOM   114  O O    A GLN A 1 9  ? -8.958  -0.354  -0.293  0.61 9.77  ? 9   GLN A O    1 
ATOM   115  O O    B GLN A 1 9  ? -8.947  -0.315  -0.288  0.39 14.39 ? 9   GLN A O    1 
ATOM   116  C CB   A GLN A 1 9  ? -11.083 0.351   2.185   0.61 15.54 ? 9   GLN A CB   1 
ATOM   117  C CB   B GLN A 1 9  ? -10.951 0.538   2.209   0.39 19.78 ? 9   GLN A CB   1 
ATOM   118  C CG   A GLN A 1 9  ? -10.140 1.508   2.193   0.61 19.04 ? 9   GLN A CG   1 
ATOM   119  C CG   B GLN A 1 9  ? -10.937 0.454   3.730   0.39 28.57 ? 9   GLN A CG   1 
ATOM   120  C CD   A GLN A 1 9  ? -10.786 2.758   2.697   0.61 23.18 ? 9   GLN A CD   1 
ATOM   121  C CD   B GLN A 1 9  ? -11.385 1.742   4.395   0.39 32.74 ? 9   GLN A CD   1 
ATOM   122  O OE1  A GLN A 1 9  ? -10.925 2.953   3.902   0.61 21.94 ? 9   GLN A OE1  1 
ATOM   123  O OE1  B GLN A 1 9  ? -11.859 1.736   5.530   0.39 32.71 ? 9   GLN A OE1  1 
ATOM   124  N NE2  A GLN A 1 9  ? -11.210 3.617   1.770   0.61 28.76 ? 9   GLN A NE2  1 
ATOM   125  N NE2  B GLN A 1 9  ? -11.232 2.853   3.692   0.39 37.03 ? 9   GLN A NE2  1 
ATOM   126  D D    A GLN A 1 9  ? -8.608  -1.008  1.653   0.61 26.75 ? 9   GLN A D    1 
ATOM   127  D D    B GLN A 1 9  ? -8.575  -0.964  1.698   0.39 27.99 ? 9   GLN A D    1 
ATOM   128  D DA   A GLN A 1 9  ? -11.214 -1.547  1.366   0.61 11.53 ? 9   GLN A DA   1 
ATOM   129  D DA   B GLN A 1 9  ? -11.226 -1.390  1.472   0.39 19.10 ? 9   GLN A DA   1 
ATOM   130  D DB2  A GLN A 1 9  ? -11.268 0.110   3.106   0.61 11.95 ? 9   GLN A DB2  1 
ATOM   131  D DB2  B GLN A 1 9  ? -11.862 0.732   1.949   0.39 20.89 ? 9   GLN A DB2  1 
ATOM   132  D DB3  A GLN A 1 9  ? -11.898 0.643   1.761   0.61 22.35 ? 9   GLN A DB3  1 
ATOM   133  D DB3  B GLN A 1 9  ? -10.376 1.276   1.951   0.39 12.30 ? 9   GLN A DB3  1 
ATOM   134  D DG2  A GLN A 1 9  ? -9.851  1.685   1.292   0.61 16.69 ? 9   GLN A DG2  1 
ATOM   135  D DG2  B GLN A 1 9  ? -10.033 0.273   4.028   0.39 24.82 ? 9   GLN A DG2  1 
ATOM   136  D DG3  A GLN A 1 9  ? -9.373  1.297   2.744   0.61 23.05 ? 9   GLN A DG3  1 
ATOM   137  D DG3  B GLN A 1 9  ? -11.535 -0.251  4.018   0.39 37.19 ? 9   GLN A DG3  1 
ATOM   138  D DE21 A GLN A 1 9  ? -10.878 3.596   0.974   0.61 30.60 ? 9   GLN A DE21 1 
ATOM   139  D DE21 B GLN A 1 9  ? -11.741 3.528   3.845   0.39 38.20 ? 9   GLN A DE21 1 
ATOM   140  D DE22 A GLN A 1 9  ? -11.828 4.185   1.961   0.61 31.37 ? 9   GLN A DE22 1 
ATOM   141  D DE22 B GLN A 1 9  ? -10.620 2.902   3.090   0.39 40.09 ? 9   GLN A DE22 1 
ATOM   142  N N    . LEU A 1 10 ? -11.110 -0.134  -0.840  1.00 11.31 ? 10  LEU A N    1 
ATOM   143  C CA   . LEU A 1 10 ? -10.793 0.465   -2.116  1.00 10.24 ? 10  LEU A CA   1 
ATOM   144  C C    . LEU A 1 10 ? -10.176 1.815   -1.833  1.00 9.79  ? 10  LEU A C    1 
ATOM   145  O O    . LEU A 1 10 ? -10.718 2.595   -1.072  1.00 13.15 ? 10  LEU A O    1 
ATOM   146  C CB   . LEU A 1 10 ? -12.033 0.585   -3.002  1.00 12.99 ? 10  LEU A CB   1 
ATOM   147  C CG   . LEU A 1 10 ? -11.777 1.225   -4.371  1.00 20.33 ? 10  LEU A CG   1 
ATOM   148  C CD1  . LEU A 1 10 ? -12.561 0.505   -5.483  1.00 20.12 ? 10  LEU A CD1  1 
ATOM   149  C CD2  . LEU A 1 10 ? -12.084 2.717   -4.358  1.00 20.58 ? 10  LEU A CD2  1 
ATOM   150  D D    . LEU A 1 10 ? -11.938 -0.302  -0.723  1.00 24.52 ? 10  LEU A D    1 
ATOM   151  D DA   . LEU A 1 10 ? -10.112 -0.065  -2.579  1.00 8.18  ? 10  LEU A DA   1 
ATOM   152  D DB2  . LEU A 1 10 ? -12.334 -0.315  -3.153  1.00 9.06  ? 10  LEU A DB2  1 
ATOM   153  D DB3  . LEU A 1 10 ? -12.721 1.093   -2.533  1.00 10.15 ? 10  LEU A DB3  1 
ATOM   154  D DG   . LEU A 1 10 ? -10.837 1.129   -4.571  1.00 29.02 ? 10  LEU A DG   1 
ATOM   155  H HD11 . LEU A 1 10 ? -12.364 0.929   -6.323  1.00 21.58 ? 10  LEU A HD11 1 
ATOM   156  H HD12 . LEU A 1 10 ? -12.272 -0.412  -5.519  1.00 21.86 ? 10  LEU A HD12 1 
ATOM   157  H HD13 . LEU A 1 10 ? -13.504 0.554   -5.301  1.00 15.27 ? 10  LEU A HD13 1 
ATOM   158  H HD21 . LEU A 1 10 ? -11.961 3.070   -5.244  1.00 18.80 ? 10  LEU A HD21 1 
ATOM   159  H HD22 . LEU A 1 10 ? -11.499 3.181   -3.749  1.00 15.07 ? 10  LEU A HD22 1 
ATOM   160  H HD23 . LEU A 1 10 ? -12.997 2.851   -4.088  1.00 28.11 ? 10  LEU A HD23 1 
ATOM   161  N N    . ILE A 1 11 ? -9.030  2.074   -2.437  1.00 9.07  ? 11  ILE A N    1 
ATOM   162  C CA   . ILE A 1 11 ? -8.377  3.370   -2.314  1.00 8.32  ? 11  ILE A CA   1 
ATOM   163  C C    . ILE A 1 11 ? -8.590  4.108   -3.635  1.00 8.39  ? 11  ILE A C    1 
ATOM   164  O O    . ILE A 1 11 ? -8.099  3.682   -4.669  1.00 9.28  ? 11  ILE A O    1 
ATOM   165  C CB   . ILE A 1 11 ? -6.885  3.206   -2.033  1.00 8.62  ? 11  ILE A CB   1 
ATOM   166  C CG1  . ILE A 1 11 ? -6.681  2.297   -0.808  1.00 10.14 ? 11  ILE A CG1  1 
ATOM   167  C CG2  . ILE A 1 11 ? -6.235  4.576   -1.859  1.00 12.75 ? 11  ILE A CG2  1 
ATOM   168  C CD1  . ILE A 1 11 ? -5.279  1.893   -0.571  1.00 12.62 ? 11  ILE A CD1  1 
ATOM   169  D D    . ILE A 1 11 ? -8.609  1.493   -2.921  1.00 14.67 ? 11  ILE A D    1 
ATOM   170  D DA   . ILE A 1 11 ? -8.788  3.893   -1.588  1.00 7.01  ? 11  ILE A DA   1 
ATOM   171  D DB   . ILE A 1 11 ? -6.470  2.791   -2.790  1.00 4.30  ? 11  ILE A DB   1 
ATOM   172  D DG12 . ILE A 1 11 ? -6.999  2.783   -0.038  1.00 10.98 ? 11  ILE A DG12 1 
ATOM   173  D DG13 . ILE A 1 11 ? -7.201  1.488   -0.914  1.00 8.30  ? 11  ILE A DG13 1 
ATOM   174  D DG21 . ILE A 1 11 ? -5.274  4.484   -1.793  1.00 19.22 ? 11  ILE A DG21 1 
ATOM   175  D DG22 . ILE A 1 11 ? -6.439  5.109   -2.630  1.00 14.15 ? 11  ILE A DG22 1 
ATOM   176  D DG23 . ILE A 1 11 ? -6.596  5.005   -1.072  1.00 16.73 ? 11  ILE A DG23 1 
ATOM   177  D DD11 . ILE A 1 11 ? -4.745  2.684   -0.524  1.00 19.61 ? 11  ILE A DD11 1 
ATOM   178  D DD12 . ILE A 1 11 ? -5.258  1.416   0.262   1.00 10.19 ? 11  ILE A DD12 1 
ATOM   179  D DD13 . ILE A 1 11 ? -4.989  1.337   -1.297  1.00 17.16 ? 11  ILE A DD13 1 
ATOM   180  N N    . PRO A 1 12 ? -9.347  5.202   -3.622  1.00 9.06  ? 12  PRO A N    1 
ATOM   181  C CA   . PRO A 1 12 ? -9.635  5.903   -4.866  1.00 10.05 ? 12  PRO A CA   1 
ATOM   182  C C    . PRO A 1 12 ? -8.422  6.603   -5.447  1.00 9.13  ? 12  PRO A C    1 
ATOM   183  O O    . PRO A 1 12 ? -7.484  6.945   -4.725  1.00 10.36 ? 12  PRO A O    1 
ATOM   184  C CB   . PRO A 1 12 ? -10.664 6.963   -4.427  1.00 13.08 ? 12  PRO A CB   1 
ATOM   185  C CG   . PRO A 1 12 ? -11.191 6.509   -3.134  1.00 14.32 ? 12  PRO A CG   1 
ATOM   186  C CD   . PRO A 1 12 ? -10.080 5.792   -2.487  1.00 11.33 ? 12  PRO A CD   1 
ATOM   187  D DA   . PRO A 1 12 ? -10.059 5.307   -5.531  1.00 10.73 ? 12  PRO A DA   1 
ATOM   188  D DB2  . PRO A 1 12 ? -11.366 7.039   -5.088  1.00 15.64 ? 12  PRO A DB2  1 
ATOM   189  D DB3  . PRO A 1 12 ? -10.221 7.813   -4.297  1.00 11.93 ? 12  PRO A DB3  1 
ATOM   190  D DG2  . PRO A 1 12 ? -11.943 5.921   -3.279  1.00 21.24 ? 12  PRO A DG2  1 
ATOM   191  D DG3  . PRO A 1 12 ? -11.445 7.258   -2.578  1.00 9.84  ? 12  PRO A DG3  1 
ATOM   192  D DD2  . PRO A 1 12 ? -9.525  6.442   -2.027  1.00 7.87  ? 12  PRO A DD2  1 
ATOM   193  D DD3  . PRO A 1 12 ? -10.396 5.104   -1.872  1.00 9.95  ? 12  PRO A DD3  1 
ATOM   194  N N    . ILE A 1 13 ? -8.466  6.851   -6.745  1.00 10.34 ? 13  ILE A N    1 
ATOM   195  C CA   . ILE A 1 13 ? -7.415  7.592   -7.410  1.00 9.97  ? 13  ILE A CA   1 
ATOM   196  C C    . ILE A 1 13 ? -7.189  8.959   -6.750  1.00 10.44 ? 13  ILE A C    1 
ATOM   197  O O    . ILE A 1 13 ? -8.115  9.601   -6.261  1.00 10.43 ? 13  ILE A O    1 
ATOM   198  C CB   . ILE A 1 13 ? -7.737  7.742   -8.907  1.00 11.12 ? 13  ILE A CB   1 
ATOM   199  C CG1  . ILE A 1 13 ? -6.511  8.188   -9.709  1.00 16.58 ? 13  ILE A CG1  1 
ATOM   200  C CG2  . ILE A 1 13 ? -8.942  8.678   -9.150  1.00 12.65 ? 13  ILE A CG2  1 
ATOM   201  C CD1  . ILE A 1 13 ? -6.695  8.068   -11.189 1.00 18.55 ? 13  ILE A CD1  1 
ATOM   202  D D    . ILE A 1 13 ? -9.115  6.580   -7.260  1.00 10.74 ? 13  ILE A D    1 
ATOM   203  D DA   . ILE A 1 13 ? -6.587  7.082   -7.324  1.00 5.90  ? 13  ILE A DA   1 
ATOM   204  D DB   . ILE A 1 13 ? -7.965  6.867   -9.217  1.00 10.28 ? 13  ILE A DB   1 
ATOM   205  D DG12 . ILE A 1 13 ? -6.274  9.106   -9.511  1.00 18.59 ? 13  ILE A DG12 1 
ATOM   206  D DG13 . ILE A 1 13 ? -5.775  7.603   -9.483  1.00 23.79 ? 13  ILE A DG13 1 
ATOM   207  D DG21 . ILE A 1 13 ? -9.232  8.533   -10.059 1.00 19.38 ? 13  ILE A DG21 1 
ATOM   208  D DG22 . ILE A 1 13 ? -9.677  8.476   -8.540  1.00 9.61  ? 13  ILE A DG22 1 
ATOM   209  D DG23 . ILE A 1 13 ? -8.647  9.597   -9.038  1.00 9.42  ? 13  ILE A DG23 1 
ATOM   210  D DD11 . ILE A 1 13 ? -7.401  8.654   -11.467 1.00 13.51 ? 13  ILE A DD11 1 
ATOM   211  D DD12 . ILE A 1 13 ? -5.878  8.311   -11.637 1.00 23.87 ? 13  ILE A DD12 1 
ATOM   212  D DD13 . ILE A 1 13 ? -6.919  7.152   -11.374 1.00 20.84 ? 13  ILE A DD13 1 
ATOM   213  N N    . ASN A 1 14 ? -5.940  9.393   -6.752  1.00 13.40 ? 14  ASN A N    1 
ATOM   214  C CA   . ASN A 1 14 ? -5.589  10.751  -6.345  1.00 14.04 ? 14  ASN A CA   1 
ATOM   215  C C    . ASN A 1 14 ? -6.136  11.091  -4.974  1.00 14.94 ? 14  ASN A C    1 
ATOM   216  O O    . ASN A 1 14 ? -6.639  12.183  -4.728  1.00 15.75 ? 14  ASN A O    1 
ATOM   217  C CB   . ASN A 1 14 ? -6.060  11.784  -7.368  1.00 16.91 ? 14  ASN A CB   1 
ATOM   218  C CG   . ASN A 1 14 ? -5.294  11.707  -8.652  1.00 17.53 ? 14  ASN A CG   1 
ATOM   219  O OD1  . ASN A 1 14 ? -4.148  11.282  -8.681  1.00 18.37 ? 14  ASN A OD1  1 
ATOM   220  N ND2  . ASN A 1 14 ? -5.906  12.178  -9.727  1.00 23.57 ? 14  ASN A ND2  1 
ATOM   221  D D    . ASN A 1 14 ? -5.274  8.916   -7.001  1.00 31.89 ? 14  ASN A D    1 
ATOM   222  D DA   . ASN A 1 14 ? -4.616  10.810  -6.308  1.00 12.17 ? 14  ASN A DA   1 
ATOM   223  D DB2  . ASN A 1 14 ? -5.894  12.669  -7.013  1.00 19.75 ? 14  ASN A DB2  1 
ATOM   224  D DB3  . ASN A 1 14 ? -7.003  11.676  -7.550  1.00 21.42 ? 14  ASN A DB3  1 
ATOM   225  D DD21 . ASN A 1 14 ? -5.600  11.992  -10.514 1.00 30.60 ? 14  ASN A DD21 1 
ATOM   226  D DD22 . ASN A 1 14 ? -6.609  12.672  -9.643  1.00 26.03 ? 14  ASN A DD22 1 
ATOM   227  N N    . THR A 1 15 ? -6.010  10.128  -4.074  1.00 18.17 ? 15  THR A N    1 
ATOM   228  C CA   . THR A 1 15 ? -6.500  10.233  -2.713  1.00 14.31 ? 15  THR A CA   1 
ATOM   229  C C    . THR A 1 15 ? -5.330  9.907   -1.769  1.00 14.38 ? 15  THR A C    1 
ATOM   230  O O    . THR A 1 15 ? -4.534  9.009   -2.019  1.00 14.54 ? 15  THR A O    1 
ATOM   231  C CB   . THR A 1 15 ? -7.723  9.314   -2.512  1.00 13.95 ? 15  THR A CB   1 
ATOM   232  O OG1  . THR A 1 15 ? -8.783  9.784   -3.352  1.00 14.77 ? 15  THR A OG1  1 
ATOM   233  C CG2  . THR A 1 15 ? -8.222  9.306   -1.076  1.00 18.46 ? 15  THR A CG2  1 
ATOM   234  D D    . THR A 1 15 ? -5.630  9.376   -4.230  1.00 37.95 ? 15  THR A D    1 
ATOM   235  D DA   . THR A 1 15 ? -6.820  11.143  -2.535  1.00 12.76 ? 15  THR A DA   1 
ATOM   236  D DB   . THR A 1 15 ? -7.506  8.394   -2.746  1.00 13.30 ? 15  THR A DB   1 
ATOM   237  D DG1  . THR A 1 15 ? -8.568  9.736   -4.142  1.00 15.75 ? 15  THR A DG1  1 
ATOM   238  D DG21 . THR A 1 15 ? -9.133  8.996   -1.063  1.00 20.30 ? 15  THR A DG21 1 
ATOM   239  D DG22 . THR A 1 15 ? -8.206  10.192  -0.706  1.00 23.69 ? 15  THR A DG22 1 
ATOM   240  D DG23 . THR A 1 15 ? -7.681  8.701   -0.541  1.00 18.73 ? 15  THR A DG23 1 
ATOM   241  N N    . ALA A 1 16 ? -5.212  10.715  -0.719  1.00 17.66 ? 16  ALA A N    1 
ATOM   242  C CA   . ALA A 1 16 ? -4.157  10.595  0.271   1.00 15.47 ? 16  ALA A CA   1 
ATOM   243  C C    . ALA A 1 16 ? -4.386  9.381   1.168   1.00 12.95 ? 16  ALA A C    1 
ATOM   244  O O    . ALA A 1 16 ? -5.483  9.151   1.675   1.00 14.92 ? 16  ALA A O    1 
ATOM   245  C CB   . ALA A 1 16 ? -4.096  11.853  1.107   1.00 18.74 ? 16  ALA A CB   1 
ATOM   246  D D    . ALA A 1 16 ? -5.743  11.366  -0.556  1.00 33.68 ? 16  ALA A D    1 
ATOM   247  D DA   . ALA A 1 16 ? -3.310  10.518  -0.206  1.00 17.40 ? 16  ALA A DA   1 
ATOM   248  D DB1  . ALA A 1 16 ? -4.899  11.893  1.642   1.00 17.62 ? 16  ALA A DB1  1 
ATOM   249  D DB2  . ALA A 1 16 ? -3.326  11.832  1.680   1.00 22.46 ? 16  ALA A DB2  1 
ATOM   250  D DB3  . ALA A 1 16 ? -4.045  12.617  0.522   1.00 17.89 ? 16  ALA A DB3  1 
ATOM   251  N N    . LEU A 1 17 ? -3.338  8.594   1.354   1.00 12.32 ? 17  LEU A N    1 
ATOM   252  C CA   . LEU A 1 17 ? -3.405  7.383   2.151   1.00 10.42 ? 17  LEU A CA   1 
ATOM   253  C C    . LEU A 1 17 ? -3.530  7.688   3.631   1.00 10.91 ? 17  LEU A C    1 
ATOM   254  O O    . LEU A 1 17 ? -2.843  8.549   4.166   1.00 12.15 ? 17  LEU A O    1 
ATOM   255  C CB   . LEU A 1 17 ? -2.168  6.522   1.915   1.00 11.50 ? 17  LEU A CB   1 
ATOM   256  C CG   . LEU A 1 17 ? -2.057  5.881   0.530   1.00 14.14 ? 17  LEU A CG   1 
ATOM   257  C CD1  . LEU A 1 17 ? -0.623  5.381   0.279   1.00 14.60 ? 17  LEU A CD1  1 
ATOM   258  C CD2  . LEU A 1 17 ? -3.041  4.731   0.407   1.00 17.50 ? 17  LEU A CD2  1 
ATOM   259  D D    . LEU A 1 17 ? -2.575  8.718   0.978   1.00 14.41 ? 17  LEU A D    1 
ATOM   260  D DA   . LEU A 1 17 ? -4.175  6.859   1.852   1.00 8.02  ? 17  LEU A DA   1 
ATOM   261  D DB2  . LEU A 1 17 ? -1.397  7.088   2.043   1.00 12.51 ? 17  LEU A DB2  1 
ATOM   262  D DB3  . LEU A 1 17 ? -2.160  5.786   2.558   1.00 14.67 ? 17  LEU A DB3  1 
ATOM   263  D DG   . LEU A 1 17 ? -2.296  6.548   -0.123  1.00 23.44 ? 17  LEU A DG   1 
ATOM   264  H HD11 . LEU A 1 17 ? -0.527  5.145   -0.650  1.00 19.22 ? 17  LEU A HD11 1 
ATOM   265  H HD12 . LEU A 1 17 ? 0.018   6.063   0.515   1.00 14.38 ? 17  LEU A HD12 1 
ATOM   266  H HD13 . LEU A 1 17 ? -0.472  4.602   0.828   1.00 15.87 ? 17  LEU A HD13 1 
ATOM   267  H HD21 . LEU A 1 17 ? -3.054  4.413   -0.504  1.00 27.45 ? 17  LEU A HD21 1 
ATOM   268  H HD22 . LEU A 1 17 ? -2.757  4.023   0.995   1.00 20.44 ? 17  LEU A HD22 1 
ATOM   269  H HD23 . LEU A 1 17 ? -3.918  5.053   0.661   1.00 15.84 ? 17  LEU A HD23 1 
ATOM   270  N N    . THR A 1 18 ? -4.413  6.962   4.288   1.00 12.83 ? 18  THR A N    1 
ATOM   271  C CA   . THR A 1 18 ? -4.514  7.034   5.741   1.00 12.35 ? 18  THR A CA   1 
ATOM   272  C C    . THR A 1 18 ? -4.321  5.623   6.342   1.00 11.34 ? 18  THR A C    1 
ATOM   273  O O    . THR A 1 18 ? -4.363  4.619   5.636   1.00 10.86 ? 18  THR A O    1 
ATOM   274  C CB   . THR A 1 18 ? -5.854  7.525   6.161   1.00 15.15 ? 18  THR A CB   1 
ATOM   275  O OG1  . THR A 1 18 ? -6.757  6.465   5.890   1.00 23.69 ? 18  THR A OG1  1 
ATOM   276  C CG2  . THR A 1 18 ? -6.255  8.854   5.456   1.00 15.48 ? 18  THR A CG2  1 
ATOM   277  D D    . THR A 1 18 ? -4.980  6.447   3.899   1.00 23.59 ? 18  THR A D    1 
ATOM   278  D DA   . THR A 1 18 ? -3.842  7.676   6.068   1.00 13.51 ? 18  THR A DA   1 
ATOM   279  D DB   . THR A 1 18 ? -5.843  7.696   7.112   1.00 12.66 ? 18  THR A DB   1 
ATOM   280  D DG1  . THR A 1 18 ? -7.437  6.739   5.650   1.00 38.40 ? 18  THR A DG1  1 
ATOM   281  D DG21 . THR A 1 18 ? -6.155  8.780   4.495   1.00 13.87 ? 18  THR A DG21 1 
ATOM   282  D DG22 . THR A 1 18 ? -7.174  9.074   5.674   1.00 13.50 ? 18  THR A DG22 1 
ATOM   283  D DG23 . THR A 1 18 ? -5.692  9.580   5.756   1.00 11.40 ? 18  THR A DG23 1 
ATOM   284  N N    . LEU A 1 19 ? -4.147  5.558   7.657   1.00 14.25 ? 19  LEU A N    1 
ATOM   285  C CA   . LEU A 1 19 ? -3.862  4.289   8.310   1.00 12.13 ? 19  LEU A CA   1 
ATOM   286  C C    . LEU A 1 19 ? -4.968  3.270   8.160   1.00 13.47 ? 19  LEU A C    1 
ATOM   287  O O    . LEU A 1 19 ? -4.690  2.078   8.130   1.00 15.61 ? 19  LEU A O    1 
ATOM   288  C CB   . LEU A 1 19 ? -3.511  4.481   9.784   1.00 12.94 ? 19  LEU A CB   1 
ATOM   289  C CG   . LEU A 1 19 ? -2.123  5.088   10.027  1.00 16.88 ? 19  LEU A CG   1 
ATOM   290  C CD1  . LEU A 1 19 ? -1.919  5.436   11.486  1.00 22.19 ? 19  LEU A CD1  1 
ATOM   291  C CD2  . LEU A 1 19 ? -1.001  4.155   9.543   1.00 18.64 ? 19  LEU A CD2  1 
ATOM   292  D D    . LEU A 1 19 ? -4.192  6.232   8.181   1.00 27.11 ? 19  LEU A D    1 
ATOM   293  D DA   . LEU A 1 19 ? -3.085  3.904   7.867   1.00 13.13 ? 19  LEU A DA   1 
ATOM   294  D DB2  . LEU A 1 19 ? -4.183  5.057   10.206  1.00 9.56  ? 19  LEU A DB2  1 
ATOM   295  D DB3  . LEU A 1 19 ? -3.520  3.604   10.204  1.00 12.19 ? 19  LEU A DB3  1 
ATOM   296  D DG   . LEU A 1 19 ? -2.067  5.909   9.521   1.00 20.02 ? 19  LEU A DG   1 
ATOM   297  H HD11 . LEU A 1 19 ? -0.977  5.399   11.685  1.00 25.65 ? 19  LEU A HD11 1 
ATOM   298  H HD12 . LEU A 1 19 ? -2.262  6.320   11.644  1.00 17.82 ? 19  LEU A HD12 1 
ATOM   299  H HD13 . LEU A 1 19 ? -2.388  4.791   12.022  1.00 32.89 ? 19  LEU A HD13 1 
ATOM   300  H HD21 . LEU A 1 19 ? -0.166  4.636   9.557   1.00 24.66 ? 19  LEU A HD21 1 
ATOM   301  H HD22 . LEU A 1 19 ? -0.953  3.413   10.156  1.00 17.45 ? 19  LEU A HD22 1 
ATOM   302  H HD23 . LEU A 1 19 ? -1.191  3.856   8.651   1.00 20.52 ? 19  LEU A HD23 1 
ATOM   303  N N    A VAL A 1 20 ? -6.221  3.710   8.066   0.75 13.02 ? 20  VAL A N    1 
ATOM   304  N N    C VAL A 1 20 ? -6.211  3.732   8.050   0.25 18.56 ? 20  VAL A N    1 
ATOM   305  C CA   A VAL A 1 20 ? -7.316  2.746   7.934   0.75 12.72 ? 20  VAL A CA   1 
ATOM   306  C CA   C VAL A 1 20 ? -7.352  2.828   7.913   0.25 17.62 ? 20  VAL A CA   1 
ATOM   307  C C    A VAL A 1 20 ? -7.338  2.041   6.586   0.75 11.04 ? 20  VAL A C    1 
ATOM   308  C C    C VAL A 1 20 ? -7.298  2.030   6.612   0.25 13.88 ? 20  VAL A C    1 
ATOM   309  O O    A VAL A 1 20 ? -7.998  1.010   6.433   0.75 12.54 ? 20  VAL A O    1 
ATOM   310  O O    C VAL A 1 20 ? -7.880  0.948   6.513   0.25 13.91 ? 20  VAL A O    1 
ATOM   311  C CB   A VAL A 1 20 ? -8.707  3.357   8.245   0.75 20.69 ? 20  VAL A CB   1 
ATOM   312  C CB   C VAL A 1 20 ? -8.688  3.596   7.958   0.25 19.74 ? 20  VAL A CB   1 
ATOM   313  C CG1  A VAL A 1 20 ? -8.772  3.817   9.697   0.75 17.31 ? 20  VAL A CG1  1 
ATOM   314  C CG1  C VAL A 1 20 ? -9.001  4.195   6.592   0.25 21.87 ? 20  VAL A CG1  1 
ATOM   315  C CG2  A VAL A 1 20 ? -9.055  4.491   7.289   0.75 22.95 ? 20  VAL A CG2  1 
ATOM   316  C CG2  C VAL A 1 20 ? -9.810  2.675   8.410   0.25 19.50 ? 20  VAL A CG2  1 
ATOM   317  D D    A VAL A 1 20 ? -6.455  4.537   8.087   0.75 20.17 ? 20  VAL A D    1 
ATOM   318  D D    C VAL A 1 20 ? -6.420  4.565   8.052   0.25 25.55 ? 20  VAL A D    1 
ATOM   319  D DA   A VAL A 1 20 ? -7.160  2.043   8.594   0.75 8.89  ? 20  VAL A DA   1 
ATOM   320  D DA   C VAL A 1 20 ? -7.344  2.191   8.657   0.25 18.68 ? 20  VAL A DA   1 
ATOM   321  D DB   A VAL A 1 20 ? -9.382  2.657   8.126   0.75 31.78 ? 20  VAL A DB   1 
ATOM   322  D DB   C VAL A 1 20 ? -8.612  4.329   8.604   0.25 20.03 ? 20  VAL A DB   1 
ATOM   323  H HG11 A VAL A 1 20 ? -9.502  4.429   9.795   0.75 11.65 ? 20  VAL A HG11 1 
ATOM   324  H HG11 C VAL A 1 20 ? -8.174  4.372   6.136   0.25 21.55 ? 20  VAL A HG11 1 
ATOM   325  H HG12 A VAL A 1 20 ? -8.925  3.062   10.266  0.75 20.00 ? 20  VAL A HG12 1 
ATOM   326  H HG12 C VAL A 1 20 ? -9.527  3.568   6.087   0.25 22.62 ? 20  VAL A HG12 1 
ATOM   327  H HG13 A VAL A 1 20 ? -7.945  4.233   9.944   0.75 13.51 ? 20  VAL A HG13 1 
ATOM   328  H HG13 C VAL A 1 20 ? -9.485  5.015   6.712   0.25 23.99 ? 20  VAL A HG13 1 
ATOM   329  H HG21 A VAL A 1 20 ? -9.689  5.072   7.726   0.75 21.81 ? 20  VAL A HG21 1 
ATOM   330  H HG21 C VAL A 1 20 ? -9.448  1.799   8.564   0.25 16.24 ? 20  VAL A HG21 1 
ATOM   331  H HG22 A VAL A 1 20 ? -8.258  4.982   7.071   0.75 22.19 ? 20  VAL A HG22 1 
ATOM   332  H HG22 C VAL A 1 20 ? -10.185 3.023   9.222   0.25 20.99 ? 20  VAL A HG22 1 
ATOM   333  H HG23 A VAL A 1 20 ? -9.441  4.120   6.492   0.75 29.47 ? 20  VAL A HG23 1 
ATOM   334  H HG23 C VAL A 1 20 ? -10.483 2.639   7.726   0.25 20.49 ? 20  VAL A HG23 1 
ATOM   335  N N    . MET A 1 21 ? -6.581  2.558   5.624   1.00 10.62 ? 21  MET A N    1 
ATOM   336  C CA   . MET A 1 21 ? -6.552  1.986   4.303   1.00 8.69  ? 21  MET A CA   1 
ATOM   337  C C    . MET A 1 21 ? -5.540  0.873   4.106   1.00 7.68  ? 21  MET A C    1 
ATOM   338  O O    . MET A 1 21 ? -5.555  0.225   3.054   1.00 9.66  ? 21  MET A O    1 
ATOM   339  C CB   . MET A 1 21 ? -6.256  3.079   3.271   1.00 8.46  ? 21  MET A CB   1 
ATOM   340  C CG   . MET A 1 21 ? -7.310  4.133   3.164   1.00 11.74 ? 21  MET A CG   1 
ATOM   341  S SD   . MET A 1 21 ? -6.772  5.454   2.080   1.00 11.37 ? 21  MET A SD   1 
ATOM   342  C CE   . MET A 1 21 ? -8.175  6.568   2.137   1.00 20.09 ? 21  MET A CE   1 
ATOM   343  D D    . MET A 1 21 ? -6.085  3.248   5.706   1.00 22.44 ? 21  MET A D    1 
ATOM   344  D DA   . MET A 1 21 ? -7.450  1.634   4.128   1.00 9.41  ? 21  MET A DA   1 
ATOM   345  D DB2  . MET A 1 21 ? -5.415  3.508   3.485   1.00 4.96  ? 21  MET A DB2  1 
ATOM   346  D DB3  . MET A 1 21 ? -6.195  2.661   2.400   1.00 6.90  ? 21  MET A DB3  1 
ATOM   347  D DG2  . MET A 1 21 ? -8.106  3.754   2.769   1.00 12.69 ? 21  MET A DG2  1 
ATOM   348  D DG3  . MET A 1 21 ? -7.494  4.501   4.033   1.00 13.42 ? 21  MET A DG3  1 
ATOM   349  D DE1  . MET A 1 21 ? -8.029  7.240   2.797   1.00 21.01 ? 21  MET A DE1  1 
ATOM   350  D DE2  . MET A 1 21 ? -8.277  6.972   1.273   1.00 20.61 ? 21  MET A DE2  1 
ATOM   351  D DE3  . MET A 1 21 ? -8.966  6.082   2.367   1.00 31.27 ? 21  MET A DE3  1 
ATOM   352  N N    . MET A 1 22 ? -4.626  0.692   5.055   1.00 8.39  ? 22  MET A N    1 
ATOM   353  C CA   . MET A 1 22 ? -3.458  -0.169  4.832   1.00 8.69  ? 22  MET A CA   1 
ATOM   354  C C    . MET A 1 22 ? -3.325  -1.258  5.881   1.00 8.36  ? 22  MET A C    1 
ATOM   355  O O    . MET A 1 22 ? -3.158  -0.964  7.053   1.00 12.26 ? 22  MET A O    1 
ATOM   356  C CB   . MET A 1 22 ? -2.189  0.670   4.824   1.00 9.45  ? 22  MET A CB   1 
ATOM   357  C CG   . MET A 1 22 ? -2.165  1.722   3.722   1.00 10.21 ? 22  MET A CG   1 
ATOM   358  S SD   . MET A 1 22 ? -0.647  2.675   3.711   1.00 11.89 ? 22  MET A SD   1 
ATOM   359  C CE   . MET A 1 22 ? -0.979  3.905   4.978   1.00 13.85 ? 22  MET A CE   1 
ATOM   360  D D    . MET A 1 22 ? -4.641  1.116   5.815   1.00 12.28 ? 22  MET A D    1 
ATOM   361  D DA   . MET A 1 22 ? -3.525  -0.560  3.933   1.00 7.32  ? 22  MET A DA   1 
ATOM   362  D DB2  . MET A 1 22 ? -2.101  1.125   5.681   1.00 12.02 ? 22  MET A DB2  1 
ATOM   363  D DB3  . MET A 1 22 ? -1.448  0.072   4.642   1.00 10.49 ? 22  MET A DB3  1 
ATOM   364  D DG2  . MET A 1 22 ? -2.222  1.332   2.835   1.00 9.18  ? 22  MET A DG2  1 
ATOM   365  D DG3  . MET A 1 22 ? -2.897  2.354   3.847   1.00 8.05  ? 22  MET A DG3  1 
ATOM   366  D DE1  . MET A 1 22 ? -0.194  4.452   5.089   1.00 13.70 ? 22  MET A DE1  1 
ATOM   367  D DE2  . MET A 1 22 ? -1.178  3.466   5.809   1.00 21.20 ? 22  MET A DE2  1 
ATOM   368  D DE3  . MET A 1 22 ? -1.733  4.436   4.705   1.00 9.21  ? 22  MET A DE3  1 
ATOM   369  N N    . ARG A 1 23 ? -3.368  -2.519  5.453   1.00 8.40  ? 23  ARG A N    1 
ATOM   370  C CA   . ARG A 1 23 ? -3.102  -3.639  6.345   1.00 8.53  ? 23  ARG A CA   1 
ATOM   371  C C    . ARG A 1 23 ? -1.814  -4.329  5.859   1.00 8.76  ? 23  ARG A C    1 
ATOM   372  O O    . ARG A 1 23 ? -1.277  -3.979  4.819   1.00 10.31 ? 23  ARG A O    1 
ATOM   373  C CB   . ARG A 1 23 ? -4.315  -4.563  6.461   1.00 12.39 ? 23  ARG A CB   1 
ATOM   374  C CG   . ARG A 1 23 ? -4.613  -5.328  5.251   1.00 13.58 ? 23  ARG A CG   1 
ATOM   375  C CD   . ARG A 1 23 ? -5.804  -6.176  5.473   1.00 23.28 ? 23  ARG A CD   1 
ATOM   376  N NE   . ARG A 1 23 ? -5.960  -7.136  4.405   1.00 34.85 ? 23  ARG A NE   1 
ATOM   377  C CZ   . ARG A 1 23 ? -7.088  -7.297  3.732   1.00 38.61 ? 23  ARG A CZ   1 
ATOM   378  N NH1  . ARG A 1 23 ? -8.155  -6.563  4.042   1.00 45.78 ? 23  ARG A NH1  1 
ATOM   379  N NH2  . ARG A 1 23 ? -7.145  -8.201  2.759   1.00 35.95 ? 23  ARG A NH2  1 
ATOM   380  D D    . ARG A 1 23 ? -3.518  -2.730  4.622   1.00 9.64  ? 23  ARG A D    1 
ATOM   381  D DA   . ARG A 1 23 ? -2.949  -3.282  7.238   1.00 7.19  ? 23  ARG A DA   1 
ATOM   382  D DB2  . ARG A 1 23 ? -4.199  -5.188  7.189   1.00 20.23 ? 23  ARG A DB2  1 
ATOM   383  D DB3  . ARG A 1 23 ? -5.100  -4.019  6.636   1.00 15.20 ? 23  ARG A DB3  1 
ATOM   384  D DG2  . ARG A 1 23 ? -4.800  -4.708  4.539   1.00 9.66  ? 23  ARG A DG2  1 
ATOM   385  D DG3  . ARG A 1 23 ? -3.865  -5.904  5.035   1.00 18.69 ? 23  ARG A DG3  1 
ATOM   386  D DD2  . ARG A 1 23 ? -6.570  -5.598  5.497   1.00 13.53 ? 23  ARG A DD2  1 
ATOM   387  D DD3  . ARG A 1 23 ? -5.717  -6.664  6.303   1.00 35.15 ? 23  ARG A DD3  1 
ATOM   388  D DE   . ARG A 1 23 ? -5.418  -7.803  4.419   1.00 44.63 ? 23  ARG A DE   1 
ATOM   389  D DH11 . ARG A 1 23 ? -8.114  -5.980  4.674   1.00 47.51 ? 23  ARG A DH11 1 
ATOM   390  D DH12 . ARG A 1 23 ? -8.891  -6.665  3.611   1.00 52.31 ? 23  ARG A DH12 1 
ATOM   391  D DH21 . ARG A 1 23 ? -7.875  -8.317  2.314   1.00 29.11 ? 23  ARG A DH21 1 
ATOM   392  D DH22 . ARG A 1 23 ? -6.443  -8.670  2.573   1.00 41.66 ? 23  ARG A DH22 1 
ATOM   393  N N    . SER A 1 24 ? -1.310  -5.267  6.648   1.00 10.37 ? 24  SER A N    1 
ATOM   394  C CA   . SER A 1 24 ? -0.122  -6.024  6.305   1.00 10.94 ? 24  SER A CA   1 
ATOM   395  C C    . SER A 1 24 ? -0.482  -7.489  6.109   1.00 9.25  ? 24  SER A C    1 
ATOM   396  O O    . SER A 1 24 ? -1.219  -8.060  6.911   1.00 11.67 ? 24  SER A O    1 
ATOM   397  C CB   . SER A 1 24 ? 0.917   -5.898  7.428   1.00 16.27 ? 24  SER A CB   1 
ATOM   398  O OG   . SER A 1 24 ? 1.947   -6.860  7.281   1.00 24.91 ? 24  SER A OG   1 
ATOM   399  D D    . SER A 1 24 ? -1.633  -5.468  7.416   1.00 21.40 ? 24  SER A D    1 
ATOM   400  D DA   . SER A 1 24 ? 0.275   -5.669  5.482   1.00 12.46 ? 24  SER A DA   1 
ATOM   401  D DB2  . SER A 1 24 ? 1.300   -5.008  7.387   1.00 14.57 ? 24  SER A DB2  1 
ATOM   402  D DB3  . SER A 1 24 ? 0.493   -6.039  8.294   1.00 18.60 ? 24  SER A DB3  1 
ATOM   403  D DG   . SER A 1 24 ? 2.677   -6.491  7.272   1.00 38.89 ? 24  SER A DG   1 
ATOM   404  N N    A GLU A 1 25 ? 0.022   -8.086  5.033   0.51 7.96  ? 25  GLU A N    1 
ATOM   405  N N    B GLU A 1 25 ? 0.097   -8.114  5.094   0.49 12.16 ? 25  GLU A N    1 
ATOM   406  C CA   A GLU A 1 25 ? -0.210  -9.505  4.757   0.51 7.12  ? 25  GLU A CA   1 
ATOM   407  C CA   B GLU A 1 25 ? -0.228  -9.498  4.774   0.49 14.76 ? 25  GLU A CA   1 
ATOM   408  C C    A GLU A 1 25 ? 0.972   -10.098 4.036   0.51 7.30  ? 25  GLU A C    1 
ATOM   409  C C    B GLU A 1 25 ? 0.905   -10.112 3.972   0.49 12.26 ? 25  GLU A C    1 
ATOM   410  O O    A GLU A 1 25 ? 1.675   -9.397  3.328   0.51 8.14  ? 25  GLU A O    1 
ATOM   411  O O    B GLU A 1 25 ? 1.534   -9.428  3.171   0.49 12.34 ? 25  GLU A O    1 
ATOM   412  C CB   A GLU A 1 25 ? -1.437  -9.730  3.872   0.51 10.47 ? 25  GLU A CB   1 
ATOM   413  C CB   B GLU A 1 25 ? -1.524  -9.528  3.968   0.49 18.26 ? 25  GLU A CB   1 
ATOM   414  C CG   A GLU A 1 25 ? -2.775  -9.375  4.500   0.51 19.81 ? 25  GLU A CG   1 
ATOM   415  C CG   B GLU A 1 25 ? -2.172  -10.880 3.770   0.49 16.94 ? 25  GLU A CG   1 
ATOM   416  C CD   A GLU A 1 25 ? -3.947  -9.761  3.620   0.51 20.26 ? 25  GLU A CD   1 
ATOM   417  C CD   B GLU A 1 25 ? -3.478  -10.767 3.003   0.49 17.00 ? 25  GLU A CD   1 
ATOM   418  O OE1  A GLU A 1 25 ? -3.730  -10.488 2.630   0.51 19.48 ? 25  GLU A OE1  1 
ATOM   419  O OE1  B GLU A 1 25 ? -3.982  -9.630  2.822   0.49 15.77 ? 25  GLU A OE1  1 
ATOM   420  O OE2  A GLU A 1 25 ? -5.082  -9.338  3.918   0.51 22.16 ? 25  GLU A OE2  1 
ATOM   421  O OE2  B GLU A 1 25 ? -3.995  -11.812 2.566   0.49 17.62 ? 25  GLU A OE2  1 
ATOM   422  D D    A GLU A 1 25 ? 0.514   -7.682  4.451   0.51 11.30 ? 25  GLU A D    1 
ATOM   423  D D    B GLU A 1 25 ? 0.686   -7.755  4.579   0.49 14.75 ? 25  GLU A D    1 
ATOM   424  D DA   A GLU A 1 25 ? -0.333  -9.991  5.602   0.51 6.77  ? 25  GLU A DA   1 
ATOM   425  D DA   B GLU A 1 25 ? -0.349  -10.014 5.601   0.49 16.99 ? 25  GLU A DA   1 
ATOM   426  D DB2  A GLU A 1 25 ? -1.330  -9.227  3.047   0.51 10.72 ? 25  GLU A DB2  1 
ATOM   427  D DB2  B GLU A 1 25 ? -2.170  -8.964  4.423   0.49 20.65 ? 25  GLU A DB2  1 
ATOM   428  D DB3  A GLU A 1 25 ? -1.477  -10.674 3.656   0.51 10.91 ? 25  GLU A DB3  1 
ATOM   429  D DB3  B GLU A 1 25 ? -1.336  -9.177  3.084   0.49 22.71 ? 25  GLU A DB3  1 
ATOM   430  D DG2  A GLU A 1 25 ? -2.864  -9.850  5.339   0.51 27.59 ? 25  GLU A DG2  1 
ATOM   431  D DG2  B GLU A 1 25 ? -1.581  -11.451 3.254   0.49 18.29 ? 25  GLU A DG2  1 
ATOM   432  D DG3  A GLU A 1 25 ? -2.811  -8.419  4.649   0.51 22.83 ? 25  GLU A DG3  1 
ATOM   433  D DG3  B GLU A 1 25 ? -2.362  -11.279 4.633   0.49 14.02 ? 25  GLU A DG3  1 
ATOM   434  N N    . VAL A 1 26 ? 1.144   -11.405 4.166   1.00 11.61 ? 26  VAL A N    1 
ATOM   435  C CA   . VAL A 1 26 ? 2.156   -12.113 3.407   1.00 11.68 ? 26  VAL A CA   1 
ATOM   436  C C    . VAL A 1 26 ? 1.500   -12.580 2.110   1.00 11.33 ? 26  VAL A C    1 
ATOM   437  O O    . VAL A 1 26 ? 0.630   -13.449 2.090   1.00 14.55 ? 26  VAL A O    1 
ATOM   438  C CB   . VAL A 1 26 ? 2.762   -13.276 4.189   1.00 18.49 ? 26  VAL A CB   1 
ATOM   439  C CG1  . VAL A 1 26 ? 3.747   -14.075 3.306   1.00 22.25 ? 26  VAL A CG1  1 
ATOM   440  C CG2  . VAL A 1 26 ? 3.436   -12.752 5.441   1.00 20.09 ? 26  VAL A CG2  1 
ATOM   441  D D    . VAL A 1 26 ? 0.690   -11.902 4.703   1.00 21.15 ? 26  VAL A D    1 
ATOM   442  D DA   . VAL A 1 26 ? 2.860   -11.458 3.191   1.00 9.96  ? 26  VAL A DA   1 
ATOM   443  D DB   . VAL A 1 26 ? 2.046   -13.876 4.475   1.00 26.01 ? 26  VAL A DB   1 
ATOM   444  H HG11 . VAL A 1 26 ? 3.939   -14.910 3.739   1.00 26.53 ? 26  VAL A HG11 1 
ATOM   445  H HG12 . VAL A 1 26 ? 3.361   -14.241 2.437   1.00 19.74 ? 26  VAL A HG12 1 
ATOM   446  H HG13 . VAL A 1 26 ? 4.558   -13.567 3.206   1.00 25.59 ? 26  VAL A HG13 1 
ATOM   447  H HG21 . VAL A 1 26 ? 3.392   -13.446 6.107   1.00 19.85 ? 26  VAL A HG21 1 
ATOM   448  H HG22 . VAL A 1 26 ? 4.354   -12.548 5.232   1.00 19.30 ? 26  VAL A HG22 1 
ATOM   449  H HG23 . VAL A 1 26 ? 2.983   -11.958 5.754   1.00 27.90 ? 26  VAL A HG23 1 
ATOM   450  N N    . VAL A 1 27 ? 1.907   -11.930 1.039   1.00 11.46 ? 27  VAL A N    1 
ATOM   451  C CA   . VAL A 1 27 ? 1.338   -12.129 -0.284  1.00 11.21 ? 27  VAL A CA   1 
ATOM   452  C C    . VAL A 1 27 ? 2.461   -12.294 -1.308  1.00 12.57 ? 27  VAL A C    1 
ATOM   453  O O    . VAL A 1 27 ? 3.613   -11.973 -1.046  1.00 12.05 ? 27  VAL A O    1 
ATOM   454  C CB   . VAL A 1 27 ? 0.443   -10.933 -0.738  1.00 11.22 ? 27  VAL A CB   1 
ATOM   455  C CG1  . VAL A 1 27 ? -0.872  -10.905 0.069   1.00 17.15 ? 27  VAL A CG1  1 
ATOM   456  C CG2  . VAL A 1 27 ? 1.202   -9.614  -0.606  1.00 12.29 ? 27  VAL A CG2  1 
ATOM   457  D D    . VAL A 1 27 ? 2.549   -11.363 1.075   1.00 22.55 ? 27  VAL A D    1 
ATOM   458  D DA   . VAL A 1 27 ? 0.791   -12.933 -0.259  1.00 12.35 ? 27  VAL A DA   1 
ATOM   459  D DB   . VAL A 1 27 ? 0.231   -11.064 -1.688  1.00 11.52 ? 27  VAL A DB   1 
ATOM   460  H HG11 . VAL A 1 27 ? -1.552  -10.430 -0.425  1.00 19.34 ? 27  VAL A HG11 1 
ATOM   461  H HG12 . VAL A 1 27 ? -1.155  -11.815 0.221   1.00 26.12 ? 27  VAL A HG12 1 
ATOM   462  H HG13 . VAL A 1 27 ? -0.723  -10.478 0.921   1.00 21.95 ? 27  VAL A HG13 1 
ATOM   463  H HG21 . VAL A 1 27 ? 0.589   -8.884  -0.736  1.00 19.68 ? 27  VAL A HG21 1 
ATOM   464  H HG22 . VAL A 1 27 ? 1.576   -9.580  0.286   1.00 10.50 ? 27  VAL A HG22 1 
ATOM   465  H HG23 . VAL A 1 27 ? 1.892   -9.572  -1.277  1.00 17.48 ? 27  VAL A HG23 1 
ATOM   466  N N    . THR A 1 28 ? 2.104   -12.807 -2.469  1.00 22.31 ? 28  THR A N    1 
ATOM   467  C CA   A THR A 1 28 ? 3.046   -12.898 -3.576  0.69 21.39 ? 28  THR A CA   1 
ATOM   468  C CA   B THR A 1 28 ? 3.045   -12.893 -3.571  0.19 25.32 ? 28  THR A CA   1 
ATOM   469  C CA   C THR A 1 28 ? 3.038   -12.934 -3.578  0.12 23.77 ? 28  THR A CA   1 
ATOM   470  C C    . THR A 1 28 ? 2.338   -12.502 -4.861  1.00 16.35 ? 28  THR A C    1 
ATOM   471  O O    . THR A 1 28 ? 1.192   -12.908 -5.109  1.00 13.20 ? 28  THR A O    1 
ATOM   472  C CB   A THR A 1 28 ? 3.685   -14.297 -3.729  0.69 24.46 ? 28  THR A CB   1 
ATOM   473  C CB   B THR A 1 28 ? 3.692   -14.296 -3.693  0.19 34.92 ? 28  THR A CB   1 
ATOM   474  C CB   C THR A 1 28 ? 3.542   -14.382 -3.733  0.12 31.94 ? 28  THR A CB   1 
ATOM   475  O OG1  A THR A 1 28 ? 2.672   -15.273 -3.974  0.69 25.41 ? 28  THR A OG1  1 
ATOM   476  O OG1  B THR A 1 28 ? 4.624   -14.305 -4.782  0.19 26.24 ? 28  THR A OG1  1 
ATOM   477  O OG1  C THR A 1 28 ? 4.111   -14.560 -5.036  0.12 22.63 ? 28  THR A OG1  1 
ATOM   478  C CG2  A THR A 1 28 ? 4.453   -14.653 -2.477  0.69 21.88 ? 28  THR A CG2  1 
ATOM   479  C CG2  B THR A 1 28 ? 2.647   -15.366 -3.923  0.19 42.43 ? 28  THR A CG2  1 
ATOM   480  C CG2  C THR A 1 28 ? 2.402   -15.367 -3.548  0.12 38.48 ? 28  THR A CG2  1 
ATOM   481  D D    A THR A 1 28 ? 1.315   -13.087 -2.654  0.69 34.77 ? 28  THR A D    1 
ATOM   482  D D    B THR A 1 28 ? 1.319   -13.104 -2.650  0.19 28.92 ? 28  THR A D    1 
ATOM   483  D D    C THR A 1 28 ? 1.313   -13.089 -2.648  0.12 25.18 ? 28  THR A D    1 
ATOM   484  D DA   A THR A 1 28 ? 3.765   -12.266 -3.409  0.69 28.44 ? 28  THR A DA   1 
ATOM   485  D DA   B THR A 1 28 ? 3.764   -12.253 -3.408  0.19 28.24 ? 28  THR A DA   1 
ATOM   486  D DA   C THR A 1 28 ? 3.809   -12.353 -3.422  0.12 24.70 ? 28  THR A DA   1 
ATOM   487  D DB   A THR A 1 28 ? 4.305   -14.304 -4.481  0.69 29.55 ? 28  THR A DB   1 
ATOM   488  D DB   B THR A 1 28 ? 4.163   -14.503 -2.872  0.19 45.31 ? 28  THR A DB   1 
ATOM   489  D DB   C THR A 1 28 ? 4.216   -14.564 -3.060  0.12 42.69 ? 28  THR A DB   1 
ATOM   490  D DG1  A THR A 1 28 ? 2.208   -15.367 -3.311  0.69 26.84 ? 28  THR A DG1  1 
ATOM   491  D DG1  B THR A 1 28 ? 5.273   -14.765 -4.588  0.19 16.92 ? 28  THR A DG1  1 
ATOM   492  D DG1  C THR A 1 28 ? 4.124   -15.357 -5.229  0.12 12.95 ? 28  THR A DG1  1 
ATOM   493  D DG21 A THR A 1 28 ? 3.879   -14.676 -1.708  0.69 13.21 ? 28  THR A DG21 1 
ATOM   494  D DG21 B THR A 1 28 ? 2.471   -15.450 -4.862  0.19 46.23 ? 28  THR A DG21 1 
ATOM   495  D DG21 C THR A 1 28 ? 1.669   -15.128 -4.117  0.12 40.46 ? 28  THR A DG21 1 
ATOM   496  D DG22 A THR A 1 28 ? 4.877   -15.503 -2.590  0.69 27.69 ? 28  THR A DG22 1 
ATOM   497  D DG22 B THR A 1 28 ? 2.967   -16.206 -3.589  0.19 45.31 ? 28  THR A DG22 1 
ATOM   498  D DG22 C THR A 1 28 ? 2.696   -16.253 -3.773  0.12 41.68 ? 28  THR A DG22 1 
ATOM   499  D DG23 A THR A 1 28 ? 5.125   -13.988 -2.332  0.69 21.53 ? 28  THR A DG23 1 
ATOM   500  D DG23 B THR A 1 28 ? 1.833   -15.138 -3.470  0.19 43.19 ? 28  THR A DG23 1 
ATOM   501  D DG23 C THR A 1 28 ? 2.106   -15.359 -2.635  0.12 39.83 ? 28  THR A DG23 1 
ATOM   502  N N    . PRO A 1 29 ? 3.015   -11.689 -5.679  1.00 11.77 ? 29  PRO A N    1 
ATOM   503  C CA   . PRO A 1 29 ? 4.358   -11.149 -5.456  1.00 11.17 ? 29  PRO A CA   1 
ATOM   504  C C    . PRO A 1 29 ? 4.432   -10.148 -4.297  1.00 10.30 ? 29  PRO A C    1 
ATOM   505  O O    . PRO A 1 29 ? 3.427   -9.637  -3.819  1.00 11.37 ? 29  PRO A O    1 
ATOM   506  C CB   . PRO A 1 29 ? 4.667   -10.443 -6.768  1.00 14.05 ? 29  PRO A CB   1 
ATOM   507  C CG   . PRO A 1 29 ? 3.377   -10.064 -7.299  1.00 13.58 ? 29  PRO A CG   1 
ATOM   508  C CD   . PRO A 1 29 ? 2.417   -11.156 -6.910  1.00 12.96 ? 29  PRO A CD   1 
ATOM   509  D DA   . PRO A 1 29 ? 5.008   -11.862 -5.306  1.00 7.47  ? 29  PRO A DA   1 
ATOM   510  D DB2  . PRO A 1 29 ? 5.129   -11.026 -7.380  1.00 11.89 ? 29  PRO A DB2  1 
ATOM   511  D DB3  . PRO A 1 29 ? 5.183   -9.654  -6.575  1.00 20.36 ? 29  PRO A DB3  1 
ATOM   512  D DG2  . PRO A 1 29 ? 3.101   -9.214  -6.910  1.00 13.21 ? 29  PRO A DG2  1 
ATOM   513  D DG3  . PRO A 1 29 ? 3.453   -9.991  -8.266  1.00 9.55  ? 29  PRO A DG3  1 
ATOM   514  D DD2  . PRO A 1 29 ? 1.540   -10.758 -6.754  1.00 12.02 ? 29  PRO A DD2  1 
ATOM   515  D DD3  . PRO A 1 29 ? 2.376   -11.857 -7.579  1.00 13.42 ? 29  PRO A DD3  1 
ATOM   516  N N    . VAL A 1 30 ? 5.649   -9.885  -3.847  1.00 11.78 ? 30  VAL A N    1 
ATOM   517  C CA   . VAL A 1 30 ? 5.924   -8.934  -2.785  1.00 12.40 ? 30  VAL A CA   1 
ATOM   518  C C    . VAL A 1 30 ? 5.827   -7.500  -3.302  1.00 9.83  ? 30  VAL A C    1 
ATOM   519  O O    . VAL A 1 30 ? 6.314   -7.172  -4.391  1.00 13.52 ? 30  VAL A O    1 
ATOM   520  C CB   . VAL A 1 30 ? 7.317   -9.212  -2.180  1.00 15.99 ? 30  VAL A CB   1 
ATOM   521  C CG1  . VAL A 1 30 ? 7.666   -8.225  -1.076  1.00 20.42 ? 30  VAL A CG1  1 
ATOM   522  C CG2  . VAL A 1 30 ? 7.386   -10.631 -1.653  1.00 19.52 ? 30  VAL A CG2  1 
ATOM   523  D D    . VAL A 1 30 ? 6.358   -10.243 -4.154  1.00 18.29 ? 30  VAL A D    1 
ATOM   524  D DA   . VAL A 1 30 ? 5.262   -9.043  -2.074  1.00 20.02 ? 30  VAL A DA   1 
ATOM   525  D DB   . VAL A 1 30 ? 7.997   -9.108  -2.876  1.00 16.93 ? 30  VAL A DB   1 
ATOM   526  H HG11 . VAL A 1 30 ? 8.488   -8.502  -0.659  1.00 21.99 ? 30  VAL A HG11 1 
ATOM   527  H HG12 . VAL A 1 30 ? 7.767   -7.344  -1.456  1.00 21.35 ? 30  VAL A HG12 1 
ATOM   528  H HG13 . VAL A 1 30 ? 6.965   -8.221  -0.418  1.00 23.05 ? 30  VAL A HG13 1 
ATOM   529  H HG21 . VAL A 1 30 ? 8.251   -10.760 -1.251  1.00 21.94 ? 30  VAL A HG21 1 
ATOM   530  H HG22 . VAL A 1 30 ? 6.695   -10.764 -0.993  1.00 20.68 ? 30  VAL A HG22 1 
ATOM   531  H HG23 . VAL A 1 30 ? 7.280   -11.256 -2.378  1.00 24.75 ? 30  VAL A HG23 1 
ATOM   532  N N    . GLY A 1 31 ? 5.182   -6.655  -2.504  1.00 8.81  ? 31  GLY A N    1 
ATOM   533  C CA   . GLY A 1 31 ? 5.034   -5.247  -2.806  1.00 8.12  ? 31  GLY A CA   1 
ATOM   534  C C    . GLY A 1 31 ? 5.806   -4.380  -1.840  1.00 7.78  ? 31  GLY A C    1 
ATOM   535  O O    . GLY A 1 31 ? 6.846   -4.773  -1.326  1.00 9.33  ? 31  GLY A O    1 
ATOM   536  D D    . GLY A 1 31 ? 4.841   -6.895  -1.748  1.00 13.94 ? 31  GLY A D    1 
ATOM   537  D DA2  . GLY A 1 31 ? 5.339   -5.095  -3.717  1.00 14.74 ? 31  GLY A DA2  1 
ATOM   538  D DA3  . GLY A 1 31 ? 4.110   -4.979  -2.744  1.00 4.93  ? 31  GLY A DA3  1 
ATOM   539  N N    . ILE A 1 32 ? 5.273   -3.195  -1.583  1.00 7.74  ? 32  ILE A N    1 
ATOM   540  C CA   . ILE A 1 32 ? 5.892   -2.285  -0.643  1.00 7.08  ? 32  ILE A CA   1 
ATOM   541  C C    . ILE A 1 32 ? 5.933   -2.961  0.725   1.00 8.37  ? 32  ILE A C    1 
ATOM   542  O O    . ILE A 1 32 ? 4.924   -3.519  1.164   1.00 8.87  ? 32  ILE A O    1 
ATOM   543  C CB   . ILE A 1 32 ? 5.116   -0.973  -0.555  1.00 7.52  ? 32  ILE A CB   1 
ATOM   544  C CG1  . ILE A 1 32 ? 5.156   -0.221  -1.896  1.00 9.17  ? 32  ILE A CG1  1 
ATOM   545  C CG2  . ILE A 1 32 ? 5.609   -0.082  0.593   1.00 9.34  ? 32  ILE A CG2  1 
ATOM   546  C CD1  . ILE A 1 32 ? 4.310   1.016   -1.944  1.00 11.39 ? 32  ILE A CD1  1 
ATOM   547  D D    . ILE A 1 32 ? 4.528   -2.925  -1.910  1.00 8.60  ? 32  ILE A D    1 
ATOM   548  D DA   . ILE A 1 32 ? 6.812   -2.123  -0.920  1.00 5.98  ? 32  ILE A DA   1 
ATOM   549  D DB   . ILE A 1 32 ? 4.205   -1.226  -0.348  1.00 5.37  ? 32  ILE A DB   1 
ATOM   550  D DG12 . ILE A 1 32 ? 6.072   0.034   -2.072  1.00 14.39 ? 32  ILE A DG12 1 
ATOM   551  D DG13 . ILE A 1 32 ? 4.845   -0.822  -2.601  1.00 9.01  ? 32  ILE A DG13 1 
ATOM   552  D DG21 . ILE A 1 32 ? 5.052   0.714   0.618   1.00 10.48 ? 32  ILE A DG21 1 
ATOM   553  D DG22 . ILE A 1 32 ? 5.551   -0.554  1.437   1.00 11.47 ? 32  ILE A DG22 1 
ATOM   554  D DG23 . ILE A 1 32 ? 6.521   0.169   0.429   1.00 10.88 ? 32  ILE A DG23 1 
ATOM   555  D DD11 . ILE A 1 32 ? 4.635   1.666   -1.312  1.00 10.59 ? 32  ILE A DD11 1 
ATOM   556  D DD12 . ILE A 1 32 ? 4.353   1.365   -2.841  1.00 10.13 ? 32  ILE A DD12 1 
ATOM   557  D DD13 . ILE A 1 32 ? 3.407   0.772   -1.722  1.00 22.02 ? 32  ILE A DD13 1 
ATOM   558  N N    . PRO A 1 33 ? 7.083   -2.948  1.394   1.00 8.98  ? 33  PRO A N    1 
ATOM   559  C CA   A PRO A 1 33 ? 7.161   -3.621  2.697   0.59 11.30 ? 33  PRO A CA   1 
ATOM   560  C CA   B PRO A 1 33 ? 7.136   -3.647  2.680   0.41 12.91 ? 33  PRO A CA   1 
ATOM   561  C C    . PRO A 1 33 ? 6.231   -3.014  3.737   1.00 10.38 ? 33  PRO A C    1 
ATOM   562  O O    . PRO A 1 33 ? 6.056   -1.799  3.799   1.00 10.62 ? 33  PRO A O    1 
ATOM   563  C CB   A PRO A 1 33 ? 8.609   -3.405  3.131   0.59 12.70 ? 33  PRO A CB   1 
ATOM   564  C CB   B PRO A 1 33 ? 8.606   -3.526  3.082   0.41 15.19 ? 33  PRO A CB   1 
ATOM   565  C CG   A PRO A 1 33 ? 9.363   -3.158  1.859   0.59 13.57 ? 33  PRO A CG   1 
ATOM   566  C CG   B PRO A 1 33 ? 9.056   -2.255  2.445   0.41 12.60 ? 33  PRO A CG   1 
ATOM   567  C CD   A PRO A 1 33 ? 8.406   -2.510  0.912   0.59 7.59  ? 33  PRO A CD   1 
ATOM   568  C CD   B PRO A 1 33 ? 8.321   -2.196  1.127   0.41 10.75 ? 33  PRO A CD   1 
ATOM   569  D DA   A PRO A 1 33 ? 6.972   -4.577  2.591   0.59 20.29 ? 33  PRO A DA   1 
ATOM   570  D DA   B PRO A 1 33 ? 6.898   -4.590  2.559   0.41 20.08 ? 33  PRO A DA   1 
ATOM   571  D DB2  A PRO A 1 33 ? 8.935   -4.199  3.595   0.59 5.51  ? 33  PRO A DB2  1 
ATOM   572  D DB2  B PRO A 1 33 ? 9.106   -4.285  2.736   0.41 14.33 ? 33  PRO A DB2  1 
ATOM   573  D DB3  A PRO A 1 33 ? 8.642   -2.632  3.715   0.59 22.70 ? 33  PRO A DB3  1 
ATOM   574  D DB3  B PRO A 1 33 ? 8.676   -3.475  4.048   0.41 21.13 ? 33  PRO A DB3  1 
ATOM   575  D DG2  A PRO A 1 33 ? 10.108  -2.566  2.026   0.59 19.65 ? 33  PRO A DG2  1 
ATOM   576  D DG2  B PRO A 1 33 ? 8.811   -1.504  3.005   0.41 7.72  ? 33  PRO A DG2  1 
ATOM   577  D DG3  A PRO A 1 33 ? 9.670   -4.005  1.507   0.59 15.73 ? 33  PRO A DG3  1 
ATOM   578  D DG3  B PRO A 1 33 ? 10.012  -2.274  2.298   0.41 18.59 ? 33  PRO A DG3  1 
ATOM   579  D DD2  A PRO A 1 33 ? 8.453   -1.538  0.957   0.59 3.83  ? 33  PRO A DD2  1 
ATOM   580  D DD2  B PRO A 1 33 ? 8.113   -1.277  0.888   0.41 3.68  ? 33  PRO A DD2  1 
ATOM   581  D DD3  A PRO A 1 33 ? 8.591   -2.818  0.015   0.59 1.33  ? 33  PRO A DD3  1 
ATOM   582  D DD3  B PRO A 1 33 ? 8.840   -2.637  0.435   0.41 15.90 ? 33  PRO A DD3  1 
ATOM   583  N N    . ALA A 1 34 ? 5.669   -3.869  4.581   1.00 12.91 ? 34  ALA A N    1 
ATOM   584  C CA   . ALA A 1 34 ? 4.756   -3.417  5.628   1.00 12.76 ? 34  ALA A CA   1 
ATOM   585  C C    . ALA A 1 34 ? 5.368   -2.371  6.543   1.00 13.08 ? 34  ALA A C    1 
ATOM   586  O O    . ALA A 1 34 ? 4.662   -1.522  7.067   1.00 14.55 ? 34  ALA A O    1 
ATOM   587  C CB   . ALA A 1 34 ? 4.223   -4.605  6.445   1.00 15.03 ? 34  ALA A CB   1 
ATOM   588  D D    . ALA A 1 34 ? 5.790   -4.720  4.561   1.00 23.60 ? 34  ALA A D    1 
ATOM   589  D DA   . ALA A 1 34 ? 3.980   -2.991  5.217   1.00 13.15 ? 34  ALA A DA   1 
ATOM   590  D DB1  . ALA A 1 34 ? 4.954   -5.149  6.760   1.00 10.57 ? 34  ALA A DB1  1 
ATOM   591  D DB2  . ALA A 1 34 ? 3.739   -4.257  7.197   1.00 16.20 ? 34  ALA A DB2  1 
ATOM   592  D DB3  . ALA A 1 34 ? 3.625   -5.128  5.901   1.00 17.76 ? 34  ALA A DB3  1 
ATOM   593  N N    . ASP A 1 35 ? 6.680   -2.417  6.722   1.00 16.12 ? 35  ASP A N    1 
ATOM   594  C CA   A ASP A 1 35 ? 7.365   -1.463  7.593   0.72 20.01 ? 35  ASP A CA   1 
ATOM   595  C CA   B ASP A 1 35 ? 7.366   -1.468  7.596   0.28 21.67 ? 35  ASP A CA   1 
ATOM   596  C C    . ASP A 1 35 ? 7.241   -0.021  7.108   1.00 18.92 ? 35  ASP A C    1 
ATOM   597  O O    . ASP A 1 35 ? 7.432   0.904   7.875   1.00 18.08 ? 35  ASP A O    1 
ATOM   598  C CB   A ASP A 1 35 ? 8.848   -1.836  7.741   0.72 23.59 ? 35  ASP A CB   1 
ATOM   599  C CB   B ASP A 1 35 ? 8.849   -1.843  7.780   0.28 25.31 ? 35  ASP A CB   1 
ATOM   600  C CG   A ASP A 1 35 ? 9.064   -3.339  7.915   0.72 26.87 ? 35  ASP A CG   1 
ATOM   601  C CG   B ASP A 1 35 ? 9.305   -2.970  6.853   0.28 25.36 ? 35  ASP A CG   1 
ATOM   602  O OD1  A ASP A 1 35 ? 8.962   -4.096  6.913   0.72 27.60 ? 35  ASP A OD1  1 
ATOM   603  O OD1  B ASP A 1 35 ? 8.543   -3.942  6.650   0.28 25.20 ? 35  ASP A OD1  1 
ATOM   604  O OD2  A ASP A 1 35 ? 9.345   -3.761  9.055   0.72 28.68 ? 35  ASP A OD2  1 
ATOM   605  O OD2  B ASP A 1 35 ? 10.438  -2.887  6.333   0.28 25.63 ? 35  ASP A OD2  1 
ATOM   606  D D    . ASP A 1 35 ? 7.183   -2.999  6.352   1.00 18.72 ? 35  ASP A D    1 
ATOM   607  D DA   A ASP A 1 35 ? 6.953   -1.483  8.477   0.72 25.43 ? 35  ASP A DA   1 
ATOM   608  D DA   B ASP A 1 35 ? 6.945   -1.501  8.478   0.28 27.20 ? 35  ASP A DA   1 
ATOM   609  D DB2  A ASP A 1 35 ? 9.345   -1.548  6.955   0.72 32.97 ? 35  ASP A DB2  1 
ATOM   610  D DB2  B ASP A 1 35 ? 9.397   -1.063  7.598   0.28 33.39 ? 35  ASP A DB2  1 
ATOM   611  D DB3  A ASP A 1 35 ? 9.189   -1.383  8.538   0.72 16.30 ? 35  ASP A DB3  1 
ATOM   612  D DB3  B ASP A 1 35 ? 8.987   -2.138  8.696   0.28 20.98 ? 35  ASP A DB3  1 
ATOM   613  N N    A ASP A 1 36 ? 6.896   0.167   5.837   0.89 18.17 ? 36  ASP A N    1 
ATOM   614  N N    B ASP A 1 36 ? 6.890   0.160   5.838   0.11 25.37 ? 36  ASP A N    1 
ATOM   615  C CA   A ASP A 1 36 ? 6.790   1.498   5.253   0.89 12.54 ? 36  ASP A CA   1 
ATOM   616  C CA   B ASP A 1 36 ? 6.800   1.495   5.252   0.11 18.53 ? 36  ASP A CA   1 
ATOM   617  C C    A ASP A 1 36 ? 5.427   2.142   5.421   0.89 12.15 ? 36  ASP A C    1 
ATOM   618  C C    B ASP A 1 36 ? 5.455   2.177   5.491   0.11 16.07 ? 36  ASP A C    1 
ATOM   619  O O    A ASP A 1 36 ? 5.221   3.256   4.957   0.89 13.33 ? 36  ASP A O    1 
ATOM   620  O O    B ASP A 1 36 ? 5.295   3.350   5.153   0.11 16.42 ? 36  ASP A O    1 
ATOM   621  C CB   A ASP A 1 36 ? 7.156   1.448   3.763   0.89 12.84 ? 36  ASP A CB   1 
ATOM   622  C CB   B ASP A 1 36 ? 7.071   1.433   3.746   0.11 16.00 ? 36  ASP A CB   1 
ATOM   623  C CG   A ASP A 1 36 ? 8.648   1.590   3.531   0.89 17.19 ? 36  ASP A CG   1 
ATOM   624  C CG   B ASP A 1 36 ? 8.513   1.089   3.427   0.11 16.83 ? 36  ASP A CG   1 
ATOM   625  O OD1  A ASP A 1 36 ? 9.412   1.641   4.514   0.89 19.48 ? 36  ASP A OD1  1 
ATOM   626  O OD1  B ASP A 1 36 ? 9.253   0.698   4.354   0.11 17.06 ? 36  ASP A OD1  1 
ATOM   627  O OD2  A ASP A 1 36 ? 9.060   1.653   2.365   0.89 19.62 ? 36  ASP A OD2  1 
ATOM   628  O OD2  B ASP A 1 36 ? 8.906   1.202   2.247   0.11 17.22 ? 36  ASP A OD2  1 
ATOM   629  D D    A ASP A 1 36 ? 6.709   -0.461  5.284   0.89 38.70 ? 36  ASP A D    1 
ATOM   630  D D    B ASP A 1 36 ? 6.697   -0.474  5.290   0.11 39.48 ? 36  ASP A D    1 
ATOM   631  D DA   A ASP A 1 36 ? 7.443   2.072   5.708   0.89 8.68  ? 36  ASP A DA   1 
ATOM   632  D DA   B ASP A 1 36 ? 7.494   2.058   5.656   0.11 16.64 ? 36  ASP A DA   1 
ATOM   633  D DB2  A ASP A 1 36 ? 6.873   0.591   3.398   0.89 9.31  ? 36  ASP A DB2  1 
ATOM   634  D DB2  B ASP A 1 36 ? 6.502   0.757   3.345   0.11 12.95 ? 36  ASP A DB2  1 
ATOM   635  D DB3  A ASP A 1 36 ? 6.701   2.167   3.286   0.89 9.92  ? 36  ASP A DB3  1 
ATOM   636  D DB3  B ASP A 1 36 ? 6.878   2.301   3.357   0.11 15.18 ? 36  ASP A DB3  1 
ATOM   637  N N    . ILE A 1 37 ? 4.495   1.465   6.075   1.00 13.56 ? 37  ILE A N    1 
ATOM   638  C CA   . ILE A 1 37 ? 3.168   2.031   6.266   1.00 11.86 ? 37  ILE A CA   1 
ATOM   639  C C    . ILE A 1 37 ? 3.201   3.470   6.836   1.00 12.55 ? 37  ILE A C    1 
ATOM   640  O O    . ILE A 1 37 ? 2.539   4.348   6.307   1.00 14.04 ? 37  ILE A O    1 
ATOM   641  C CB   . ILE A 1 37 ? 2.265   1.079   7.062   1.00 11.67 ? 37  ILE A CB   1 
ATOM   642  C CG1  . ILE A 1 37 ? 1.797   -0.027  6.124   1.00 14.18 ? 37  ILE A CG1  1 
ATOM   643  C CG2  . ILE A 1 37 ? 1.030   1.754   7.613   1.00 11.99 ? 37  ILE A CG2  1 
ATOM   644  C CD1  . ILE A 1 37 ? 1.039   -1.152  6.785   1.00 13.81 ? 37  ILE A CD1  1 
ATOM   645  D D    . ILE A 1 37 ? 4.591   0.663   6.389   1.00 18.55 ? 37  ILE A D    1 
ATOM   646  D DA   . ILE A 1 37 ? 2.784   2.095   5.370   1.00 11.15 ? 37  ILE A DA   1 
ATOM   647  D DB   . ILE A 1 37 ? 2.780   0.729   7.798   1.00 11.46 ? 37  ILE A DB   1 
ATOM   648  D DG12 . ILE A 1 37 ? 1.198   0.388   5.489   1.00 21.94 ? 37  ILE A DG12 1 
ATOM   649  D DG13 . ILE A 1 37 ? 2.565   -0.394  5.653   1.00 14.61 ? 37  ILE A DG13 1 
ATOM   650  D DG21 . ILE A 1 37 ? 0.467   1.026   7.882   1.00 8.41  ? 37  ILE A DG21 1 
ATOM   651  D DG22 . ILE A 1 37 ? 1.260   2.306   8.369   1.00 13.19 ? 37  ILE A DG22 1 
ATOM   652  D DG23 . ILE A 1 37 ? 0.590   2.268   6.934   1.00 6.81  ? 37  ILE A DG23 1 
ATOM   653  D DD11 . ILE A 1 37 ? 0.298   -0.804  7.292   1.00 9.99  ? 37  ILE A DD11 1 
ATOM   654  D DD12 . ILE A 1 37 ? 0.713   -1.728  6.083   1.00 11.73 ? 37  ILE A DD12 1 
ATOM   655  D DD13 . ILE A 1 37 ? 1.651   -1.610  7.370   1.00 16.12 ? 37  ILE A DD13 1 
ATOM   656  N N    . PRO A 1 38 ? 3.976   3.725   7.905   1.00 14.06 ? 38  PRO A N    1 
ATOM   657  C CA   . PRO A 1 38 ? 4.000   5.089   8.416   1.00 16.51 ? 38  PRO A CA   1 
ATOM   658  C C    . PRO A 1 38 ? 4.492   6.109   7.403   1.00 16.31 ? 38  PRO A C    1 
ATOM   659  O O    . PRO A 1 38 ? 3.988   7.231   7.412   1.00 17.44 ? 38  PRO A O    1 
ATOM   660  C CB   . PRO A 1 38 ? 4.976   5.009   9.587   1.00 20.15 ? 38  PRO A CB   1 
ATOM   661  C CG   . PRO A 1 38 ? 5.096   3.622   9.925   1.00 23.33 ? 38  PRO A CG   1 
ATOM   662  C CD   . PRO A 1 38 ? 4.790   2.832   8.737   1.00 16.61 ? 38  PRO A CD   1 
ATOM   663  D DA   . PRO A 1 38 ? 3.113   5.338   8.736   1.00 15.89 ? 38  PRO A DA   1 
ATOM   664  D DB2  . PRO A 1 38 ? 4.585   5.480   10.323  1.00 12.32 ? 38  PRO A DB2  1 
ATOM   665  D DB3  . PRO A 1 38 ? 5.835   5.380   9.332   1.00 28.98 ? 38  PRO A DB3  1 
ATOM   666  D DG2  . PRO A 1 38 ? 6.015   3.453   10.163  1.00 28.62 ? 38  PRO A DG2  1 
ATOM   667  D DG3  . PRO A 1 38 ? 4.492   3.398   10.651  1.00 29.23 ? 38  PRO A DG3  1 
ATOM   668  D DD2  . PRO A 1 38 ? 5.622   2.634   8.293   1.00 19.31 ? 38  PRO A DD2  1 
ATOM   669  D DD3  . PRO A 1 38 ? 4.270   2.047   8.961   1.00 12.32 ? 38  PRO A DD3  1 
ATOM   670  N N    . ARG A 1 39 ? 5.437   5.733   6.545   1.00 18.83 ? 39  ARG A N    1 
ATOM   671  C CA   . ARG A 1 39 ? 5.946   6.631   5.512   1.00 18.80 ? 39  ARG A CA   1 
ATOM   672  C C    . ARG A 1 39 ? 4.891   6.965   4.470   1.00 15.16 ? 39  ARG A C    1 
ATOM   673  O O    . ARG A 1 39 ? 4.912   8.044   3.861   1.00 15.15 ? 39  ARG A O    1 
ATOM   674  C CB   . ARG A 1 39 ? 7.101   5.986   4.763   1.00 24.91 ? 39  ARG A CB   1 
ATOM   675  C CG   . ARG A 1 39 ? 8.279   5.638   5.594   1.00 31.75 ? 39  ARG A CG   1 
ATOM   676  C CD   . ARG A 1 39 ? 9.449   5.194   4.711   1.00 40.21 ? 39  ARG A CD   1 
ATOM   677  N NE   . ARG A 1 39 ? 9.674   6.110   3.596   1.00 48.24 ? 39  ARG A NE   1 
ATOM   678  C CZ   . ARG A 1 39 ? 10.203  5.762   2.425   1.00 54.93 ? 39  ARG A CZ   1 
ATOM   679  N NH1  . ARG A 1 39 ? 10.562  4.506   2.189   1.00 55.94 ? 39  ARG A NH1  1 
ATOM   680  N NH2  . ARG A 1 39 ? 10.366  6.674   1.475   1.00 60.54 ? 39  ARG A NH2  1 
ATOM   681  D D    . ARG A 1 39 ? 5.790   4.956   6.521   1.00 29.82 ? 39  ARG A D    1 
ATOM   682  D DA   . ARG A 1 39 ? 6.269   7.452   5.940   1.00 20.43 ? 39  ARG A DA   1 
ATOM   683  D DB2  . ARG A 1 39 ? 6.782   5.162   4.374   1.00 22.38 ? 39  ARG A DB2  1 
ATOM   684  D DB3  . ARG A 1 39 ? 7.386   6.597   4.066   1.00 29.15 ? 39  ARG A DB3  1 
ATOM   685  D DG2  . ARG A 1 39 ? 8.533   6.411   6.121   1.00 35.98 ? 39  ARG A DG2  1 
ATOM   686  D DG3  . ARG A 1 39 ? 8.032   4.890   6.160   1.00 26.24 ? 39  ARG A DG3  1 
ATOM   687  D DD2  . ARG A 1 39 ? 10.255  5.174   5.252   1.00 29.29 ? 39  ARG A DD2  1 
ATOM   688  D DD3  . ARG A 1 39 ? 9.257   4.315   4.348   1.00 51.91 ? 39  ARG A DD3  1 
ATOM   689  D DE   . ARG A 1 39 ? 9.258   6.860   3.625   1.00 50.30 ? 39  ARG A DE   1 
ATOM   690  D DH11 . ARG A 1 39 ? 10.459  3.902   2.792   1.00 67.28 ? 39  ARG A DH11 1 
ATOM   691  D DH12 . ARG A 1 39 ? 10.899  4.295   1.426   1.00 45.66 ? 39  ARG A DH12 1 
ATOM   692  D DH21 . ARG A 1 39 ? 10.705  6.450   0.718   1.00 64.85 ? 39  ARG A DH21 1 
ATOM   693  D DH22 . ARG A 1 39 ? 10.137  7.489   1.617   1.00 62.10 ? 39  ARG A DH22 1 
ATOM   694  N N    . LEU A 1 40 ? 3.998   6.013   4.221   1.00 13.87 ? 40  LEU A N    1 
ATOM   695  C CA   . LEU A 1 40 ? 3.027   6.173   3.169   1.00 10.89 ? 40  LEU A CA   1 
ATOM   696  C C    . LEU A 1 40 ? 1.875   7.098   3.531   1.00 11.17 ? 40  LEU A C    1 
ATOM   697  O O    . LEU A 1 40 ? 1.177   7.568   2.646   1.00 12.23 ? 40  LEU A O    1 
ATOM   698  C CB   . LEU A 1 40 ? 2.436   4.821   2.800   1.00 10.91 ? 40  LEU A CB   1 
ATOM   699  C CG   . LEU A 1 40 ? 3.361   3.834   2.081   1.00 17.22 ? 40  LEU A CG   1 
ATOM   700  C CD1  . LEU A 1 40 ? 2.764   2.434   2.061   1.00 20.63 ? 40  LEU A CD1  1 
ATOM   701  C CD2  . LEU A 1 40 ? 3.635   4.293   0.656   1.00 21.71 ? 40  LEU A CD2  1 
ATOM   702  D D    . LEU A 1 40 ? 3.949   5.262   4.638   1.00 26.17 ? 40  LEU A D    1 
ATOM   703  D DA   . LEU A 1 40 ? 3.498   6.568   2.397   1.00 7.17  ? 40  LEU A DA   1 
ATOM   704  D DB2  . LEU A 1 40 ? 2.097   4.426   3.622   1.00 10.93 ? 40  LEU A DB2  1 
ATOM   705  D DB3  . LEU A 1 40 ? 1.689   5.010   2.206   1.00 12.73 ? 40  LEU A DB3  1 
ATOM   706  D DG   . LEU A 1 40 ? 4.203   3.800   2.552   1.00 26.74 ? 40  LEU A DG   1 
ATOM   707  H HD11 . LEU A 1 40 ? 3.323   1.863   1.523   1.00 28.30 ? 40  LEU A HD11 1 
ATOM   708  H HD12 . LEU A 1 40 ? 2.738   2.106   2.966   1.00 16.26 ? 40  LEU A HD12 1 
ATOM   709  H HD13 . LEU A 1 40 ? 1.872   2.472   1.693   1.00 29.46 ? 40  LEU A HD13 1 
ATOM   710  H HD21 . LEU A 1 40 ? 4.217   3.645   0.237   1.00 24.86 ? 40  LEU A HD21 1 
ATOM   711  H HD22 . LEU A 1 40 ? 2.793   4.340   0.188   1.00 35.31 ? 40  LEU A HD22 1 
ATOM   712  H HD23 . LEU A 1 40 ? 4.051   5.161   0.668   1.00 13.20 ? 40  LEU A HD23 1 
ATOM   713  N N    . VAL A 1 41 ? 1.662   7.349   4.814   1.00 11.64 ? 41  VAL A N    1 
ATOM   714  C CA   . VAL A 1 41 ? 0.572   8.199   5.233   1.00 11.78 ? 41  VAL A CA   1 
ATOM   715  C C    . VAL A 1 41 ? 0.694   9.561   4.560   1.00 11.77 ? 41  VAL A C    1 
ATOM   716  O O    . VAL A 1 41 ? 1.743   10.195  4.605   1.00 13.16 ? 41  VAL A O    1 
ATOM   717  C CB   . VAL A 1 41 ? 0.534   8.343   6.762   1.00 14.62 ? 41  VAL A CB   1 
ATOM   718  C CG1  . VAL A 1 41 ? -0.514  9.371   7.174   1.00 17.81 ? 41  VAL A CG1  1 
ATOM   719  C CG2  . VAL A 1 41 ? 0.280   6.995   7.429   1.00 18.87 ? 41  VAL A CG2  1 
ATOM   720  D D    . VAL A 1 41 ? 2.142   7.054   5.455   1.00 15.17 ? 41  VAL A D    1 
ATOM   721  D DA   . VAL A 1 41 ? -0.283  7.814   4.938   1.00 9.06  ? 41  VAL A DA   1 
ATOM   722  D DB   . VAL A 1 41 ? 1.396   8.668   7.097   1.00 12.71 ? 41  VAL A DB   1 
ATOM   723  H HG11 . VAL A 1 41 ? -0.464  9.483   8.127   1.00 19.66 ? 41  VAL A HG11 1 
ATOM   724  H HG12 . VAL A 1 41 ? -0.341  10.206  6.726   1.00 30.75 ? 41  VAL A HG12 1 
ATOM   725  H HG13 . VAL A 1 41 ? -1.384  9.047   6.932   1.00 10.89 ? 41  VAL A HG13 1 
ATOM   726  H HG21 . VAL A 1 41 ? 1.007   6.792   8.025   1.00 27.00 ? 41  VAL A HG21 1 
ATOM   727  H HG22 . VAL A 1 41 ? -0.532  7.060   7.943   1.00 9.47  ? 41  VAL A HG22 1 
ATOM   728  H HG23 . VAL A 1 41 ? 0.205   6.319   6.750   1.00 28.51 ? 41  VAL A HG23 1 
ATOM   729  N N    . SER A 1 42 ? -0.410  9.985   3.948   1.00 13.39 ? 42  SER A N    1 
ATOM   730  C CA   . SER A 1 42 ? -0.543  11.260  3.224   1.00 13.12 ? 42  SER A CA   1 
ATOM   731  C C    . SER A 1 42 ? 0.014   11.271  1.812   1.00 12.91 ? 42  SER A C    1 
ATOM   732  O O    . SER A 1 42 ? -0.146  12.247  1.112   1.00 15.77 ? 42  SER A O    1 
ATOM   733  C CB   . SER A 1 42 ? -0.050  12.484  4.025   1.00 17.81 ? 42  SER A CB   1 
ATOM   734  O OG   . SER A 1 42 ? -0.187  13.647  3.254   1.00 30.05 ? 42  SER A OG   1 
ATOM   735  D D    . SER A 1 42 ? -1.132  9.516   3.927   1.00 22.84 ? 42  SER A D    1 
ATOM   736  D DA   . SER A 1 42 ? -1.491  11.410  3.093   1.00 9.32  ? 42  SER A DA   1 
ATOM   737  D DB2  . SER A 1 42 ? -0.610  12.613  4.809   1.00 17.70 ? 42  SER A DB2  1 
ATOM   738  D DB3  . SER A 1 42 ? 0.879   12.387  4.284   1.00 12.24 ? 42  SER A DB3  1 
ATOM   739  D DG   . SER A 1 42 ? -0.968  13.715  3.025   1.00 41.00 ? 42  SER A DG   1 
ATOM   740  N N    A MET A 1 43 ? 0.599   10.169  1.374   0.68 10.74 ? 43  MET A N    1 
ATOM   741  N N    B MET A 1 43 ? 0.673   10.193  1.399   0.32 15.14 ? 43  MET A N    1 
ATOM   742  C CA   A MET A 1 43 ? 1.033   10.063  0.002   0.68 10.27 ? 43  MET A CA   1 
ATOM   743  C CA   B MET A 1 43 ? 1.050   10.045  0.002   0.32 16.31 ? 43  MET A CA   1 
ATOM   744  C C    A MET A 1 43 ? -0.160  9.636   -0.826  0.68 10.42 ? 43  MET A C    1 
ATOM   745  C C    B MET A 1 43 ? -0.219  9.746   -0.788  0.32 14.59 ? 43  MET A C    1 
ATOM   746  O O    A MET A 1 43 ? -1.022  8.929   -0.342  0.68 12.50 ? 43  MET A O    1 
ATOM   747  O O    B MET A 1 43 ? -1.203  9.271   -0.226  0.32 15.01 ? 43  MET A O    1 
ATOM   748  C CB   A MET A 1 43 ? 2.165   9.055   -0.122  0.68 10.12 ? 43  MET A CB   1 
ATOM   749  C CB   B MET A 1 43 ? 2.067   8.916   -0.188  0.32 16.96 ? 43  MET A CB   1 
ATOM   750  C CG   A MET A 1 43 ? 3.344   9.411   0.753   0.68 12.29 ? 43  MET A CG   1 
ATOM   751  C CG   B MET A 1 43 ? 3.475   9.237   0.298   0.32 19.64 ? 43  MET A CG   1 
ATOM   752  S SD   A MET A 1 43 ? 4.790   8.368   0.475   0.68 15.65 ? 43  MET A SD   1 
ATOM   753  S SD   B MET A 1 43 ? 4.710   8.037   -0.269  0.32 24.93 ? 43  MET A SD   1 
ATOM   754  C CE   A MET A 1 43 ? 5.540   9.108   -0.971  0.68 28.31 ? 43  MET A CE   1 
ATOM   755  C CE   B MET A 1 43 ? 6.181   8.626   0.566   0.32 31.28 ? 43  MET A CE   1 
ATOM   756  D D    A MET A 1 43 ? 0.715   9.447   1.833   0.68 7.05  ? 43  MET A D    1 
ATOM   757  D D    B MET A 1 43 ? 0.904   9.534   1.899   0.32 16.20 ? 43  MET A D    1 
ATOM   758  D DA   A MET A 1 43 ? 1.330   10.944  -0.314  0.68 9.64  ? 43  MET A DA   1 
ATOM   759  D DA   B MET A 1 43 ? 1.440   10.883  -0.322  0.32 18.67 ? 43  MET A DA   1 
ATOM   760  D DB2  A MET A 1 43 ? 1.852   8.174   0.122   0.68 8.90  ? 43  MET A DB2  1 
ATOM   761  D DB2  B MET A 1 43 ? 1.759   8.130   0.290   0.32 17.80 ? 43  MET A DB2  1 
ATOM   762  D DB3  A MET A 1 43 ? 2.473   9.036   -1.033  0.68 12.16 ? 43  MET A DB3  1 
ATOM   763  D DB3  B MET A 1 43 ? 2.128   8.714   -1.132  0.32 14.86 ? 43  MET A DB3  1 
ATOM   764  D DG2  A MET A 1 43 ? 3.588   10.333  0.586   0.68 9.92  ? 43  MET A DG2  1 
ATOM   765  D DG2  B MET A 1 43 ? 3.727   10.108  -0.041  0.32 18.71 ? 43  MET A DG2  1 
ATOM   766  D DG3  A MET A 1 43 ? 3.082   9.328   1.682   0.68 16.65 ? 43  MET A DG3  1 
ATOM   767  D DG3  B MET A 1 43 ? 3.484   9.247   1.267   0.32 17.85 ? 43  MET A DG3  1 
ATOM   768  D DE1  A MET A 1 43 ? 5.879   8.406   -1.530  0.68 34.47 ? 43  MET A DE1  1 
ATOM   769  D DE1  B MET A 1 43 ? 6.945   8.168   0.211   0.32 37.78 ? 43  MET A DE1  1 
ATOM   770  D DE2  A MET A 1 43 ? 4.883   9.624   -1.442  0.68 27.65 ? 43  MET A DE2  1 
ATOM   771  D DE2  B MET A 1 43 ? 6.265   9.572   0.424   0.32 30.03 ? 43  MET A DE2  1 
ATOM   772  D DE3  A MET A 1 43 ? 6.264   9.674   -0.689  0.68 35.48 ? 43  MET A DE3  1 
ATOM   773  D DE3  B MET A 1 43 ? 6.102   8.442   1.504   0.32 32.40 ? 43  MET A DE3  1 
ATOM   774  N N    . GLN A 1 44 ? -0.210  10.060  -2.076  1.00 13.30 ? 44  GLN A N    1 
ATOM   775  C CA   . GLN A 1 44 ? -1.340  9.744   -2.945  1.00 11.99 ? 44  GLN A CA   1 
ATOM   776  C C    . GLN A 1 44 ? -1.043  8.600   -3.879  1.00 10.48 ? 44  GLN A C    1 
ATOM   777  O O    . GLN A 1 44 ? 0.091   8.404   -4.314  1.00 11.99 ? 44  GLN A O    1 
ATOM   778  C CB   . GLN A 1 44 ? -1.705  10.942  -3.810  1.00 17.86 ? 44  GLN A CB   1 
ATOM   779  C CG   . GLN A 1 44 ? -2.403  12.031  -3.082  1.00 23.29 ? 44  GLN A CG   1 
ATOM   780  C CD   . GLN A 1 44 ? -2.756  13.189  -4.004  1.00 35.19 ? 44  GLN A CD   1 
ATOM   781  O OE1  . GLN A 1 44 ? -2.473  13.156  -5.200  1.00 34.27 ? 44  GLN A OE1  1 
ATOM   782  N NE2  . GLN A 1 44 ? -3.390  14.208  -3.453  1.00 48.70 ? 44  GLN A NE2  1 
ATOM   783  D D    . GLN A 1 44 ? 0.413   10.490  -2.464  1.00 26.83 ? 44  GLN A D    1 
ATOM   784  D DA   . GLN A 1 44 ? -2.126  9.481   -2.420  1.00 11.12 ? 44  GLN A DA   1 
ATOM   785  D DB2  . GLN A 1 44 ? -0.897  11.317  -4.203  1.00 18.44 ? 44  GLN A DB2  1 
ATOM   786  D DB3  . GLN A 1 44 ? -2.301  10.637  -4.515  1.00 21.04 ? 44  GLN A DB3  1 
ATOM   787  D DG2  . GLN A 1 44 ? -3.225  11.666  -2.715  1.00 24.92 ? 44  GLN A DG2  1 
ATOM   788  D DG3  . GLN A 1 44 ? -1.831  12.355  -2.369  1.00 15.67 ? 44  GLN A DG3  1 
ATOM   789  D DE21 . GLN A 1 44 ? -3.695  14.146  -2.651  1.00 56.55 ? 44  GLN A DE21 1 
ATOM   790  D DE22 . GLN A 1 44 ? -3.498  14.930  -3.902  1.00 54.59 ? 44  GLN A DE22 1 
ATOM   791  N N    . VAL A 1 45 ? -2.077  7.848   -4.202  1.00 10.99 ? 45  VAL A N    1 
ATOM   792  C CA   . VAL A 1 45 ? -1.964  6.856   -5.222  1.00 9.82  ? 45  VAL A CA   1 
ATOM   793  C C    . VAL A 1 45 ? -2.327  7.435   -6.590  1.00 10.41 ? 45  VAL A C    1 
ATOM   794  O O    . VAL A 1 45 ? -3.107  8.376   -6.697  1.00 12.26 ? 45  VAL A O    1 
ATOM   795  C CB   . VAL A 1 45 ? -2.856  5.638   -4.902  1.00 12.25 ? 45  VAL A CB   1 
ATOM   796  C CG1  . VAL A 1 45 ? -2.337  4.900   -3.671  1.00 17.07 ? 45  VAL A CG1  1 
ATOM   797  C CG2  . VAL A 1 45 ? -4.336  6.047   -4.718  1.00 12.73 ? 45  VAL A CG2  1 
ATOM   798  D D    . VAL A 1 45 ? -2.864  7.909   -3.862  1.00 15.96 ? 45  VAL A D    1 
ATOM   799  D DA   . VAL A 1 45 ? -1.024  6.571   -5.276  1.00 11.23 ? 45  VAL A DA   1 
ATOM   800  D DB   . VAL A 1 45 ? -2.794  5.007   -5.649  1.00 12.94 ? 45  VAL A DB   1 
ATOM   801  H HG11 . VAL A 1 45 ? -2.779  4.047   -3.608  1.00 34.13 ? 45  VAL A HG11 1 
ATOM   802  H HG12 . VAL A 1 45 ? -1.381  4.775   -3.743  1.00 17.15 ? 45  VAL A HG12 1 
ATOM   803  H HG13 . VAL A 1 45 ? -2.542  5.435   -2.897  1.00 12.83 ? 45  VAL A HG13 1 
ATOM   804  H HG21 . VAL A 1 45 ? -4.855  5.253   -4.565  1.00 16.66 ? 45  VAL A HG21 1 
ATOM   805  H HG22 . VAL A 1 45 ? -4.429  6.639   -3.973  1.00 15.99 ? 45  VAL A HG22 1 
ATOM   806  H HG23 . VAL A 1 45 ? -4.649  6.486   -5.518  1.00 7.08  ? 45  VAL A HG23 1 
ATOM   807  N N    . ASN A 1 46 ? -1.725  6.859   -7.630  1.00 11.54 ? 46  ASN A N    1 
ATOM   808  C CA   . ASN A 1 46 ? -1.925  7.343   -9.009  1.00 10.74 ? 46  ASN A CA   1 
ATOM   809  C C    . ASN A 1 46 ? -2.948  6.550   -9.814  1.00 11.20 ? 46  ASN A C    1 
ATOM   810  O O    . ASN A 1 46 ? -3.151  6.808   -10.992 1.00 13.37 ? 46  ASN A O    1 
ATOM   811  C CB   . ASN A 1 46 ? -0.621  7.420   -9.805  1.00 12.14 ? 46  ASN A CB   1 
ATOM   812  C CG   . ASN A 1 46 ? 0.080   6.109   -9.894  1.00 13.54 ? 46  ASN A CG   1 
ATOM   813  O OD1  . ASN A 1 46 ? -0.522  5.050   -9.831  1.00 13.43 ? 46  ASN A OD1  1 
ATOM   814  N ND2  . ASN A 1 46 ? 1.390   6.166   -10.058 1.00 22.46 ? 46  ASN A ND2  1 
ATOM   815  D D    . ASN A 1 46 ? -1.176  6.208   -7.561  1.00 23.38 ? 46  ASN A D    1 
ATOM   816  D DA   . ASN A 1 46 ? -2.262  8.256   -8.958  1.00 13.21 ? 46  ASN A DA   1 
ATOM   817  D DB2  . ASN A 1 46 ? -0.829  7.658   -10.717 1.00 14.10 ? 46  ASN A DB2  1 
ATOM   818  D DB3  . ASN A 1 46 ? -0.025  8.085   -9.426  1.00 12.84 ? 46  ASN A DB3  1 
ATOM   819  D DD21 . ASN A 1 46 ? 1.740   6.809   -10.505 1.00 27.55 ? 46  ASN A DD21 1 
ATOM   820  D DD22 . ASN A 1 46 ? 1.889   5.557   -9.718  1.00 31.43 ? 46  ASN A DD22 1 
ATOM   821  N N    . ARG A 1 47 ? -3.636  5.633   -9.165  1.00 12.27 ? 47  ARG A N    1 
ATOM   822  C CA   . ARG A 1 47 ? -4.666  4.809   -9.787  1.00 10.49 ? 47  ARG A CA   1 
ATOM   823  C C    . ARG A 1 47 ? -5.540  4.319   -8.647  1.00 9.86  ? 47  ARG A C    1 
ATOM   824  O O    . ARG A 1 47 ? -5.120  4.315   -7.493  1.00 11.42 ? 47  ARG A O    1 
ATOM   825  C CB   . ARG A 1 47 ? -4.050  3.624   -10.536 1.00 14.48 ? 47  ARG A CB   1 
ATOM   826  C CG   . ARG A 1 47 ? -3.433  2.596   -9.603  1.00 16.10 ? 47  ARG A CG   1 
ATOM   827  C CD   . ARG A 1 47 ? -2.627  1.603   -10.358 1.00 18.59 ? 47  ARG A CD   1 
ATOM   828  N NE   . ARG A 1 47 ? -1.374  2.236   -10.755 1.00 23.26 ? 47  ARG A NE   1 
ATOM   829  C CZ   . ARG A 1 47 ? -0.341  1.597   -11.279 1.00 28.12 ? 47  ARG A CZ   1 
ATOM   830  N NH1  . ARG A 1 47 ? 0.751   2.262   -11.597 1.00 31.33 ? 47  ARG A NH1  1 
ATOM   831  N NH2  . ARG A 1 47 ? -0.397  0.300   -11.480 1.00 33.02 ? 47  ARG A NH2  1 
ATOM   832  D D    . ARG A 1 47 ? -3.534  5.477   -8.332  1.00 28.89 ? 47  ARG A D    1 
ATOM   833  D DA   . ARG A 1 47 ? -5.218  5.320   -10.423 1.00 9.13  ? 47  ARG A DA   1 
ATOM   834  D DB2  . ARG A 1 47 ? -4.701  3.166   -11.102 1.00 15.31 ? 47  ARG A DB2  1 
ATOM   835  D DB3  . ARG A 1 47 ? -3.360  3.982   -11.119 1.00 15.47 ? 47  ARG A DB3  1 
ATOM   836  D DG2  . ARG A 1 47 ? -2.837  3.068   -9.017  1.00 9.68  ? 47  ARG A DG2  1 
ATOM   837  D DG3  . ARG A 1 47 ? -4.110  2.125   -9.105  1.00 25.29 ? 47  ARG A DG3  1 
ATOM   838  D DD2  . ARG A 1 47 ? -2.415  0.831   -9.799  1.00 18.70 ? 47  ARG A DD2  1 
ATOM   839  D DD3  . ARG A 1 47 ? -3.144  1.343   -11.148 1.00 12.89 ? 47  ARG A DD3  1 
ATOM   840  D DE   . ARG A 1 47 ? -1.267  3.063   -10.545 1.00 26.19 ? 47  ARG A DE   1 
ATOM   841  D DH11 . ARG A 1 47 ? 0.783   3.110   -11.467 1.00 30.68 ? 47  ARG A DH11 1 
ATOM   842  D DH12 . ARG A 1 47 ? 1.423   1.846   -11.936 1.00 36.29 ? 47  ARG A DH12 1 
ATOM   843  D DH21 . ARG A 1 47 ? 0.284   -0.105  -11.818 1.00 28.80 ? 47  ARG A DH21 1 
ATOM   844  D DH22 . ARG A 1 47 ? -1.110  -0.137  -11.268 1.00 42.99 ? 47  ARG A DH22 1 
ATOM   845  N N    . ALA A 1 48 ? -6.766  3.937   -8.947  1.00 10.48 ? 48  ALA A N    1 
ATOM   846  C CA   . ALA A 1 48 ? -7.590  3.273   -7.952  1.00 9.13  ? 48  ALA A CA   1 
ATOM   847  C C    . ALA A 1 48 ? -7.000  1.916   -7.595  1.00 8.83  ? 48  ALA A C    1 
ATOM   848  O O    . ALA A 1 48 ? -6.517  1.194   -8.453  1.00 11.03 ? 48  ALA A O    1 
ATOM   849  C CB   . ALA A 1 48 ? -9.008  3.106   -8.441  1.00 13.29 ? 48  ALA A CB   1 
ATOM   850  D D    . ALA A 1 48 ? -7.139  4.075   -9.712  1.00 22.81 ? 48  ALA A D    1 
ATOM   851  D DA   . ALA A 1 48 ? -7.610  3.829   -7.163  1.00 10.02 ? 48  ALA A DA   1 
ATOM   852  D DB1  . ALA A 1 48 ? -9.013  2.558   -9.235  1.00 8.05  ? 48  ALA A DB1  1 
ATOM   853  D DB2  . ALA A 1 48 ? -9.518  2.689   -7.735  1.00 23.48 ? 48  ALA A DB2  1 
ATOM   854  D DB3  . ALA A 1 48 ? -9.381  3.968   -8.643  1.00 14.65 ? 48  ALA A DB3  1 
ATOM   855  N N    . VAL A 1 49 ? -7.029  1.595   -6.312  1.00 8.67  ? 49  VAL A N    1 
ATOM   856  C CA   . VAL A 1 49 ? -6.469  0.355   -5.805  1.00 8.71  ? 49  VAL A CA   1 
ATOM   857  C C    . VAL A 1 49 ? -7.580  -0.431  -5.132  1.00 8.78  ? 49  VAL A C    1 
ATOM   858  O O    . VAL A 1 49 ? -8.018  -0.090  -4.031  1.00 10.19 ? 49  VAL A O    1 
ATOM   859  C CB   . VAL A 1 49 ? -5.325  0.623   -4.791  1.00 11.91 ? 49  VAL A CB   1 
ATOM   860  C CG1  . VAL A 1 49 ? -4.736  -0.693  -4.288  1.00 13.76 ? 49  VAL A CG1  1 
ATOM   861  C CG2  . VAL A 1 49 ? -4.245  1.525   -5.396  1.00 15.99 ? 49  VAL A CG2  1 
ATOM   862  D D    . VAL A 1 49 ? -7.372  2.118   -5.716  1.00 11.95 ? 49  VAL A D    1 
ATOM   863  D DA   . VAL A 1 49 ? -6.138  -0.185  -6.552  1.00 15.02 ? 49  VAL A DA   1 
ATOM   864  D DB   . VAL A 1 49 ? -5.700  1.089   -4.016  1.00 24.31 ? 49  VAL A DB   1 
ATOM   865  H HG11 . VAL A 1 49 ? -4.108  -0.497  -3.591  1.00 26.80 ? 49  VAL A HG11 1 
ATOM   866  H HG12 . VAL A 1 49 ? -5.452  -1.234  -3.929  1.00 16.17 ? 49  VAL A HG12 1 
ATOM   867  H HG13 . VAL A 1 49 ? -4.300  -1.155  -5.015  1.00 11.43 ? 49  VAL A HG13 1 
ATOM   868  H HG21 . VAL A 1 49 ? -3.535  1.614   -4.758  1.00 27.88 ? 49  VAL A HG21 1 
ATOM   869  H HG22 . VAL A 1 49 ? -3.915  1.128   -6.210  1.00 15.04 ? 49  VAL A HG22 1 
ATOM   870  H HG23 . VAL A 1 49 ? -4.643  2.379   -5.579  1.00 20.51 ? 49  VAL A HG23 1 
ATOM   871  N N    . PRO A 1 50 ? -8.034  -1.510  -5.768  1.00 9.13  ? 50  PRO A N    1 
ATOM   872  C CA   . PRO A 1 50 ? -9.144  -2.284  -5.227  1.00 9.91  ? 50  PRO A CA   1 
ATOM   873  C C    . PRO A 1 50 ? -8.810  -2.968  -3.902  1.00 8.56  ? 50  PRO A C    1 
ATOM   874  O O    . PRO A 1 50 ? -7.669  -3.252  -3.597  1.00 8.11  ? 50  PRO A O    1 
ATOM   875  C CB   . PRO A 1 50 ? -9.399  -3.321  -6.323  1.00 11.60 ? 50  PRO A CB   1 
ATOM   876  C CG   . PRO A 1 50 ? -8.962  -2.682  -7.573  1.00 14.00 ? 50  PRO A CG   1 
ATOM   877  C CD   . PRO A 1 50 ? -7.706  -1.928  -7.139  1.00 11.12 ? 50  PRO A CD   1 
ATOM   878  D DA   . PRO A 1 50 ? -9.946  -1.744  -5.091  1.00 10.84 ? 50  PRO A DA   1 
ATOM   879  D DB2  . PRO A 1 50 ? -10.338 -3.555  -6.312  1.00 11.16 ? 50  PRO A DB2  1 
ATOM   880  D DB3  . PRO A 1 50 ? -8.856  -4.098  -6.173  1.00 11.05 ? 50  PRO A DB3  1 
ATOM   881  D DG2  . PRO A 1 50 ? -8.787  -3.362  -8.250  1.00 7.31  ? 50  PRO A DG2  1 
ATOM   882  D DG3  . PRO A 1 50 ? -9.637  -2.065  -7.891  1.00 23.64 ? 50  PRO A DG3  1 
ATOM   883  D DD2  . PRO A 1 50 ? -6.917  -2.500  -7.137  1.00 6.74  ? 50  PRO A DD2  1 
ATOM   884  D DD3  . PRO A 1 50 ? -7.580  -1.149  -7.706  1.00 14.33 ? 50  PRO A DD3  1 
ATOM   885  N N    . LEU A 1 51 ? -9.848  -3.248  -3.133  1.00 10.59 ? 51  LEU A N    1 
ATOM   886  C CA   . LEU A 1 51 ? -9.723  -4.001  -1.900  1.00 9.75  ? 51  LEU A CA   1 
ATOM   887  C C    . LEU A 1 51 ? -8.898  -5.266  -2.116  1.00 8.60  ? 51  LEU A C    1 
ATOM   888  O O    . LEU A 1 51 ? -9.138  -6.033  -3.045  1.00 9.35  ? 51  LEU A O    1 
ATOM   889  C CB   . LEU A 1 51 ? -11.123 -4.341  -1.390  1.00 12.03 ? 51  LEU A CB   1 
ATOM   890  C CG   . LEU A 1 51 ? -11.262 -5.247  -0.175  1.00 17.21 ? 51  LEU A CG   1 
ATOM   891  C CD1  . LEU A 1 51 ? -10.769 -4.501  1.052   1.00 19.61 ? 51  LEU A CD1  1 
ATOM   892  C CD2  . LEU A 1 51 ? -12.698 -5.701  0.017   1.00 17.63 ? 51  LEU A CD2  1 
ATOM   893  D D    . LEU A 1 51 ? -10.655 -3.021  -3.320  1.00 22.83 ? 51  LEU A D    1 
ATOM   894  D DA   . LEU A 1 51 ? -9.275  -3.446  -1.228  1.00 13.36 ? 51  LEU A DA   1 
ATOM   895  D DB2  . LEU A 1 51 ? -11.524 -3.502  -1.110  1.00 12.32 ? 51  LEU A DB2  1 
ATOM   896  D DB3  . LEU A 1 51 ? -11.647 -4.720  -2.122  1.00 11.55 ? 51  LEU A DB3  1 
ATOM   897  D DG   . LEU A 1 51 ? -10.713 -6.031  -0.292  1.00 33.92 ? 51  LEU A DG   1 
ATOM   898  H HD11 . LEU A 1 51 ? -10.887 -5.034  1.844   1.00 11.96 ? 51  LEU A HD11 1 
ATOM   899  H HD12 . LEU A 1 51 ? -9.845  -4.271  0.926   1.00 27.19 ? 51  LEU A HD12 1 
ATOM   900  H HD13 . LEU A 1 51 ? -11.291 -3.698  1.142   1.00 26.38 ? 51  LEU A HD13 1 
ATOM   901  H HD21 . LEU A 1 51 ? -12.742 -6.237  0.812   1.00 21.44 ? 51  LEU A HD21 1 
ATOM   902  H HD22 . LEU A 1 51 ? -13.260 -4.924  0.105   1.00 22.70 ? 51  LEU A HD22 1 
ATOM   903  H HD23 . LEU A 1 51 ? -12.971 -6.229  -0.739  1.00 14.32 ? 51  LEU A HD23 1 
ATOM   904  N N    . GLY A 1 52 ? -7.932  -5.497  -1.233  1.00 8.53  ? 52  GLY A N    1 
ATOM   905  C CA   . GLY A 1 52 ? -7.142  -6.703  -1.256  1.00 8.58  ? 52  GLY A CA   1 
ATOM   906  C C    . GLY A 1 52 ? -5.933  -6.680  -2.164  1.00 6.98  ? 52  GLY A C    1 
ATOM   907  O O    . GLY A 1 52 ? -5.204  -7.650  -2.245  1.00 9.20  ? 52  GLY A O    1 
ATOM   908  D D    . GLY A 1 52 ? -7.710  -4.956  -0.601  1.00 20.55 ? 52  GLY A D    1 
ATOM   909  D DA2  . GLY A 1 52 ? -6.855  -6.905  -0.345  1.00 14.09 ? 52  GLY A DA2  1 
ATOM   910  D DA3  . GLY A 1 52 ? -7.726  -7.427  -1.549  1.00 11.64 ? 52  GLY A DA3  1 
ATOM   911  N N    . THR A 1 53 ? -5.742  -5.582  -2.885  1.00 7.20  ? 53  THR A N    1 
ATOM   912  C CA   . THR A 1 53 ? -4.619  -5.434  -3.787  1.00 6.86  ? 53  THR A CA   1 
ATOM   913  C C    . THR A 1 53 ? -3.351  -5.081  -3.041  1.00 6.00  ? 53  THR A C    1 
ATOM   914  O O    . THR A 1 53 ? -3.365  -4.282  -2.126  1.00 7.55  ? 53  THR A O    1 
ATOM   915  C CB   . THR A 1 53 ? -4.944  -4.312  -4.793  1.00 8.81  ? 53  THR A CB   1 
ATOM   916  O OG1  . THR A 1 53 ? -6.137  -4.656  -5.502  1.00 13.64 ? 53  THR A OG1  1 
ATOM   917  C CG2  . THR A 1 53 ? -3.827  -4.036  -5.765  1.00 11.85 ? 53  THR A CG2  1 
ATOM   918  D D    . THR A 1 53 ? -6.251  -4.886  -2.887  1.00 8.28  ? 53  THR A D    1 
ATOM   919  D DA   . THR A 1 53 ? -4.476  -6.274  -4.273  1.00 7.30  ? 53  THR A DA   1 
ATOM   920  D DB   . THR A 1 53 ? -5.098  -3.503  -4.298  1.00 12.57 ? 53  THR A DB   1 
ATOM   921  D DG1  . THR A 1 53 ? -6.746  -4.168  -5.248  1.00 39.83 ? 53  THR A DG1  1 
ATOM   922  D DG21 . THR A 1 53 ? -3.455  -4.860  -6.088  1.00 15.57 ? 53  THR A DG21 1 
ATOM   923  D DG22 . THR A 1 53 ? -4.170  -3.525  -6.506  1.00 15.93 ? 53  THR A DG22 1 
ATOM   924  D DG23 . THR A 1 53 ? -3.154  -3.508  -5.322  1.00 17.41 ? 53  THR A DG23 1 
ATOM   925  N N    . THR A 1 54 ? -2.245  -5.678  -3.466  1.00 6.78  ? 54  THR A N    1 
ATOM   926  C CA   . THR A 1 54 ? -0.945  -5.352  -2.915  1.00 6.80  ? 54  THR A CA   1 
ATOM   927  C C    . THR A 1 54 ? -0.471  -4.021  -3.474  1.00 6.50  ? 54  THR A C    1 
ATOM   928  O O    . THR A 1 54 ? -0.471  -3.823  -4.681  1.00 8.68  ? 54  THR A O    1 
ATOM   929  C CB   . THR A 1 54 ? 0.052   -6.427  -3.268  1.00 8.33  ? 54  THR A CB   1 
ATOM   930  O OG1  . THR A 1 54 ? -0.469  -7.662  -2.778  1.00 9.93  ? 54  THR A OG1  1 
ATOM   931  C CG2  . THR A 1 54 ? 1.412   -6.117  -2.671  1.00 9.79  ? 54  THR A CG2  1 
ATOM   932  D D    . THR A 1 54 ? -2.195  -6.285  -4.078  1.00 13.22 ? 54  THR A D    1 
ATOM   933  D DA   . THR A 1 54 ? -0.986  -5.314  -1.935  1.00 8.79  ? 54  THR A DA   1 
ATOM   934  D DB   . THR A 1 54 ? 0.166   -6.488  -4.231  1.00 7.23  ? 54  THR A DB   1 
ATOM   935  D DG1  . THR A 1 54 ? -0.527  -8.202  -3.387  1.00 29.00 ? 54  THR A DG1  1 
ATOM   936  D DG21 . THR A 1 54 ? 1.309   -5.978  -1.717  1.00 11.36 ? 54  THR A DG21 1 
ATOM   937  D DG22 . THR A 1 54 ? 2.028   -6.837  -2.854  1.00 6.54  ? 54  THR A DG22 1 
ATOM   938  D DG23 . THR A 1 54 ? 1.775   -5.308  -3.073  1.00 9.57  ? 54  THR A DG23 1 
ATOM   939  N N    . LEU A 1 55 ? -0.087  -3.102  -2.609  1.00 6.82  ? 55  LEU A N    1 
ATOM   940  C CA   A LEU A 1 55 ? 0.440   -1.824  -3.056  0.71 5.30  ? 55  LEU A CA   1 
ATOM   941  C CA   B LEU A 1 55 ? 0.438   -1.820  -3.034  0.29 11.11 ? 55  LEU A CA   1 
ATOM   942  C C    . LEU A 1 55 ? 1.867   -2.013  -3.533  1.00 6.99  ? 55  LEU A C    1 
ATOM   943  O O    . LEU A 1 55 ? 2.700   -2.535  -2.830  1.00 9.50  ? 55  LEU A O    1 
ATOM   944  C CB   A LEU A 1 55 ? 0.412   -0.775  -1.954  0.71 7.46  ? 55  LEU A CB   1 
ATOM   945  C CB   B LEU A 1 55 ? 0.404   -0.841  -1.862  0.29 18.81 ? 55  LEU A CB   1 
ATOM   946  C CG   A LEU A 1 55 ? -0.920  -0.082  -1.680  0.71 16.38 ? 55  LEU A CG   1 
ATOM   947  C CG   B LEU A 1 55 ? 0.391   0.649   -2.193  0.29 23.36 ? 55  LEU A CG   1 
ATOM   948  C CD1  A LEU A 1 55 ? -1.989  -1.025  -1.173  0.71 14.51 ? 55  LEU A CD1  1 
ATOM   949  C CD1  B LEU A 1 55 ? -0.888  1.041   -2.925  0.29 20.70 ? 55  LEU A CD1  1 
ATOM   950  C CD2  A LEU A 1 55 ? -0.689  1.059   -0.691  0.71 19.82 ? 55  LEU A CD2  1 
ATOM   951  C CD2  B LEU A 1 55 ? 0.550   1.465   -0.918  0.29 20.57 ? 55  LEU A CD2  1 
ATOM   952  D D    A LEU A 1 55 ? -0.068  -3.189  -1.752  0.71 10.54 ? 55  LEU A D    1 
ATOM   953  D D    B LEU A 1 55 ? -0.106  -3.197  -1.754  0.29 17.64 ? 55  LEU A D    1 
ATOM   954  D DA   A LEU A 1 55 ? -0.084  -1.483  -3.823  0.71 2.62  ? 55  LEU A DA   1 
ATOM   955  D DA   B LEU A 1 55 ? -0.101  -1.457  -3.769  0.29 12.41 ? 55  LEU A DA   1 
ATOM   956  D DB2  A LEU A 1 55 ? 0.739   -1.143  -1.120  0.71 6.11  ? 55  LEU A DB2  1 
ATOM   957  D DB2  B LEU A 1 55 ? -0.395  -1.022  -1.342  0.29 27.93 ? 55  LEU A DB2  1 
ATOM   958  D DB3  A LEU A 1 55 ? 0.997   -0.054  -2.253  0.71 11.69 ? 55  LEU A DB3  1 
ATOM   959  D DB3  B LEU A 1 55 ? 1.188   -1.000  -1.315  0.29 13.02 ? 55  LEU A DB3  1 
ATOM   960  D DG   A LEU A 1 55 ? -1.244  0.305   -2.506  0.71 29.76 ? 55  LEU A DG   1 
ATOM   961  D DG   B LEU A 1 55 ? 1.143   0.846   -2.772  0.29 34.33 ? 55  LEU A DG   1 
ATOM   962  H HD11 A LEU A 1 55 ? -2.858  -0.645  -1.324  0.71 10.43 ? 55  LEU A HD11 1 
ATOM   963  H HD11 B LEU A 1 55 ? -0.864  1.986   -3.095  0.29 20.14 ? 55  LEU A HD11 1 
ATOM   964  H HD12 A LEU A 1 55 ? -1.922  -1.866  -1.637  0.71 12.91 ? 55  LEU A HD12 1 
ATOM   965  H HD12 B LEU A 1 55 ? -0.938  0.557   -3.753  0.29 22.40 ? 55  LEU A HD12 1 
ATOM   966  H HD13 A LEU A 1 55 ? -1.864  -1.157  -0.230  0.71 19.74 ? 55  LEU A HD13 1 
ATOM   967  H HD13 B LEU A 1 55 ? -1.642  0.826   -2.371  0.29 18.22 ? 55  LEU A HD13 1 
ATOM   968  H HD21 A LEU A 1 55 ? -1.451  1.114   -0.104  0.71 19.97 ? 55  LEU A HD21 1 
ATOM   969  H HD21 B LEU A 1 55 ? 0.547   2.400   -1.141  0.29 19.03 ? 55  LEU A HD21 1 
ATOM   970  H HD22 A LEU A 1 55 ? 0.106   0.893   -0.175  0.71 18.94 ? 55  LEU A HD22 1 
ATOM   971  H HD22 B LEU A 1 55 ? -0.177  1.270   -0.322  0.29 19.24 ? 55  LEU A HD22 1 
ATOM   972  H HD23 A LEU A 1 55 ? -0.589  1.879   -1.180  0.71 25.22 ? 55  LEU A HD23 1 
ATOM   973  H HD23 B LEU A 1 55 ? 1.384   1.231   -0.502  0.29 21.38 ? 55  LEU A HD23 1 
ATOM   974  N N    . MET A 1 56 ? 2.117   -1.563  -4.744  1.00 7.49  ? 56  MET A N    1 
ATOM   975  C CA   . MET A 1 56 ? 3.411   -1.666  -5.396  1.00 7.39  ? 56  MET A CA   1 
ATOM   976  C C    . MET A 1 56 ? 4.045   -0.281  -5.488  1.00 6.78  ? 56  MET A C    1 
ATOM   977  O O    . MET A 1 56 ? 3.342   0.727   -5.516  1.00 7.40  ? 56  MET A O    1 
ATOM   978  C CB   . MET A 1 56 ? 3.235   -2.242  -6.802  1.00 9.00  ? 56  MET A CB   1 
ATOM   979  C CG   . MET A 1 56 ? 2.688   -3.670  -6.805  1.00 10.48 ? 56  MET A CG   1 
ATOM   980  S SD   . MET A 1 56 ? 4.008   -4.799  -6.321  1.00 17.90 ? 56  MET A SD   1 
ATOM   981  C CE   . MET A 1 56 ? 3.141   -6.339  -6.158  1.00 25.18 ? 56  MET A CE   1 
ATOM   982  D D    . MET A 1 56 ? 1.506   -1.174  -5.210  1.00 10.66 ? 56  MET A D    1 
ATOM   983  D DA   . MET A 1 56 ? 3.965   -2.280  -4.873  1.00 7.10  ? 56  MET A DA   1 
ATOM   984  D DB2  . MET A 1 56 ? 2.623   -1.668  -7.293  1.00 12.26 ? 56  MET A DB2  1 
ATOM   985  D DB3  . MET A 1 56 ? 4.107   -2.255  -7.247  1.00 13.97 ? 56  MET A DB3  1 
ATOM   986  D DG2  . MET A 1 56 ? 1.946   -3.716  -6.189  1.00 15.69 ? 56  MET A DG2  1 
ATOM   987  D DG3  . MET A 1 56 ? 2.392   -3.954  -7.675  1.00 6.94  ? 56  MET A DG3  1 
ATOM   988  D DE1  . MET A 1 56 ? 2.448   -6.413  -6.826  1.00 17.31 ? 56  MET A DE1  1 
ATOM   989  D DE2  . MET A 1 56 ? 3.790   -7.034  -6.269  1.00 25.15 ? 56  MET A DE2  1 
ATOM   990  D DE3  . MET A 1 56 ? 2.764   -6.378  -5.277  1.00 43.17 ? 56  MET A DE3  1 
ATOM   991  N N    . PRO A 1 57 ? 5.373   -0.218  -5.577  1.00 7.19  ? 57  PRO A N    1 
ATOM   992  C CA   . PRO A 1 57 ? 6.043   1.087   -5.575  1.00 7.26  ? 57  PRO A CA   1 
ATOM   993  C C    . PRO A 1 57 ? 5.556   2.050   -6.660  1.00 7.85  ? 57  PRO A C    1 
ATOM   994  O O    . PRO A 1 57 ? 5.514   3.268   -6.427  1.00 9.64  ? 57  PRO A O    1 
ATOM   995  C CB   . PRO A 1 57 ? 7.519   0.706   -5.776  1.00 9.01  ? 57  PRO A CB   1 
ATOM   996  C CG   . PRO A 1 57 ? 7.639   -0.615  -5.119  1.00 10.49 ? 57  PRO A CG   1 
ATOM   997  C CD   . PRO A 1 57 ? 6.349   -1.320  -5.489  1.00 8.55  ? 57  PRO A CD   1 
ATOM   998  D DA   . PRO A 1 57 ? 5.902   1.513   -4.706  1.00 7.51  ? 57  PRO A DA   1 
ATOM   999  D DB2  . PRO A 1 57 ? 8.073   1.357   -5.349  1.00 9.35  ? 57  PRO A DB2  1 
ATOM   1000 D DB3  . PRO A 1 57 ? 7.739   0.629   -6.709  1.00 8.27  ? 57  PRO A DB3  1 
ATOM   1001 D DG2  . PRO A 1 57 ? 8.403   -1.115  -5.446  1.00 9.62  ? 57  PRO A DG2  1 
ATOM   1002 D DG3  . PRO A 1 57 ? 7.740   -0.437  -4.177  1.00 9.83  ? 57  PRO A DG3  1 
ATOM   1003 D DD2  . PRO A 1 57 ? 6.456   -1.744  -6.348  1.00 10.62 ? 57  PRO A DD2  1 
ATOM   1004 D DD3  . PRO A 1 57 ? 6.124   -1.995  -4.836  1.00 5.27  ? 57  PRO A DD3  1 
ATOM   1005 N N    . ASP A 1 58 ? 5.213   1.521   -7.825  1.00 7.96  ? 58  ASP A N    1 
ATOM   1006 C CA   . ASP A 1 58 ? 4.796   2.340   -8.940  1.00 8.19  ? 58  ASP A CA   1 
ATOM   1007 C C    . ASP A 1 58 ? 3.419   2.957   -8.788  1.00 8.25  ? 58  ASP A C    1 
ATOM   1008 O O    . ASP A 1 58 ? 3.103   3.860   -9.525  1.00 11.92 ? 58  ASP A O    1 
ATOM   1009 C CB   . ASP A 1 58 ? 4.931   1.581   -10.268 1.00 8.63  ? 58  ASP A CB   1 
ATOM   1010 C CG   . ASP A 1 58 ? 4.110   0.323   -10.341 1.00 10.30 ? 58  ASP A CG   1 
ATOM   1011 O OD1  . ASP A 1 58 ? 3.895   -0.353  -9.339  1.00 12.82 ? 58  ASP A OD1  1 
ATOM   1012 O OD2  . ASP A 1 58 ? 3.671   -0.011  -11.463 1.00 15.60 ? 58  ASP A OD2  1 
ATOM   1013 D D    . ASP A 1 58 ? 5.229   0.682   -8.012  1.00 18.90 ? 58  ASP A D    1 
ATOM   1014 D DA   . ASP A 1 58 ? 5.401   3.106   -9.002  1.00 8.46  ? 58  ASP A DA   1 
ATOM   1015 D DB2  . ASP A 1 58 ? 4.631   2.134   -11.009 1.00 6.41  ? 58  ASP A DB2  1 
ATOM   1016 D DB3  . ASP A 1 58 ? 5.864   1.310   -10.362 1.00 14.19 ? 58  ASP A DB3  1 
ATOM   1017 N N    . MET A 1 59 ? 2.642   2.496   -7.826  1.00 8.70  ? 59  MET A N    1 
ATOM   1018 C CA   . MET A 1 59 ? 1.306   3.022   -7.571  1.00 7.61  ? 59  MET A CA   1 
ATOM   1019 C C    . MET A 1 59 ? 1.266   4.283   -6.712  1.00 8.06  ? 59  MET A C    1 
ATOM   1020 O O    . MET A 1 59 ? 0.224   4.929   -6.635  1.00 11.11 ? 59  MET A O    1 
ATOM   1021 C CB   . MET A 1 59 ? 0.470   1.964   -6.865  1.00 8.57  ? 59  MET A CB   1 
ATOM   1022 C CG   . MET A 1 59 ? 0.246   0.708   -7.650  1.00 10.21 ? 59  MET A CG   1 
ATOM   1023 S SD   . MET A 1 59 ? -0.644  -0.470  -6.633  1.00 11.08 ? 59  MET A SD   1 
ATOM   1024 C CE   . MET A 1 59 ? -0.811  -1.870  -7.734  1.00 19.54 ? 59  MET A CE   1 
ATOM   1025 D D    . MET A 1 59 ? 2.875   1.844   -7.315  1.00 23.92 ? 59  MET A D    1 
ATOM   1026 D DA   . MET A 1 59 ? 0.883   3.186   -8.443  1.00 8.59  ? 59  MET A DA   1 
ATOM   1027 D DB2  . MET A 1 59 ? 0.911   1.731   -6.033  1.00 10.74 ? 59  MET A DB2  1 
ATOM   1028 D DB3  . MET A 1 59 ? -0.405  2.349   -6.686  1.00 9.72  ? 59  MET A DB3  1 
ATOM   1029 D DG2  . MET A 1 59 ? -0.343  0.913   -8.393  1.00 13.63 ? 59  MET A DG2  1 
ATOM   1030 D DG3  . MET A 1 59 ? 1.073   0.317   -7.959  1.00 15.19 ? 59  MET A DG3  1 
ATOM   1031 D DE1  . MET A 1 59 ? 0.006   -2.008  -8.223  1.00 20.68 ? 59  MET A DE1  1 
ATOM   1032 D DE2  . MET A 1 59 ? -0.994  -2.643  -7.200  1.00 18.16 ? 59  MET A DE2  1 
ATOM   1033 D DE3  . MET A 1 59 ? -1.530  -1.705  -8.348  1.00 31.99 ? 59  MET A DE3  1 
ATOM   1034 N N    . VAL A 1 60 ? 2.370   4.611   -6.050  1.00 8.68  ? 60  VAL A N    1 
ATOM   1035 C CA   . VAL A 1 60 ? 2.373   5.675   -5.067  1.00 8.86  ? 60  VAL A CA   1 
ATOM   1036 C C    . VAL A 1 60 ? 3.199   6.841   -5.582  1.00 9.33  ? 60  VAL A C    1 
ATOM   1037 O O    . VAL A 1 60 ? 4.377   6.699   -5.892  1.00 11.51 ? 60  VAL A O    1 
ATOM   1038 C CB   . VAL A 1 60 ? 2.892   5.167   -3.694  1.00 12.54 ? 60  VAL A CB   1 
ATOM   1039 C CG1  . VAL A 1 60 ? 2.853   6.279   -2.676  1.00 15.88 ? 60  VAL A CG1  1 
ATOM   1040 C CG2  . VAL A 1 60 ? 2.088   3.964   -3.216  1.00 11.14 ? 60  VAL A CG2  1 
ATOM   1041 D D    . VAL A 1 60 ? 3.126   4.225   -6.167  1.00 20.37 ? 60  VAL A D    1 
ATOM   1042 D DA   . VAL A 1 60 ? 1.453   5.973   -4.964  1.00 12.40 ? 60  VAL A DA   1 
ATOM   1043 D DB   . VAL A 1 60 ? 3.826   4.873   -3.789  1.00 24.27 ? 60  VAL A DB   1 
ATOM   1044 H HG11 . VAL A 1 60 ? 3.347   6.011   -1.890  1.00 21.52 ? 60  VAL A HG11 1 
ATOM   1045 H HG12 . VAL A 1 60 ? 3.252   7.073   -3.053  1.00 24.06 ? 60  VAL A HG12 1 
ATOM   1046 H HG13 . VAL A 1 60 ? 1.930   6.446   -2.441  1.00 13.90 ? 60  VAL A HG13 1 
ATOM   1047 H HG21 . VAL A 1 60 ? 2.524   3.613   -2.430  1.00 10.71 ? 60  VAL A HG21 1 
ATOM   1048 H HG22 . VAL A 1 60 ? 1.184   4.222   -2.991  1.00 10.59 ? 60  VAL A HG22 1 
ATOM   1049 H HG23 . VAL A 1 60 ? 2.070   3.287   -3.904  1.00 12.85 ? 60  VAL A HG23 1 
ATOM   1050 N N    . LYS A 1 61 ? 2.568   7.996   -5.684  1.00 9.98  ? 61  LYS A N    1 
ATOM   1051 C CA   . LYS A 1 61 ? 3.240   9.198   -6.137  1.00 10.16 ? 61  LYS A CA   1 
ATOM   1052 C C    . LYS A 1 61 ? 4.271   9.619   -5.117  1.00 11.94 ? 61  LYS A C    1 
ATOM   1053 O O    . LYS A 1 61 ? 3.966   9.809   -3.955  1.00 13.89 ? 61  LYS A O    1 
ATOM   1054 C CB   . LYS A 1 61 ? 2.241   10.328  -6.313  1.00 12.74 ? 61  LYS A CB   1 
ATOM   1055 C CG   . LYS A 1 61 ? 1.183   10.081  -7.333  1.00 21.72 ? 61  LYS A CG   1 
ATOM   1056 C CD   . LYS A 1 61 ? 0.418   11.370  -7.638  1.00 22.25 ? 61  LYS A CD   1 
ATOM   1057 C CE   . LYS A 1 61 ? -0.979  11.103  -8.102  1.00 27.91 ? 61  LYS A CE   1 
ATOM   1058 N NZ   . LYS A 1 61 ? -1.767  12.336  -8.158  1.00 37.78 ? 61  LYS A NZ   1 
ATOM   1059 D D    . LYS A 1 61 ? 1.743   8.108   -5.503  1.00 14.11 ? 61  LYS A D    1 
ATOM   1060 D DA   . LYS A 1 61 ? 3.667   9.033   -7.006  1.00 7.74  ? 61  LYS A DA   1 
ATOM   1061 D DB2  . LYS A 1 61 ? 1.775   10.452  -5.475  1.00 12.62 ? 61  LYS A DB2  1 
ATOM   1062 D DB3  . LYS A 1 61 ? 2.736   11.137  -6.566  1.00 7.02  ? 61  LYS A DB3  1 
ATOM   1063 D DG2  . LYS A 1 61 ? 1.591   9.744   -8.144  1.00 30.03 ? 61  LYS A DG2  1 
ATOM   1064 D DG3  . LYS A 1 61 ? 0.569   9.431   -6.973  1.00 27.10 ? 61  LYS A DG3  1 
ATOM   1065 D DD2  . LYS A 1 61 ? 0.371   11.918  -6.837  1.00 18.51 ? 61  LYS A DD2  1 
ATOM   1066 D DD3  . LYS A 1 61 ? 0.856   11.852  -8.360  1.00 23.67 ? 61  LYS A DD3  1 
ATOM   1067 D DE2  . LYS A 1 61 ? -0.949  10.712  -8.995  1.00 31.38 ? 61  LYS A DE2  1 
ATOM   1068 D DE3  . LYS A 1 61 ? -1.418  10.519  -7.465  1.00 20.06 ? 61  LYS A DE3  1 
ATOM   1069 D DZ1  . LYS A 1 61 ? -2.608  12.156  -8.383  1.00 52.42 ? 61  LYS A DZ1  1 
ATOM   1070 D DZ2  . LYS A 1 61 ? -1.761  12.724  -7.357  1.00 42.76 ? 61  LYS A DZ2  1 
ATOM   1071 D DZ3  . LYS A 1 61 ? -1.413  12.883  -8.764  1.00 28.91 ? 61  LYS A DZ3  1 
ATOM   1072 N N    . GLY A 1 62 ? 5.507   9.764   -5.562  1.00 15.53 ? 62  GLY A N    1 
ATOM   1073 C CA   . GLY A 1 62 ? 6.570   10.226  -4.698  1.00 14.10 ? 62  GLY A CA   1 
ATOM   1074 C C    . GLY A 1 62 ? 7.318   9.149   -3.929  1.00 15.28 ? 62  GLY A C    1 
ATOM   1075 O O    . GLY A 1 62 ? 8.256   9.464   -3.211  1.00 17.45 ? 62  GLY A O    1 
ATOM   1076 D D    . GLY A 1 62 ? 5.743   9.596   -6.366  1.00 33.44 ? 62  GLY A D    1 
ATOM   1077 D DA2  . GLY A 1 62 ? 7.184   10.732  -5.254  1.00 15.52 ? 62  GLY A DA2  1 
ATOM   1078 D DA3  . GLY A 1 62 ? 6.191   10.822  -4.026  1.00 9.80  ? 62  GLY A DA3  1 
ATOM   1079 N N    . TYR A 1 63 ? 6.924   7.887   -4.059  1.00 16.38 ? 63  TYR A N    1 
ATOM   1080 C CA   . TYR A 1 63 ? 7.539   6.826   -3.279  1.00 14.11 ? 63  TYR A CA   1 
ATOM   1081 C C    . TYR A 1 63 ? 8.848   6.414   -3.895  1.00 14.55 ? 63  TYR A C    1 
ATOM   1082 O O    . TYR A 1 63 ? 8.905   6.107   -5.082  1.00 14.78 ? 63  TYR A O    1 
ATOM   1083 C CB   . TYR A 1 63 ? 6.640   5.605   -3.234  1.00 12.47 ? 63  TYR A CB   1 
ATOM   1084 C CG   . TYR A 1 63 ? 7.217   4.456   -2.429  1.00 14.03 ? 63  TYR A CG   1 
ATOM   1085 C CD1  . TYR A 1 63 ? 7.121   4.428   -1.035  1.00 20.51 ? 63  TYR A CD1  1 
ATOM   1086 C CD2  . TYR A 1 63 ? 7.875   3.408   -3.048  1.00 14.84 ? 63  TYR A CD2  1 
ATOM   1087 C CE1  . TYR A 1 63 ? 7.672   3.385   -0.298  1.00 17.33 ? 63  TYR A CE1  1 
ATOM   1088 C CE2  . TYR A 1 63 ? 8.435   2.368   -2.309  1.00 16.26 ? 63  TYR A CE2  1 
ATOM   1089 C CZ   . TYR A 1 63 ? 8.321   2.363   -0.945  1.00 15.44 ? 63  TYR A CZ   1 
ATOM   1090 O OH   . TYR A 1 63 ? 8.864   1.325   -0.240  1.00 18.99 ? 63  TYR A OH   1 
ATOM   1091 D D    . TYR A 1 63 ? 6.318   7.604   -4.597  1.00 31.41 ? 63  TYR A D    1 
ATOM   1092 D DA   . TYR A 1 63 ? 7.704   7.108   -2.356  1.00 16.95 ? 63  TYR A DA   1 
ATOM   1093 D DB2  . TYR A 1 63 ? 5.794   5.886   -2.837  1.00 10.09 ? 63  TYR A DB2  1 
ATOM   1094 D DB3  . TYR A 1 63 ? 6.516   5.320   -4.161  1.00 7.55  ? 63  TYR A DB3  1 
ATOM   1095 D DD1  . TYR A 1 63 ? 6.686   5.119   -0.592  1.00 35.16 ? 63  TYR A DD1  1 
ATOM   1096 D DD2  . TYR A 1 63 ? 7.969   3.393   -3.970  1.00 15.75 ? 63  TYR A DD2  1 
ATOM   1097 D DE1  . TYR A 1 63 ? 7.609   3.365   0.628   1.00 19.06 ? 63  TYR A DE1  1 
ATOM   1098 D DE2  . TYR A 1 63 ? 8.887   1.668   -2.727  1.00 19.02 ? 63  TYR A DE2  1 
ATOM   1099 D DH   . TYR A 1 63 ? 8.412   1.188   0.428   1.00 28.33 ? 63  TYR A DH   1 
ATOM   1100 N N    . ALA A 1 64 ? 9.875   6.377   -3.064  1.00 18.70 ? 64  ALA A N    1 
ATOM   1101 C CA   . ALA A 1 64 ? 11.168  5.805   -3.401  1.00 22.27 ? 64  ALA A CA   1 
ATOM   1102 C C    . ALA A 1 64 ? 11.635  5.166   -2.097  1.00 25.69 ? 64  ALA A C    1 
ATOM   1103 O O    . ALA A 1 64 ? 11.516  5.770   -1.034  1.00 26.67 ? 64  ALA A O    1 
ATOM   1104 C CB   . ALA A 1 64 ? 12.141  6.878   -3.850  1.00 25.31 ? 64  ALA A CB   1 
ATOM   1105 D D    . ALA A 1 64 ? 9.835   6.671   -2.258  1.00 24.04 ? 64  ALA A D    1 
ATOM   1106 D DA   . ALA A 1 64 ? 11.101  5.133   -4.114  1.00 19.49 ? 64  ALA A DA   1 
ATOM   1107 D DB1  . ALA A 1 64 ? 12.401  7.413   -3.097  1.00 23.09 ? 64  ALA A DB1  1 
ATOM   1108 D DB2  . ALA A 1 64 ? 12.923  6.459   -4.218  1.00 37.52 ? 64  ALA A DB2  1 
ATOM   1109 D DB3  . ALA A 1 64 ? 11.704  7.420   -4.515  1.00 17.37 ? 64  ALA A DB3  1 
ATOM   1110 N N    . ALA A 1 65 ? 12.142  3.944   -2.166  1.00 30.72 ? 65  ALA A N    1 
ATOM   1111 C CA   . ALA A 1 65 ? 12.601  3.241   -0.972  1.00 33.05 ? 65  ALA A CA   1 
ATOM   1112 C C    . ALA A 1 65 ? 13.824  3.922   -0.363  1.00 34.48 ? 65  ALA A C    1 
ATOM   1113 O O    . ALA A 1 65 ? 14.309  4.927   -0.886  1.00 34.81 ? 65  ALA A O    1 
ATOM   1114 C CB   . ALA A 1 65 ? 12.916  1.800   -1.300  1.00 36.40 ? 65  ALA A CB   1 
ATOM   1115 O OXT  . ALA A 1 65 ? 14.360  3.489   0.665   1.00 35.42 ? 65  ALA A OXT  1 
ATOM   1116 D D    . ALA A 1 65 ? 12.235  3.502   -2.895  1.00 35.47 ? 65  ALA A D    1 
ATOM   1117 D DA   . ALA A 1 65 ? 11.886  3.244   -0.306  1.00 30.83 ? 65  ALA A DA   1 
ATOM   1118 D DB1  . ALA A 1 65 ? 13.683  1.770   -1.886  1.00 26.65 ? 65  ALA A DB1  1 
ATOM   1119 D DB2  . ALA A 1 65 ? 13.101  1.334   -0.479  1.00 52.10 ? 65  ALA A DB2  1 
ATOM   1120 D DB3  . ALA A 1 65 ? 12.149  1.417   -1.732  1.00 33.29 ? 65  ALA A DB3  1 
HETATM 1121 O O    . DOD B 2 .  ? 4.047   -10.227 0.669   1.00 21.54 ? 101 DOD A O    1 
HETATM 1122 D D1   . DOD B 2 .  ? 4.357   -9.747  1.441   1.00 27.14 ? 101 DOD A D1   1 
HETATM 1123 D D2   . DOD B 2 .  ? 4.719   -10.894 0.516   1.00 22.76 ? 101 DOD A D2   1 
HETATM 1124 O O    . DOD B 2 .  ? -2.294  -1.522  -11.199 1.00 28.55 ? 102 DOD A O    1 
HETATM 1125 D D1   . DOD B 2 .  ? -2.483  -2.463  -11.176 1.00 28.76 ? 102 DOD A D1   1 
HETATM 1126 D D2   . DOD B 2 .  ? -3.053  -1.114  -10.775 1.00 26.20 ? 102 DOD A D2   1 
HETATM 1127 O O    . DOD B 2 .  ? 11.180  6.046   -7.005  1.00 23.14 ? 103 DOD A O    1 
HETATM 1128 D D1   . DOD B 2 .  ? 10.425  5.463   -6.902  1.00 18.51 ? 103 DOD A D1   1 
HETATM 1129 D D2   . DOD B 2 .  ? 11.028  6.751   -6.370  1.00 25.37 ? 103 DOD A D2   1 
HETATM 1130 O O    . DOD B 2 .  ? -10.447 -6.632  -5.105  1.00 28.86 ? 104 DOD A O    1 
HETATM 1131 D D1   . DOD B 2 .  ? -11.377 -6.842  -5.215  1.00 25.31 ? 104 DOD A D1   1 
HETATM 1132 D D2   . DOD B 2 .  ? -10.441 -5.857  -4.540  1.00 32.21 ? 104 DOD A D2   1 
HETATM 1133 O O    . DOD B 2 .  ? -2.895  -8.943  -3.156  1.00 26.41 ? 105 DOD A O    1 
HETATM 1134 D D1   . DOD B 2 .  ? -2.910  -8.958  -2.196  1.00 35.79 ? 105 DOD A D1   1 
HETATM 1135 D D2   . DOD B 2 .  ? -3.820  -8.886  -3.409  1.00 27.67 ? 105 DOD A D2   1 
HETATM 1136 O O    . DOD B 2 .  ? 1.591   11.725  -2.670  1.00 28.33 ? 106 DOD A O    1 
HETATM 1137 D D1   . DOD B 2 .  ? 1.475   12.673  -2.773  1.00 22.27 ? 106 DOD A D1   1 
HETATM 1138 D D2   . DOD B 2 .  ? 2.542   11.602  -2.628  1.00 32.31 ? 106 DOD A D2   1 
HETATM 1139 O O    . DOD B 2 .  ? -0.433  -5.347  -7.011  1.00 29.72 ? 107 DOD A O    1 
HETATM 1140 D D1   . DOD B 2 .  ? -0.472  -6.250  -7.335  1.00 29.11 ? 107 DOD A D1   1 
HETATM 1141 D D2   . DOD B 2 .  ? -0.926  -5.366  -6.186  1.00 35.37 ? 107 DOD A D2   1 
HETATM 1142 O O    . DOD B 2 .  ? 8.251   -7.010  5.029   1.00 31.97 ? 108 DOD A O    1 
HETATM 1143 D D1   . DOD B 2 .  ? 8.331   -6.101  5.328   1.00 31.67 ? 108 DOD A D1   1 
HETATM 1144 D D2   . DOD B 2 .  ? 8.516   -6.983  4.105   1.00 31.68 ? 108 DOD A D2   1 
HETATM 1145 O O    . DOD B 2 .  ? 0.715   -9.371  -4.128  1.00 31.76 ? 109 DOD A O    1 
HETATM 1146 D D1   . DOD B 2 .  ? 1.195   -9.040  -4.891  1.00 34.74 ? 109 DOD A D1   1 
HETATM 1147 D D2   . DOD B 2 .  ? 0.186   -10.094 -4.472  1.00 36.25 ? 109 DOD A D2   1 
HETATM 1148 O O    . DOD B 2 .  ? -4.364  8.111   8.998   1.00 31.90 ? 110 DOD A O    1 
HETATM 1149 D D1   . DOD B 2 .  ? -4.885  8.428   9.739   1.00 35.04 ? 110 DOD A D1   1 
HETATM 1150 D D2   . DOD B 2 .  ? -3.462  8.358   9.216   1.00 28.75 ? 110 DOD A D2   1 
HETATM 1151 O O    . DOD B 2 .  ? -8.830  13.033  -3.173  1.00 30.71 ? 111 DOD A O    1 
HETATM 1152 D D1   . DOD B 2 .  ? -8.087  13.070  -3.780  1.00 31.95 ? 111 DOD A D1   1 
HETATM 1153 D D2   . DOD B 2 .  ? -8.526  13.501  -2.393  1.00 29.04 ? 111 DOD A D2   1 
HETATM 1154 O O    . DOD B 2 .  ? -12.375 -3.289  -4.455  1.00 23.52 ? 112 DOD A O    1 
HETATM 1155 D D1   . DOD B 2 .  ? -13.078 -3.187  -3.908  1.00 27.04 ? 112 DOD A D1   1 
HETATM 1156 D D2   . DOD B 2 .  ? -12.527 -3.982  -4.986  1.00 19.43 ? 112 DOD A D2   1 
HETATM 1157 O O    . DOD B 2 .  ? -13.270 -2.241  -7.437  1.00 30.69 ? 113 DOD A O    1 
HETATM 1158 O O    . DOD B 2 .  ? -3.151  11.419  5.277   1.00 34.26 ? 114 DOD A O    1 
HETATM 1159 D D1   . DOD B 2 .  ? -3.722  11.802  5.946   1.00 38.79 ? 114 DOD A D1   1 
HETATM 1160 D D2   . DOD B 2 .  ? -3.416  10.497  5.233   1.00 30.87 ? 114 DOD A D2   1 
HETATM 1161 O O    . DOD B 2 .  ? -9.827  7.498   5.731   1.00 29.85 ? 115 DOD A O    1 
HETATM 1162 D D1   . DOD B 2 .  ? -10.134 6.676   5.338   1.00 30.15 ? 115 DOD A D1   1 
HETATM 1163 D D2   . DOD B 2 .  ? -10.197 7.493   6.617   1.00 30.34 ? 115 DOD A D2   1 
HETATM 1164 O O    . DOD B 2 .  ? -0.742  -13.025 6.173   1.00 26.86 ? 116 DOD A O    1 
HETATM 1165 D D1   . DOD B 2 .  ? -0.400  -13.852 6.197   1.00 24.29 ? 116 DOD A D1   1 
HETATM 1166 D D2   . DOD B 2 .  ? -0.405  -12.621 6.909   1.00 27.58 ? 116 DOD A D2   1 
HETATM 1167 O O    . DOD B 2 .  ? 0.981   -4.829  -10.056 1.00 32.16 ? 117 DOD A O    1 
HETATM 1168 D D1   . DOD B 2 .  ? 0.124   -4.752  -9.631  1.00 34.95 ? 117 DOD A D1   1 
HETATM 1169 D D2   . DOD B 2 .  ? 1.307   -3.928  -10.106 1.00 28.70 ? 117 DOD A D2   1 
HETATM 1170 O O    . DOD B 2 .  ? 11.084  2.342   -4.064  1.00 32.29 ? 118 DOD A O    1 
HETATM 1171 D D1   . DOD B 2 .  ? 10.330  2.268   -4.525  1.00 23.75 ? 118 DOD A D1   1 
HETATM 1172 D D2   . DOD B 2 .  ? 11.569  1.600   -4.191  1.00 39.79 ? 118 DOD A D2   1 
HETATM 1173 O O    . DOD B 2 .  ? -10.641 -5.715  -7.071  1.00 36.09 ? 119 DOD A O    1 
HETATM 1174 O O    . DOD B 2 .  ? -1.794  -11.285 -4.732  1.00 23.67 ? 120 DOD A O    1 
HETATM 1175 D D1   . DOD B 2 .  ? -1.727  -12.078 -4.196  1.00 29.90 ? 120 DOD A D1   1 
HETATM 1176 D D2   . DOD B 2 .  ? -1.532  -11.566 -5.612  1.00 20.18 ? 120 DOD A D2   1 
HETATM 1177 O O    . DOD B 2 .  ? 11.793  0.298   -4.257  1.00 30.57 ? 121 DOD A O    1 
HETATM 1178 D D1   . DOD B 2 .  ? 11.056  -0.211  -3.914  1.00 25.72 ? 121 DOD A D1   1 
HETATM 1179 D D2   . DOD B 2 .  ? 12.003  -0.119  -5.097  1.00 34.42 ? 121 DOD A D2   1 
HETATM 1180 O O    . DOD B 2 .  ? -8.328  -11.031 1.960   1.00 37.55 ? 122 DOD A O    1 
HETATM 1181 D D1   . DOD B 2 .  ? -8.731  -11.154 1.097   1.00 39.20 ? 122 DOD A D1   1 
HETATM 1182 D D2   . DOD B 2 .  ? -8.897  -10.398 2.403   1.00 35.63 ? 122 DOD A D2   1 
HETATM 1183 O O    . DOD B 2 .  ? -0.450  -15.522 4.690   1.00 33.62 ? 123 DOD A O    1 
HETATM 1184 D D1   . DOD B 2 .  ? -1.111  -15.926 4.124   1.00 36.23 ? 123 DOD A D1   1 
HETATM 1185 D D2   . DOD B 2 .  ? -0.029  -16.260 5.136   1.00 30.17 ? 123 DOD A D2   1 
HETATM 1186 O O    . DOD B 2 .  ? -11.125 6.019   -7.812  1.00 20.12 ? 124 DOD A O    1 
HETATM 1187 D D1   . DOD B 2 .  ? -12.071 5.883   -7.712  1.00 26.09 ? 124 DOD A D1   1 
HETATM 1188 D D2   . DOD B 2 .  ? -10.988 6.052   -8.761  1.00 30.40 ? 124 DOD A D2   1 
HETATM 1189 O O    . DOD B 2 .  ? -7.887  4.364   -11.625 1.00 29.36 ? 125 DOD A O    1 
HETATM 1190 D D1   . DOD B 2 .  ? -8.831  4.310   -11.368 1.00 35.00 ? 125 DOD A D1   1 
HETATM 1191 D D2   . DOD B 2 .  ? -7.637  3.484   -11.976 1.00 25.82 ? 125 DOD A D2   1 
HETATM 1192 O O    . DOD B 2 .  ? -3.034  14.689  3.155   1.00 31.32 ? 126 DOD A O    1 
HETATM 1193 D D1   . DOD B 2 .  ? -3.261  14.365  4.030   1.00 28.55 ? 126 DOD A D1   1 
HETATM 1194 D D2   . DOD B 2 .  ? -3.711  15.340  2.957   1.00 33.35 ? 126 DOD A D2   1 
HETATM 1195 O O    . DOD B 2 .  ? 4.486   6.229   -9.282  1.00 23.63 ? 127 DOD A O    1 
HETATM 1196 O O    . DOD B 2 .  ? -7.832  10.697  2.802   1.00 30.36 ? 128 DOD A O    1 
HETATM 1197 D D1   . DOD B 2 .  ? -7.393  10.307  2.042   1.00 36.28 ? 128 DOD A D1   1 
HETATM 1198 D D2   . DOD B 2 .  ? -8.596  11.147  2.433   1.00 25.72 ? 128 DOD A D2   1 
HETATM 1199 O O    . DOD B 2 .  ? -8.681  -6.345  -9.232  1.00 31.26 ? 129 DOD A O    1 
HETATM 1200 D D1   . DOD B 2 .  ? -8.234  -7.195  -9.262  1.00 29.16 ? 129 DOD A D1   1 
HETATM 1201 D D2   . DOD B 2 .  ? -9.001  -6.275  -8.329  1.00 33.02 ? 129 DOD A D2   1 
HETATM 1202 O O    . DOD B 2 .  ? 9.890   2.971   -7.139  1.00 25.84 ? 130 DOD A O    1 
HETATM 1203 D D1   . DOD B 2 .  ? 9.479   3.672   -7.438  1.00 31.70 ? 130 DOD A D1   1 
HETATM 1204 D D2   . DOD B 2 .  ? 10.606  3.273   -6.637  1.00 22.97 ? 130 DOD A D2   1 
HETATM 1205 O O    . DOD B 2 .  ? -0.530  15.998  6.935   1.00 39.39 ? 131 DOD A O    1 
HETATM 1206 D D1   . DOD B 2 .  ? -1.362  15.936  7.325   1.00 43.99 ? 131 DOD A D1   1 
HETATM 1207 D D2   . DOD B 2 .  ? -0.568  15.599  6.104   1.00 34.53 ? 131 DOD A D2   1 
HETATM 1208 O O    . DOD B 2 .  ? 5.871   -15.584 0.157   1.00 35.24 ? 132 DOD A O    1 
HETATM 1209 D D1   . DOD B 2 .  ? 6.096   -15.957 0.978   1.00 38.20 ? 132 DOD A D1   1 
HETATM 1210 D D2   . DOD B 2 .  ? 5.770   -14.689 0.375   1.00 32.51 ? 132 DOD A D2   1 
HETATM 1211 O O    . DOD B 2 .  ? -9.893  9.711   3.630   1.00 31.95 ? 133 DOD A O    1 
HETATM 1212 D D1   . DOD B 2 .  ? -9.935  8.812   3.781   1.00 32.10 ? 133 DOD A D1   1 
HETATM 1213 D D2   . DOD B 2 .  ? -9.910  10.116  4.440   1.00 31.28 ? 133 DOD A D2   1 
HETATM 1214 O O    . DOD B 2 .  ? 8.010   -8.584  6.655   1.00 31.83 ? 134 DOD A O    1 
HETATM 1215 D D1   . DOD B 2 .  ? 7.501   -8.729  7.397   1.00 29.49 ? 134 DOD A D1   1 
HETATM 1216 D D2   . DOD B 2 .  ? 8.862   -8.462  7.017   1.00 34.52 ? 134 DOD A D2   1 
HETATM 1217 O O    . DOD B 2 .  ? -1.683  9.225   11.052  1.00 39.16 ? 135 DOD A O    1 
HETATM 1218 D D1   . DOD B 2 .  ? -1.947  10.139  11.186  1.00 39.46 ? 135 DOD A D1   1 
HETATM 1219 D D2   . DOD B 2 .  ? -0.724  9.244   11.089  1.00 39.77 ? 135 DOD A D2   1 
HETATM 1220 O O    . DOD B 2 .  ? -5.142  8.374   -14.997 1.00 36.02 ? 136 DOD A O    1 
HETATM 1221 D D1   . DOD B 2 .  ? -4.410  7.924   -15.423 1.00 36.35 ? 136 DOD A D1   1 
HETATM 1222 D D2   . DOD B 2 .  ? -4.727  9.031   -14.432 1.00 35.94 ? 136 DOD A D2   1 
HETATM 1223 O O    . DOD B 2 .  ? 7.147   -14.671 -2.044  1.00 35.11 ? 137 DOD A O    1 
HETATM 1224 D D1   . DOD B 2 .  ? 7.199   -15.630 -2.047  1.00 34.22 ? 137 DOD A D1   1 
HETATM 1225 D D2   . DOD B 2 .  ? 7.478   -14.410 -2.905  1.00 34.70 ? 137 DOD A D2   1 
HETATM 1226 O O    . DOD B 2 .  ? 7.182   -11.987 -5.707  1.00 37.42 ? 138 DOD A O    1 
HETATM 1227 D D1   . DOD B 2 .  ? 7.145   -12.857 -6.058  1.00 39.07 ? 138 DOD A D1   1 
HETATM 1228 D D2   . DOD B 2 .  ? 7.272   -11.462 -6.447  1.00 36.90 ? 138 DOD A D2   1 
HETATM 1229 O O    . DOD B 2 .  ? -6.993  -10.035 7.730   1.00 38.79 ? 139 DOD A O    1 
HETATM 1230 D D1   . DOD B 2 .  ? -6.526  -9.417  7.163   1.00 37.87 ? 139 DOD A D1   1 
HETATM 1231 D D2   . DOD B 2 .  ? -7.836  -9.611  7.905   1.00 39.36 ? 139 DOD A D2   1 
HETATM 1232 O O    . DOD B 2 .  ? 0.600   9.179   11.468  1.00 38.72 ? 140 DOD A O    1 
HETATM 1233 D D1   . DOD B 2 .  ? 0.926   8.368   11.866  1.00 41.10 ? 140 DOD A D1   1 
HETATM 1234 D D2   . DOD B 2 .  ? 1.393   9.682   11.265  1.00 36.73 ? 140 DOD A D2   1 
HETATM 1235 O O    . DOD B 2 .  ? 6.177   5.965   11.806  1.00 37.65 ? 141 DOD A O    1 
HETATM 1236 D D1   . DOD B 2 .  ? 7.070   5.651   11.640  1.00 36.17 ? 141 DOD A D1   1 
HETATM 1237 D D2   . DOD B 2 .  ? 5.842   5.383   12.493  1.00 39.46 ? 141 DOD A D2   1 
HETATM 1238 O O    . DOD B 2 .  ? -1.121  -12.374 8.951   1.00 37.49 ? 142 DOD A O    1 
HETATM 1239 D D1   . DOD B 2 .  ? -2.005  -12.422 8.715   1.00 38.00 ? 142 DOD A D1   1 
HETATM 1240 D D2   . DOD B 2 .  ? -0.977  -11.466 8.992   1.00 37.51 ? 142 DOD A D2   1 
# 
loop_
_atom_site_anisotrop.id 
_atom_site_anisotrop.type_symbol 
_atom_site_anisotrop.pdbx_label_atom_id 
_atom_site_anisotrop.pdbx_label_alt_id 
_atom_site_anisotrop.pdbx_label_comp_id 
_atom_site_anisotrop.pdbx_label_asym_id 
_atom_site_anisotrop.pdbx_label_seq_id 
_atom_site_anisotrop.pdbx_PDB_ins_code 
_atom_site_anisotrop.U[1][1] 
_atom_site_anisotrop.U[2][2] 
_atom_site_anisotrop.U[3][3] 
_atom_site_anisotrop.U[1][2] 
_atom_site_anisotrop.U[1][3] 
_atom_site_anisotrop.U[2][3] 
_atom_site_anisotrop.pdbx_auth_seq_id 
_atom_site_anisotrop.pdbx_auth_comp_id 
_atom_site_anisotrop.pdbx_auth_asym_id 
_atom_site_anisotrop.pdbx_auth_atom_id 
1    N N   . ASN A 1  ? 0.5500 0.2501 0.6351 0.0532  0.0334  0.1739  1   ASN A N   
2    C CA  . ASN A 1  ? 0.5254 0.2781 0.6730 0.0700  0.0196  0.1470  1   ASN A CA  
3    C C   . ASN A 1  ? 0.3803 0.2787 0.5787 0.0580  -0.0152 0.1126  1   ASN A C   
4    O O   . ASN A 1  ? 0.3310 0.2858 0.5788 0.0707  -0.0174 0.1133  1   ASN A O   
5    C CB  . ASN A 1  ? 0.5935 0.2952 0.7510 0.0873  0.0305  0.1427  1   ASN A CB  
6    C CG  . ASN A 1  ? 0.6895 0.4000 0.8562 0.0924  0.0213  0.1303  1   ASN A CG  
7    O OD1 . ASN A 1  ? 0.6958 0.4020 0.8521 0.1026  0.0220  0.1313  1   ASN A OD1 
8    N ND2 . ASN A 1  ? 0.7728 0.5019 0.9599 0.0873  0.0234  0.1231  1   ASN A ND2 
14   N N   . GLN A 2  ? 0.3097 0.2424 0.5116 0.0561  -0.0413 0.0885  2   GLN A N   
15   C CA  . GLN A 2  ? 0.2299 0.1783 0.3605 0.0300  -0.0408 0.0637  2   GLN A CA  
16   C C   . GLN A 2  ? 0.1643 0.1908 0.2564 0.0187  -0.0710 0.0901  2   GLN A C   
17   O O   . GLN A 2  ? 0.1956 0.2416 0.2509 0.0296  -0.0774 0.0716  2   GLN A O   
18   C CB  . GLN A 2  ? 0.2496 0.2327 0.4027 0.0381  -0.0248 0.0258  2   GLN A CB  
19   C CG  . GLN A 2  ? 0.4111 0.3665 0.5553 0.0445  -0.0237 0.0255  2   GLN A CG  
20   C CD  . GLN A 2  ? 0.4800 0.4164 0.6112 0.0455  -0.0231 0.0241  2   GLN A CD  
21   O OE1 . GLN A 2  ? 0.4979 0.4240 0.6233 0.0464  -0.0316 0.0226  2   GLN A OE1 
22   N NE2 . GLN A 2  ? 0.5112 0.4750 0.6430 0.0414  -0.0160 0.0203  2   GLN A NE2 
31   N N   . ALA A 3  ? 0.1635 0.1835 0.2817 0.0071  -0.0698 0.0877  3   ALA A N   
32   C CA  . ALA A 3  ? 0.1168 0.1621 0.2171 0.0125  -0.0433 0.0622  3   ALA A CA  
33   C C   . ALA A 3  ? 0.0710 0.1619 0.1809 -0.0084 -0.0246 0.0599  3   ALA A C   
34   O O   . ALA A 3  ? 0.0952 0.1763 0.2076 -0.0267 -0.0544 0.0594  3   ALA A O   
35   C CB  . ALA A 3  ? 0.2217 0.2218 0.2777 0.0201  -0.0164 0.0325  3   ALA A CB  
41   N N   . SER A 4  ? 0.0787 0.1367 0.1478 -0.0010 -0.0111 0.0523  4   SER A N   
42   C CA  . SER A 4  ? 0.0639 0.1162 0.1076 -0.0156 -0.0055 0.0332  4   SER A CA  
43   C C   . SER A 4  ? 0.0670 0.1207 0.1016 -0.0246 -0.0093 0.0438  4   SER A C   
44   O O   . SER A 4  ? 0.0882 0.1414 0.1196 -0.0085 0.0127  0.0419  4   SER A O   
45   C CB  . SER A 4  ? 0.0834 0.1202 0.1122 -0.0010 0.0034  0.0271  4   SER A CB  
46   O OG  . SER A 4  ? 0.1169 0.1503 0.1602 0.0123  0.0454  0.0458  4   SER A OG  
52   N N   . VAL A 5  ? 0.0564 0.1283 0.1028 -0.0100 0.0011  0.0369  5   VAL A N   
53   C CA  . VAL A 5  ? 0.0738 0.1022 0.1088 -0.0168 0.0032  0.0291  5   VAL A CA  
54   C C   . VAL A 5  ? 0.0474 0.1064 0.0871 -0.0120 -0.0119 0.0245  5   VAL A C   
55   O O   . VAL A 5  ? 0.0726 0.1364 0.0767 -0.0196 0.0008  0.0118  5   VAL A O   
56   C CB  . VAL A 5  ? 0.0990 0.1476 0.1414 -0.0354 -0.0219 0.0036  5   VAL A CB  
57   C CG1 . VAL A 5  ? 0.1003 0.1601 0.2756 0.0174  -0.0334 0.0023  5   VAL A CG1 
58   C CG2 . VAL A 5  ? 0.1204 0.2152 0.1950 -0.0252 -0.0439 -0.0259 5   VAL A CG2 
68   N N   . VAL A 6  ? 0.0508 0.1148 0.0887 -0.0168 -0.0045 0.0242  6   VAL A N   
69   C CA  . VAL A 6  ? 0.0502 0.1010 0.0829 -0.0114 -0.0074 0.0148  6   VAL A CA  
70   C C   . VAL A 6  ? 0.0604 0.1041 0.0630 -0.0224 -0.0079 0.0183  6   VAL A C   
71   O O   . VAL A 6  ? 0.0728 0.1416 0.0839 -0.0021 -0.0107 0.0034  6   VAL A O   
72   C CB  . VAL A 6  ? 0.0741 0.1264 0.1555 -0.0202 -0.0217 0.0261  6   VAL A CB  
73   C CG1 . VAL A 6  ? 0.1887 0.2697 0.3497 -0.0504 -0.1107 -0.0543 6   VAL A CG1 
74   C CG2 . VAL A 6  ? 0.1254 0.1198 0.1835 0.0127  0.0010  0.0277  6   VAL A CG2 
84   N N   . ALA A 7  ? 0.0657 0.1012 0.0794 -0.0224 -0.0067 0.0061  7   ALA A N   
85   C CA  . ALA A 7  ? 0.0649 0.0963 0.0772 -0.0101 -0.0109 0.0099  7   ALA A CA  
86   C C   . ALA A 7  ? 0.0586 0.0974 0.0933 -0.0256 -0.0145 0.0095  7   ALA A C   
87   O O   . ALA A 7  ? 0.0865 0.1246 0.1110 -0.0431 0.0060  0.0058  7   ALA A O   
88   C CB  . ALA A 7  ? 0.0826 0.1019 0.1056 -0.0028 0.0052  0.0182  7   ALA A CB  
94   N N   . ASN A 8  ? 0.0711 0.1104 0.0908 -0.0238 0.0031  0.0083  8   ASN A N   
95   C CA  . ASN A 8  ? 0.0637 0.1335 0.0943 -0.0217 0.0078  0.0160  8   ASN A CA  
96   C C   . ASN A 8  ? 0.0882 0.1696 0.1168 -0.0217 0.0197  0.0433  8   ASN A C   
97   O O   . ASN A 8  ? 0.0767 0.2262 0.1199 -0.0304 0.0127  0.0443  8   ASN A O   
98   C CB  . ASN A 8  ? 0.0875 0.1508 0.0993 -0.0103 0.0114  0.0130  8   ASN A CB  
99   C CG  . ASN A 8  ? 0.1215 0.2030 0.1205 -0.0284 0.0220  0.0351  8   ASN A CG  
100  O OD1 . ASN A 8  ? 0.1588 0.1975 0.1514 -0.0239 0.0195  0.0643  8   ASN A OD1 
101  N ND2 . ASN A 8  ? 0.1915 0.2893 0.1409 -0.0227 0.0431  0.0195  8   ASN A ND2 
108  N N   A GLN A 9  ? 0.0714 0.1617 0.1513 0.0179  0.0316  0.0734  9   GLN A N   
109  N N   B GLN A 9  ? 0.1938 0.2579 0.2215 0.0103  0.0305  0.0358  9   GLN A N   
110  C CA  A GLN A 9  ? 0.0671 0.1675 0.1528 0.0309  0.0271  0.0546  9   GLN A CA  
111  C CA  B GLN A 9  ? 0.1866 0.2494 0.2257 0.0244  0.0360  0.0360  9   GLN A CA  
112  C C   A GLN A 9  ? 0.0543 0.1414 0.1611 0.0116  0.0060  0.0582  9   GLN A C   
113  C C   B GLN A 9  ? 0.1287 0.2071 0.2043 0.0153  0.0222  0.0436  9   GLN A C   
114  O O   A GLN A 9  ? 0.0621 0.1611 0.1481 0.0133  0.0137  0.0825  9   GLN A O   
115  O O   B GLN A 9  ? 0.1297 0.2120 0.2048 0.0156  0.0280  0.0526  9   GLN A O   
116  C CB  A GLN A 9  ? 0.1364 0.2267 0.2274 0.0547  0.0178  0.0244  9   GLN A CB  
117  C CB  B GLN A 9  ? 0.2265 0.2759 0.2492 0.0385  0.0475  0.0327  9   GLN A CB  
118  C CG  A GLN A 9  ? 0.1606 0.2788 0.2842 0.0558  -0.0055 -0.0020 9   GLN A CG  
119  C CG  B GLN A 9  ? 0.3421 0.3826 0.3608 0.0398  0.0515  0.0340  9   GLN A CG  
120  C CD  A GLN A 9  ? 0.2089 0.3378 0.3342 0.0566  -0.0112 -0.0178 9   GLN A CD  
121  C CD  B GLN A 9  ? 0.3954 0.4355 0.4131 0.0384  0.0523  0.0347  9   GLN A CD  
122  O OE1 A GLN A 9  ? 0.1843 0.3510 0.2982 0.0572  -0.0139 -0.0545 9   GLN A OE1 
123  O OE1 B GLN A 9  ? 0.3942 0.4346 0.4138 0.0386  0.0538  0.0357  9   GLN A OE1 
124  N NE2 A GLN A 9  ? 0.2945 0.3878 0.4106 0.0494  -0.0097 -0.0099 9   GLN A NE2 
125  N NE2 B GLN A 9  ? 0.4514 0.4904 0.4653 0.0397  0.0526  0.0318  9   GLN A NE2 
142  N N   . LEU A 10 ? 0.0701 0.1846 0.1752 0.0051  0.0128  0.0537  10  LEU A N   
143  C CA  . LEU A 10 ? 0.0905 0.1516 0.1468 0.0133  0.0072  0.0366  10  LEU A CA  
144  C C   . LEU A 10 ? 0.0971 0.1264 0.1486 0.0177  0.0126  0.0346  10  LEU A C   
145  O O   . LEU A 10 ? 0.1409 0.1745 0.1842 0.0378  0.0526  0.0215  10  LEU A O   
146  C CB  . LEU A 10 ? 0.1332 0.1881 0.1721 0.0024  -0.0042 0.0131  10  LEU A CB  
147  C CG  . LEU A 10 ? 0.2238 0.3027 0.2461 -0.0005 -0.0159 -0.0061 10  LEU A CG  
148  C CD1 . LEU A 10 ? 0.2319 0.3024 0.2304 -0.0014 -0.0054 -0.0186 10  LEU A CD1 
149  C CD2 . LEU A 10 ? 0.2572 0.2849 0.2397 -0.0133 -0.0085 -0.0119 10  LEU A CD2 
161  N N   . ILE A 11 ? 0.0971 0.1208 0.1267 0.0158  -0.0074 0.0318  11  ILE A N   
162  C CA  . ILE A 11 ? 0.1138 0.0935 0.1089 0.0070  -0.0013 0.0291  11  ILE A CA  
163  C C   . ILE A 11 ? 0.1139 0.0954 0.1094 0.0165  -0.0047 0.0175  11  ILE A C   
164  O O   . ILE A 11 ? 0.1334 0.1092 0.1101 0.0277  0.0079  0.0243  11  ILE A O   
165  C CB  . ILE A 11 ? 0.1177 0.1058 0.1040 -0.0022 -0.0128 0.0183  11  ILE A CB  
166  C CG1 . ILE A 11 ? 0.1298 0.1188 0.1365 -0.0061 -0.0229 0.0162  11  ILE A CG1 
167  C CG2 . ILE A 11 ? 0.1816 0.1522 0.1506 -0.0019 -0.0076 0.0291  11  ILE A CG2 
168  C CD1 . ILE A 11 ? 0.1592 0.1291 0.1912 -0.0124 -0.0375 0.0145  11  ILE A CD1 
180  N N   . PRO A 12 ? 0.1141 0.1116 0.1185 0.0256  0.0087  0.0326  12  PRO A N   
181  C CA  . PRO A 12 ? 0.1055 0.1134 0.1630 0.0365  -0.0064 0.0375  12  PRO A CA  
182  C C   . PRO A 12 ? 0.1044 0.1006 0.1418 0.0308  -0.0016 0.0308  12  PRO A C   
183  O O   . PRO A 12 ? 0.1246 0.1217 0.1475 0.0293  0.0157  0.0335  12  PRO A O   
184  C CB  . PRO A 12 ? 0.1470 0.1374 0.2125 0.0376  0.0148  0.0397  12  PRO A CB  
185  C CG  . PRO A 12 ? 0.1684 0.1672 0.2086 0.0602  0.0321  0.0298  12  PRO A CG  
186  C CD  . PRO A 12 ? 0.1440 0.1243 0.1620 0.0351  0.0304  0.0249  12  PRO A CD  
194  N N   . ILE A 13 ? 0.1325 0.1184 0.1422 0.0288  0.0056  0.0359  13  ILE A N   
195  C CA  . ILE A 13 ? 0.1064 0.1120 0.1603 0.0398  0.0028  0.0380  13  ILE A CA  
196  C C   . ILE A 13 ? 0.0841 0.1447 0.1678 0.0453  0.0092  0.0566  13  ILE A C   
197  O O   . ILE A 13 ? 0.0848 0.1314 0.1799 0.0320  0.0008  0.0429  13  ILE A O   
198  C CB  . ILE A 13 ? 0.1368 0.1322 0.1533 0.0384  0.0115  0.0387  13  ILE A CB  
199  C CG1 . ILE A 13 ? 0.2183 0.2338 0.1778 0.0354  0.0545  0.0448  13  ILE A CG1 
200  C CG2 . ILE A 13 ? 0.1666 0.1467 0.1675 0.0262  0.0067  0.0245  13  ILE A CG2 
201  C CD1 . ILE A 13 ? 0.2384 0.2781 0.1884 0.0261  0.0585  0.0323  13  ILE A CD1 
213  N N   . ASN A 14 ? 0.1033 0.1910 0.2150 0.0472  0.0217  0.0748  14  ASN A N   
214  C CA  . ASN A 14 ? 0.1243 0.1763 0.2330 0.0117  0.0089  0.0477  14  ASN A CA  
215  C C   . ASN A 14 ? 0.1542 0.1950 0.2183 -0.0015 -0.0148 0.0565  14  ASN A C   
216  O O   . ASN A 14 ? 0.2090 0.2019 0.1878 -0.0236 -0.0184 0.0498  14  ASN A O   
217  C CB  . ASN A 14 ? 0.1654 0.1702 0.3068 0.0292  0.0058  0.0600  14  ASN A CB  
218  C CG  . ASN A 14 ? 0.1222 0.2131 0.3309 0.0284  -0.0011 0.0906  14  ASN A CG  
219  O OD1 . ASN A 14 ? 0.1257 0.2435 0.3286 0.0227  0.0207  0.1014  14  ASN A OD1 
220  N ND2 . ASN A 14 ? 0.1847 0.2749 0.4359 0.0744  -0.0078 0.0591  14  ASN A ND2 
227  N N   . THR A 15 ? 0.1305 0.2928 0.2671 0.0379  -0.0193 0.0382  15  THR A N   
228  C CA  . THR A 15 ? 0.1189 0.2353 0.1893 0.0071  -0.0175 0.0170  15  THR A CA  
229  C C   . THR A 15 ? 0.1671 0.1844 0.1949 -0.0138 0.0125  0.0536  15  THR A C   
230  O O   . THR A 15 ? 0.1472 0.1849 0.2202 -0.0183 -0.0362 0.0555  15  THR A O   
231  C CB  . THR A 15 ? 0.1066 0.2648 0.1586 0.0282  -0.0210 0.0114  15  THR A CB  
232  O OG1 . THR A 15 ? 0.1033 0.2730 0.1847 0.0199  -0.0196 -0.0060 15  THR A OG1 
233  C CG2 . THR A 15 ? 0.1450 0.3357 0.2208 0.0241  -0.0153 -0.0282 15  THR A CG2 
241  N N   . ALA A 16 ? 0.2497 0.2242 0.1973 -0.0100 0.0119  0.0628  16  ALA A N   
242  C CA  . ALA A 16 ? 0.1871 0.2026 0.1978 -0.0120 -0.0133 0.0304  16  ALA A CA  
243  C C   . ALA A 16 ? 0.1407 0.1975 0.1540 -0.0334 -0.0028 0.0357  16  ALA A C   
244  O O   . ALA A 16 ? 0.1698 0.2205 0.1765 -0.0160 0.0053  0.0460  16  ALA A O   
245  C CB  . ALA A 16 ? 0.2358 0.2377 0.2386 0.0019  -0.0071 0.0144  16  ALA A CB  
251  N N   . LEU A 17 ? 0.1407 0.2074 0.1199 -0.0455 -0.0089 0.0055  17  LEU A N   
252  C CA  . LEU A 17 ? 0.1322 0.1594 0.1043 -0.0449 0.0016  0.0067  17  LEU A CA  
253  C C   . LEU A 17 ? 0.1600 0.1521 0.1023 -0.0452 0.0039  0.0065  17  LEU A C   
254  O O   . LEU A 17 ? 0.1607 0.1739 0.1272 -0.0402 -0.0045 -0.0050 17  LEU A O   
255  C CB  . LEU A 17 ? 0.1516 0.1883 0.0972 -0.0490 0.0061  -0.0048 17  LEU A CB  
256  C CG  . LEU A 17 ? 0.1712 0.2313 0.1349 -0.0537 -0.0097 -0.0147 17  LEU A CG  
257  C CD1 . LEU A 17 ? 0.1712 0.2204 0.1632 -0.0383 -0.0164 -0.0201 17  LEU A CD1 
258  C CD2 . LEU A 17 ? 0.1984 0.2759 0.1906 -0.0432 -0.0269 -0.0351 17  LEU A CD2 
270  N N   . THR A 18 ? 0.1859 0.1921 0.1096 -0.0455 0.0145  0.0037  18  THR A N   
271  C CA  . THR A 18 ? 0.1966 0.1782 0.0944 -0.0270 0.0199  -0.0051 18  THR A CA  
272  C C   . THR A 18 ? 0.1782 0.1623 0.0903 -0.0211 0.0093  -0.0108 18  THR A C   
273  O O   . THR A 18 ? 0.1535 0.1594 0.0996 -0.0120 0.0140  -0.0073 18  THR A O   
274  C CB  . THR A 18 ? 0.2382 0.1962 0.1412 -0.0042 0.0392  0.0224  18  THR A CB  
275  O OG1 . THR A 18 ? 0.3353 0.3300 0.2347 0.0098  0.0855  0.0485  18  THR A OG1 
276  C CG2 . THR A 18 ? 0.2141 0.1872 0.1868 0.0109  0.0196  0.0086  18  THR A CG2 
284  N N   . LEU A 19 ? 0.2328 0.2166 0.0920 -0.0182 0.0086  -0.0093 19  LEU A N   
285  C CA  . LEU A 19 ? 0.1957 0.1643 0.1009 -0.0106 0.0056  0.0200  19  LEU A CA  
286  C C   . LEU A 19 ? 0.2011 0.1717 0.1390 0.0063  -0.0038 0.0256  19  LEU A C   
287  O O   . LEU A 19 ? 0.2196 0.1576 0.2159 0.0249  -0.0380 0.0175  19  LEU A O   
288  C CB  . LEU A 19 ? 0.2042 0.1802 0.1076 -0.0244 -0.0022 0.0087  19  LEU A CB  
289  C CG  . LEU A 19 ? 0.2450 0.2589 0.1374 -0.0430 0.0008  -0.0041 19  LEU A CG  
290  C CD1 . LEU A 19 ? 0.3045 0.3329 0.2056 -0.0500 -0.0201 -0.0320 19  LEU A CD1 
291  C CD2 . LEU A 19 ? 0.2346 0.3169 0.1569 -0.0182 0.0096  -0.0145 19  LEU A CD2 
303  N N   A VAL A 20 ? 0.1911 0.2090 0.0946 0.0131  0.0532  0.0201  20  VAL A N   
304  N N   C VAL A 20 ? 0.2519 0.2370 0.2162 0.0068  0.0147  0.0191  20  VAL A N   
305  C CA  A VAL A 20 ? 0.1572 0.2085 0.1176 0.0218  0.0721  0.0312  20  VAL A CA  
306  C CA  C VAL A 20 ? 0.2257 0.2296 0.2143 0.0089  0.0213  0.0182  20  VAL A CA  
307  C C   A VAL A 20 ? 0.1030 0.1743 0.1421 0.0038  0.0468  0.0303  20  VAL A C   
308  C C   C VAL A 20 ? 0.1637 0.1960 0.1677 0.0043  0.0233  0.0226  20  VAL A C   
309  O O   A VAL A 20 ? 0.1307 0.1803 0.1654 -0.0377 0.0467  0.0253  20  VAL A O   
310  O O   C VAL A 20 ? 0.1681 0.1956 0.1645 -0.0022 0.0249  0.0248  20  VAL A O   
311  C CB  A VAL A 20 ? 0.2159 0.3459 0.2243 0.0447  0.0891  0.0257  20  VAL A CB  
312  C CB  C VAL A 20 ? 0.2489 0.2553 0.2459 0.0115  0.0232  0.0149  20  VAL A CB  
313  C CG1 A VAL A 20 ? 0.1689 0.3124 0.1766 0.0413  0.0581  0.0018  20  VAL A CG1 
314  C CG1 C VAL A 20 ? 0.2760 0.2753 0.2798 0.0126  0.0180  0.0147  20  VAL A CG1 
315  C CG2 A VAL A 20 ? 0.2383 0.3838 0.2502 0.0666  0.1029  0.0377  20  VAL A CG2 
316  C CG2 C VAL A 20 ? 0.2444 0.2549 0.2416 0.0126  0.0215  0.0114  20  VAL A CG2 
335  N N   . MET A 21 ? 0.1155 0.1706 0.1172 0.0005  0.0296  0.0226  21  MET A N   
336  C CA  . MET A 21 ? 0.0891 0.1339 0.1068 -0.0080 0.0086  0.0052  21  MET A CA  
337  C C   . MET A 21 ? 0.0819 0.1180 0.0919 -0.0155 0.0071  0.0058  21  MET A C   
338  O O   . MET A 21 ? 0.1260 0.1293 0.1118 -0.0240 -0.0131 -0.0028 21  MET A O   
339  C CB  . MET A 21 ? 0.0908 0.1294 0.1012 0.0003  0.0059  0.0070  21  MET A CB  
340  C CG  . MET A 21 ? 0.1314 0.1553 0.1594 0.0003  0.0160  0.0228  21  MET A CG  
341  S SD  . MET A 21 ? 0.1434 0.1428 0.1459 -0.0061 0.0091  0.0188  21  MET A SD  
342  C CE  . MET A 21 ? 0.2621 0.2002 0.3012 0.0194  0.0102  0.0405  21  MET A CE  
352  N N   . MET A 22 ? 0.0970 0.1306 0.0914 -0.0106 0.0154  0.0108  22  MET A N   
353  C CA  . MET A 22 ? 0.0982 0.1380 0.0940 -0.0049 0.0112  0.0040  22  MET A CA  
354  C C   . MET A 22 ? 0.1114 0.1383 0.0679 -0.0080 0.0037  0.0063  22  MET A C   
355  O O   . MET A 22 ? 0.2376 0.1449 0.0835 -0.0087 0.0071  0.0112  22  MET A O   
356  C CB  . MET A 22 ? 0.1063 0.1443 0.1085 -0.0054 0.0123  0.0151  22  MET A CB  
357  C CG  . MET A 22 ? 0.1049 0.1491 0.1340 -0.0106 0.0110  0.0129  22  MET A CG  
358  S SD  . MET A 22 ? 0.1165 0.1691 0.1662 -0.0324 0.0293  0.0161  22  MET A SD  
359  C CE  . MET A 22 ? 0.1546 0.1727 0.1988 0.0023  0.0081  0.0106  22  MET A CE  
369  N N   . ARG A 23 ? 0.1076 0.1394 0.0719 -0.0178 -0.0047 0.0145  23  ARG A N   
370  C CA  . ARG A 23 ? 0.1139 0.1311 0.0793 -0.0328 -0.0076 0.0215  23  ARG A CA  
371  C C   . ARG A 23 ? 0.0853 0.1645 0.0828 -0.0240 0.0011  0.0281  23  ARG A C   
372  O O   . ARG A 23 ? 0.1002 0.1979 0.0935 -0.0152 0.0077  0.0520  23  ARG A O   
373  C CB  . ARG A 23 ? 0.1784 0.1712 0.1213 -0.0316 0.0110  0.0295  23  ARG A CB  
374  C CG  . ARG A 23 ? 0.2240 0.1696 0.1224 -0.0833 -0.0002 0.0185  23  ARG A CG  
375  C CD  . ARG A 23 ? 0.3786 0.2769 0.2289 -0.0978 -0.0342 -0.0137 23  ARG A CD  
376  N NE  . ARG A 23 ? 0.5531 0.4111 0.3598 -0.1149 -0.0397 -0.0197 23  ARG A NE  
377  C CZ  . ARG A 23 ? 0.6355 0.4384 0.3929 -0.1285 -0.0343 -0.0184 23  ARG A CZ  
378  N NH1 . ARG A 23 ? 0.7376 0.5233 0.4786 -0.1359 -0.0436 -0.0266 23  ARG A NH1 
379  N NH2 . ARG A 23 ? 0.6163 0.3994 0.3501 -0.1319 -0.0260 -0.0154 23  ARG A NH2 
393  N N   . SER A 24 ? 0.1296 0.1566 0.1080 -0.0111 0.0153  0.0468  24  SER A N   
394  C CA  . SER A 24 ? 0.1229 0.1656 0.1272 0.0026  0.0099  0.0268  24  SER A CA  
395  C C   . SER A 24 ? 0.1046 0.1293 0.1176 -0.0143 0.0031  0.0321  24  SER A C   
396  O O   . SER A 24 ? 0.1572 0.1594 0.1269 -0.0319 0.0279  0.0292  24  SER A O   
397  C CB  . SER A 24 ? 0.1027 0.2417 0.2738 0.0166  -0.0288 -0.0229 24  SER A CB  
398  O OG  . SER A 24 ? 0.1707 0.3943 0.3815 0.0262  -0.0373 -0.0299 24  SER A OG  
404  N N   A GLU A 25 ? 0.0816 0.1165 0.1044 0.0017  0.0083  0.0344  25  GLU A N   
405  N N   B GLU A 25 ? 0.1522 0.1530 0.1571 -0.0024 0.0074  0.0311  25  GLU A N   
406  C CA  A GLU A 25 ? 0.0601 0.1182 0.0921 -0.0031 -0.0068 0.0245  25  GLU A CA  
407  C CA  B GLU A 25 ? 0.1979 0.1777 0.1850 -0.0060 0.0028  0.0252  25  GLU A CA  
408  C C   A GLU A 25 ? 0.0798 0.0941 0.1034 -0.0019 0.0074  0.0527  25  GLU A C   
409  C C   B GLU A 25 ? 0.1494 0.1582 0.1581 -0.0046 0.0120  0.0397  25  GLU A C   
410  O O   A GLU A 25 ? 0.0845 0.0956 0.1293 -0.0145 0.0135  0.0509  25  GLU A O   
411  O O   B GLU A 25 ? 0.1328 0.1691 0.1668 -0.0116 -0.0044 0.0282  25  GLU A O   
412  C CB  A GLU A 25 ? 0.0645 0.1792 0.1542 0.0051  -0.0047 0.0046  25  GLU A CB  
413  C CB  B GLU A 25 ? 0.2553 0.2091 0.2294 -0.0195 -0.0028 0.0153  25  GLU A CB  
414  C CG  A GLU A 25 ? 0.1622 0.3219 0.2687 0.0173  -0.0089 -0.0204 25  GLU A CG  
415  C CG  B GLU A 25 ? 0.2396 0.1954 0.2088 -0.0304 -0.0126 0.0001  25  GLU A CG  
416  C CD  A GLU A 25 ? 0.1615 0.3258 0.2826 0.0025  -0.0116 -0.0346 25  GLU A CD  
417  C CD  B GLU A 25 ? 0.2342 0.2012 0.2107 -0.0653 -0.0163 -0.0127 25  GLU A CD  
418  O OE1 A GLU A 25 ? 0.1361 0.3340 0.2699 -0.0042 -0.0100 -0.0450 25  GLU A OE1 
419  O OE1 B GLU A 25 ? 0.1900 0.1899 0.2195 -0.0972 -0.0289 -0.0171 25  GLU A OE1 
420  O OE2 A GLU A 25 ? 0.2038 0.3218 0.3165 0.0052  -0.0209 -0.0340 25  GLU A OE2 
421  O OE2 B GLU A 25 ? 0.2496 0.2103 0.2095 -0.0717 -0.0066 -0.0070 25  GLU A OE2 
434  N N   . VAL A 26 ? 0.1392 0.1539 0.1478 0.0080  0.0259  0.0580  26  VAL A N   
435  C CA  . VAL A 26 ? 0.1416 0.1408 0.1612 0.0375  0.0349  0.0700  26  VAL A CA  
436  C C   . VAL A 26 ? 0.1413 0.1121 0.1771 -0.0102 0.0226  0.0533  26  VAL A C   
437  O O   . VAL A 26 ? 0.1834 0.1474 0.2220 -0.0546 0.0485  0.0450  26  VAL A O   
438  C CB  . VAL A 26 ? 0.2275 0.1905 0.2846 0.0719  0.0738  0.1043  26  VAL A CB  
439  C CG1 . VAL A 26 ? 0.2862 0.2370 0.3223 0.0754  0.0883  0.0900  26  VAL A CG1 
440  C CG2 . VAL A 26 ? 0.2566 0.2059 0.3007 0.0787  0.0923  0.1086  26  VAL A CG2 
450  N N   . VAL A 27 ? 0.1265 0.1302 0.1787 -0.0100 0.0227  0.0542  27  VAL A N   
451  C CA  . VAL A 27 ? 0.1266 0.1220 0.1772 -0.0165 0.0160  0.0320  27  VAL A CA  
452  C C   . VAL A 27 ? 0.1009 0.1280 0.2488 0.0029  0.0454  0.0755  27  VAL A C   
453  O O   . VAL A 27 ? 0.1016 0.1543 0.2020 -0.0019 0.0230  0.0405  27  VAL A O   
454  C CB  . VAL A 27 ? 0.1047 0.1441 0.1775 -0.0026 -0.0026 0.0094  27  VAL A CB  
455  C CG1 . VAL A 27 ? 0.1290 0.2587 0.2638 0.0285  0.0157  0.0081  27  VAL A CG1 
456  C CG2 . VAL A 27 ? 0.1439 0.1422 0.1810 -0.0134 -0.0217 0.0157  27  VAL A CG2 
466  N N   . THR A 28 ? 0.2672 0.2239 0.3566 0.0412  0.0718  0.0890  28  THR A N   
467  C CA  A THR A 28 ? 0.2513 0.2216 0.3400 0.0397  0.0625  0.0798  28  THR A CA  
468  C CA  B THR A 28 ? 0.3029 0.2847 0.3747 0.0329  0.0505  0.0615  28  THR A CA  
469  C CA  C THR A 28 ? 0.2857 0.2642 0.3534 0.0296  0.0473  0.0589  28  THR A CA  
470  C C   . THR A 28 ? 0.1817 0.1759 0.2635 0.0047  0.0505  0.0676  28  THR A C   
471  O O   . THR A 28 ? 0.1280 0.1728 0.2005 -0.0410 0.0132  0.0178  28  THR A O   
472  C CB  A THR A 28 ? 0.2875 0.2523 0.3895 0.0606  0.0384  0.0625  28  THR A CB  
473  C CB  B THR A 28 ? 0.4190 0.4248 0.4831 0.0405  0.0351  0.0384  28  THR A CB  
474  C CB  C THR A 28 ? 0.3882 0.3861 0.4394 0.0309  0.0285  0.0333  28  THR A CB  
475  O OG1 A THR A 28 ? 0.3173 0.2527 0.3955 0.0458  0.0251  0.0551  28  THR A OG1 
476  O OG1 B THR A 28 ? 0.3026 0.3248 0.3697 0.0450  0.0333  0.0310  28  THR A OG1 
477  O OG1 C THR A 28 ? 0.2692 0.2769 0.3137 0.0310  0.0241  0.0254  28  THR A OG1 
478  C CG2 A THR A 28 ? 0.2403 0.2193 0.3719 0.0781  0.0305  0.0564  28  THR A CG2 
479  C CG2 B THR A 28 ? 0.5163 0.5212 0.5746 0.0393  0.0277  0.0308  28  THR A CG2 
480  C CG2 C THR A 28 ? 0.4724 0.4722 0.5173 0.0297  0.0218  0.0250  28  THR A CG2 
502  N N   . PRO A 29 ? 0.1296 0.1376 0.1800 -0.0204 0.0264  0.0294  29  PRO A N   
503  C CA  . PRO A 29 ? 0.1219 0.1218 0.1807 0.0039  0.0349  0.0187  29  PRO A CA  
504  C C   . PRO A 29 ? 0.0813 0.1297 0.1805 0.0054  0.0225  0.0092  29  PRO A C   
505  O O   . PRO A 29 ? 0.0966 0.1552 0.1805 -0.0006 0.0125  -0.0200 29  PRO A O   
506  C CB  . PRO A 29 ? 0.1901 0.1507 0.1931 -0.0057 0.0448  0.0228  29  PRO A CB  
507  C CG  . PRO A 29 ? 0.2053 0.1546 0.1560 -0.0054 0.0368  0.0245  29  PRO A CG  
508  C CD  . PRO A 29 ? 0.1686 0.1716 0.1524 0.0022  0.0288  0.0160  29  PRO A CD  
516  N N   . VAL A 30 ? 0.1088 0.1244 0.2141 0.0202  0.0243  0.0098  30  VAL A N   
517  C CA  . VAL A 30 ? 0.1312 0.1331 0.2069 0.0224  0.0124  0.0366  30  VAL A CA  
518  C C   . VAL A 30 ? 0.1142 0.1135 0.1458 0.0061  0.0216  0.0336  30  VAL A C   
519  O O   . VAL A 30 ? 0.2127 0.1487 0.1524 0.0340  0.0435  0.0261  30  VAL A O   
520  C CB  . VAL A 30 ? 0.1582 0.1643 0.2850 0.0374  0.0003  0.0442  30  VAL A CB  
521  C CG1 . VAL A 30 ? 0.2192 0.2029 0.3537 0.0415  -0.0174 0.0276  30  VAL A CG1 
522  C CG2 . VAL A 30 ? 0.1917 0.1899 0.3598 0.0507  0.0013  0.0449  30  VAL A CG2 
532  N N   . GLY A 31 ? 0.0835 0.1119 0.1395 0.0004  0.0101  0.0081  31  GLY A N   
533  C CA  . GLY A 31 ? 0.0736 0.1068 0.1281 0.0007  0.0000  0.0147  31  GLY A CA  
534  C C   . GLY A 31 ? 0.0482 0.1276 0.1197 -0.0036 0.0061  0.0150  31  GLY A C   
535  O O   . GLY A 31 ? 0.0533 0.1502 0.1510 -0.0023 0.0014  0.0199  31  GLY A O   
539  N N   . ILE A 32 ? 0.0540 0.1251 0.1150 -0.0127 0.0022  0.0181  32  ILE A N   
540  C CA  . ILE A 32 ? 0.0458 0.1193 0.1041 -0.0296 0.0034  0.0169  32  ILE A CA  
541  C C   . ILE A 32 ? 0.0550 0.1300 0.1329 -0.0217 -0.0111 0.0237  32  ILE A C   
542  O O   . ILE A 32 ? 0.0575 0.1451 0.1343 -0.0310 -0.0039 0.0402  32  ILE A O   
543  C CB  . ILE A 32 ? 0.0567 0.1261 0.1030 -0.0242 0.0068  0.0159  32  ILE A CB  
544  C CG1 . ILE A 32 ? 0.1154 0.1134 0.1196 -0.0185 0.0138  0.0251  32  ILE A CG1 
545  C CG2 . ILE A 32 ? 0.0855 0.1416 0.1276 -0.0147 -0.0030 0.0047  32  ILE A CG2 
546  C CD1 . ILE A 32 ? 0.1568 0.1432 0.1327 -0.0036 0.0083  0.0259  32  ILE A CD1 
558  N N   . PRO A 33 ? 0.0695 0.1499 0.1217 -0.0295 -0.0091 0.0254  33  PRO A N   
559  C CA  A PRO A 33 ? 0.0798 0.2001 0.1497 0.0021  -0.0249 0.0310  33  PRO A CA  
560  C CA  B PRO A 33 ? 0.1304 0.1991 0.1611 -0.0119 -0.0133 0.0241  33  PRO A CA  
561  C C   . PRO A 33 ? 0.0921 0.1773 0.1248 -0.0200 -0.0193 0.0475  33  PRO A C   
562  O O   . PRO A 33 ? 0.1050 0.1774 0.1211 -0.0313 -0.0186 0.0389  33  PRO A O   
563  C CB  A PRO A 33 ? 0.0705 0.2355 0.1765 0.0219  -0.0307 -0.0063 33  PRO A CB  
564  C CB  B PRO A 33 ? 0.1574 0.2315 0.1883 -0.0013 -0.0154 -0.0047 33  PRO A CB  
565  C CG  A PRO A 33 ? 0.0952 0.2295 0.1910 0.0092  -0.0209 -0.0092 33  PRO A CG  
566  C CG  B PRO A 33 ? 0.0992 0.2044 0.1751 -0.0002 -0.0318 -0.0224 33  PRO A CG  
567  C CD  A PRO A 33 ? 0.0519 0.1314 0.1049 -0.0186 -0.0074 -0.0003 33  PRO A CD  
568  C CD  B PRO A 33 ? 0.1001 0.1600 0.1484 -0.0125 -0.0206 -0.0073 33  PRO A CD  
583  N N   . ALA A 34 ? 0.1266 0.2159 0.1481 -0.0067 -0.0102 0.0566  34  ALA A N   
584  C CA  . ALA A 34 ? 0.1286 0.2060 0.1504 -0.0021 0.0204  0.0531  34  ALA A CA  
585  C C   . ALA A 34 ? 0.1335 0.2373 0.1263 -0.0004 0.0064  0.0481  34  ALA A C   
586  O O   . ALA A 34 ? 0.1533 0.2637 0.1359 0.0024  0.0241  0.0465  34  ALA A O   
587  C CB  . ALA A 34 ? 0.1948 0.2013 0.1748 -0.0078 0.0392  0.0347  34  ALA A CB  
593  N N   . ASP A 35 ? 0.1533 0.3065 0.1525 -0.0092 -0.0227 0.0056  35  ASP A N   
594  C CA  A ASP A 35 ? 0.1792 0.3749 0.2062 -0.0015 -0.0602 -0.0366 35  ASP A CA  
595  C CA  B ASP A 35 ? 0.2174 0.3766 0.2292 -0.0071 -0.0348 -0.0292 35  ASP A CA  
596  C C   . ASP A 35 ? 0.1761 0.3585 0.1842 -0.0177 -0.0542 -0.0370 35  ASP A C   
597  O O   . ASP A 35 ? 0.1862 0.3345 0.1662 -0.0169 -0.0561 -0.0394 35  ASP A O   
598  C CB  A ASP A 35 ? 0.2196 0.3847 0.2920 0.0007  -0.0792 -0.0589 35  ASP A CB  
599  C CB  B ASP A 35 ? 0.2621 0.4026 0.2970 -0.0021 -0.0370 -0.0399 35  ASP A CB  
600  C CG  A ASP A 35 ? 0.3064 0.3739 0.3407 0.0129  -0.0527 -0.0362 35  ASP A CG  
601  C CG  B ASP A 35 ? 0.2622 0.3952 0.3063 0.0030  -0.0445 -0.0314 35  ASP A CG  
602  O OD1 A ASP A 35 ? 0.3285 0.3500 0.3701 0.0405  -0.0340 -0.0122 35  ASP A OD1 
603  O OD1 B ASP A 35 ? 0.2557 0.3942 0.3077 0.0053  -0.0523 -0.0297 35  ASP A OD1 
604  O OD2 A ASP A 35 ? 0.3455 0.3835 0.3608 0.0035  -0.0504 -0.0425 35  ASP A OD2 
605  O OD2 B ASP A 35 ? 0.2712 0.3914 0.3111 0.0050  -0.0417 -0.0263 35  ASP A OD2 
613  N N   A ASP A 36 ? 0.1473 0.3616 0.1816 -0.0368 -0.0581 -0.0400 36  ASP A N   
614  N N   B ASP A 36 ? 0.2729 0.4104 0.2806 -0.0115 -0.0296 -0.0367 36  ASP A N   
615  C CA  A ASP A 36 ? 0.1341 0.2164 0.1259 -0.0187 -0.0053 -0.0053 36  ASP A CA  
616  C CA  B ASP A 36 ? 0.2010 0.3007 0.2021 -0.0050 -0.0131 -0.0261 36  ASP A CA  
617  C C   A ASP A 36 ? 0.1276 0.2139 0.1201 -0.0213 -0.0082 0.0012  36  ASP A C   
618  C C   B ASP A 36 ? 0.1684 0.2771 0.1650 -0.0053 -0.0126 -0.0188 36  ASP A C   
619  O O   A ASP A 36 ? 0.1540 0.1967 0.1558 -0.0040 -0.0051 0.0192  36  ASP A O   
620  O O   B ASP A 36 ? 0.1746 0.2756 0.1739 -0.0001 -0.0143 -0.0184 36  ASP A O   
621  C CB  A ASP A 36 ? 0.1318 0.2151 0.1410 -0.0093 0.0072  -0.0093 36  ASP A CB  
622  C CB  B ASP A 36 ? 0.1801 0.2448 0.1832 0.0008  -0.0018 -0.0177 36  ASP A CB  
623  C CG  A ASP A 36 ? 0.1432 0.3092 0.2007 -0.0140 -0.0032 -0.0281 36  ASP A CG  
624  C CG  B ASP A 36 ? 0.1984 0.2358 0.2053 0.0036  0.0059  -0.0127 36  ASP A CG  
625  O OD1 A ASP A 36 ? 0.1642 0.3374 0.2387 -0.0194 -0.0094 -0.0341 36  ASP A OD1 
626  O OD1 B ASP A 36 ? 0.2042 0.2259 0.2182 0.0054  0.0068  -0.0111 36  ASP A OD1 
627  O OD2 A ASP A 36 ? 0.1756 0.3428 0.2271 -0.0082 0.0268  -0.0035 36  ASP A OD2 
628  O OD2 B ASP A 36 ? 0.2079 0.2344 0.2122 0.0023  0.0127  -0.0057 36  ASP A OD2 
637  N N   . ILE A 37 ? 0.1315 0.2600 0.1237 -0.0091 -0.0084 -0.0115 37  ILE A N   
638  C CA  . ILE A 37 ? 0.1158 0.2303 0.1047 -0.0019 -0.0136 -0.0097 37  ILE A CA  
639  C C   . ILE A 37 ? 0.1395 0.2135 0.1240 -0.0072 -0.0120 -0.0106 37  ILE A C   
640  O O   . ILE A 37 ? 0.1423 0.2299 0.1612 -0.0060 -0.0150 -0.0147 37  ILE A O   
641  C CB  . ILE A 37 ? 0.1344 0.2007 0.1083 -0.0104 -0.0080 -0.0047 37  ILE A CB  
642  C CG1 . ILE A 37 ? 0.1534 0.2492 0.1362 -0.0123 0.0157  -0.0027 37  ILE A CG1 
643  C CG2 . ILE A 37 ? 0.1395 0.1846 0.1314 -0.0064 0.0049  -0.0016 37  ILE A CG2 
644  C CD1 . ILE A 37 ? 0.1744 0.2115 0.1388 -0.0058 0.0256  0.0014  37  ILE A CD1 
656  N N   . PRO A 38 ? 0.1707 0.2263 0.1372 -0.0260 -0.0269 -0.0269 38  PRO A N   
657  C CA  . PRO A 38 ? 0.2031 0.2565 0.1677 -0.0276 -0.0267 -0.0409 38  PRO A CA  
658  C C   . PRO A 38 ? 0.1845 0.2459 0.1894 -0.0317 -0.0417 -0.0374 38  PRO A C   
659  O O   . PRO A 38 ? 0.2062 0.2351 0.2212 -0.0378 -0.0140 -0.0316 38  PRO A O   
660  C CB  . PRO A 38 ? 0.2700 0.2964 0.1991 -0.0501 -0.0475 -0.0508 38  PRO A CB  
661  C CG  . PRO A 38 ? 0.2909 0.3428 0.2525 -0.0497 -0.0688 -0.0580 38  PRO A CG  
662  C CD  . PRO A 38 ? 0.2190 0.2641 0.1479 -0.0388 -0.0396 -0.0374 38  PRO A CD  
670  N N   . ARG A 39 ? 0.1863 0.3018 0.2273 -0.0320 -0.0700 -0.0437 39  ARG A N   
671  C CA  . ARG A 39 ? 0.1533 0.3099 0.2511 -0.0274 -0.0425 -0.0456 39  ARG A CA  
672  C C   . ARG A 39 ? 0.1653 0.2358 0.1750 -0.0594 -0.0198 -0.0313 39  ARG A C   
673  O O   . ARG A 39 ? 0.1943 0.1781 0.2034 -0.0765 -0.0190 -0.0103 39  ARG A O   
674  C CB  . ARG A 39 ? 0.2535 0.3961 0.2968 -0.0176 -0.0282 -0.0467 39  ARG A CB  
675  C CG  . ARG A 39 ? 0.3583 0.4818 0.3663 -0.0026 0.0034  -0.0292 39  ARG A CG  
676  C CD  . ARG A 39 ? 0.4742 0.5864 0.4672 0.0064  0.0177  -0.0195 39  ARG A CD  
677  N NE  . ARG A 39 ? 0.5951 0.6836 0.5544 0.0061  0.0336  -0.0081 39  ARG A NE  
678  C CZ  . ARG A 39 ? 0.6877 0.7625 0.6368 0.0059  0.0373  -0.0037 39  ARG A CZ  
679  N NH1 . ARG A 39 ? 0.7021 0.7766 0.6467 0.0056  0.0377  -0.0021 39  ARG A NH1 
680  N NH2 . ARG A 39 ? 0.7640 0.8322 0.7040 0.0060  0.0436  0.0017  39  ARG A NH2 
694  N N   . LEU A 40 ? 0.1115 0.2415 0.1739 -0.0662 -0.0238 -0.0339 40  LEU A N   
695  C CA  . LEU A 40 ? 0.1235 0.1502 0.1398 -0.0353 0.0028  -0.0128 40  LEU A CA  
696  C C   . LEU A 40 ? 0.1283 0.1492 0.1467 -0.0333 -0.0067 -0.0200 40  LEU A C   
697  O O   . LEU A 40 ? 0.1661 0.1625 0.1359 -0.0238 -0.0183 -0.0206 40  LEU A O   
698  C CB  . LEU A 40 ? 0.1227 0.1626 0.1293 -0.0186 0.0161  -0.0054 40  LEU A CB  
699  C CG  . LEU A 40 ? 0.2177 0.2151 0.2216 -0.0160 0.0424  0.0343  40  LEU A CG  
700  C CD1 . LEU A 40 ? 0.2860 0.2324 0.2655 -0.0196 0.0406  0.0393  40  LEU A CD1 
701  C CD2 . LEU A 40 ? 0.3162 0.2520 0.2567 0.0033  0.0743  0.0598  40  LEU A CD2 
713  N N   . VAL A 41 ? 0.1342 0.1598 0.1484 -0.0273 0.0027  -0.0199 41  VAL A N   
714  C CA  . VAL A 41 ? 0.1582 0.1598 0.1295 -0.0379 -0.0099 -0.0259 41  VAL A CA  
715  C C   . VAL A 41 ? 0.1620 0.1617 0.1236 -0.0406 -0.0082 -0.0299 41  VAL A C   
716  O O   . VAL A 41 ? 0.1660 0.1637 0.1705 -0.0441 -0.0121 -0.0169 41  VAL A O   
717  C CB  . VAL A 41 ? 0.1726 0.2364 0.1468 -0.0283 0.0024  -0.0279 41  VAL A CB  
718  C CG1 . VAL A 41 ? 0.2140 0.2869 0.1756 -0.0153 0.0086  -0.0239 41  VAL A CG1 
719  C CG2 . VAL A 41 ? 0.2523 0.3014 0.1631 -0.0317 0.0123  -0.0219 41  VAL A CG2 
729  N N   . SER A 42 ? 0.1821 0.1957 0.1311 -0.0323 -0.0059 -0.0271 42  SER A N   
730  C CA  . SER A 42 ? 0.1841 0.1531 0.1612 -0.0318 -0.0179 -0.0288 42  SER A CA  
731  C C   . SER A 42 ? 0.1907 0.1296 0.1701 -0.0244 -0.0133 -0.0171 42  SER A C   
732  O O   . SER A 42 ? 0.2575 0.1550 0.1865 -0.0013 0.0032  -0.0060 42  SER A O   
733  C CB  . SER A 42 ? 0.2623 0.1969 0.2175 -0.0399 -0.0355 -0.0310 42  SER A CB  
734  O OG  . SER A 42 ? 0.4162 0.3472 0.3785 -0.0438 -0.0450 -0.0273 42  SER A OG  
740  N N   A MET A 43 ? 0.1619 0.1125 0.1334 -0.0190 -0.0068 -0.0080 43  MET A N   
741  N N   B MET A 43 ? 0.2024 0.1765 0.1965 -0.0204 -0.0183 -0.0135 43  MET A N   
742  C CA  A MET A 43 ? 0.1389 0.1151 0.1361 -0.0388 0.0088  0.0019  43  MET A CA  
743  C CA  B MET A 43 ? 0.1993 0.2056 0.2146 -0.0205 -0.0160 -0.0125 43  MET A CA  
744  C C   A MET A 43 ? 0.1222 0.1492 0.1247 -0.0383 0.0164  0.0058  43  MET A C   
745  C C   B MET A 43 ? 0.1621 0.1989 0.1935 -0.0250 -0.0025 -0.0027 43  MET A C   
746  O O   A MET A 43 ? 0.1446 0.1839 0.1464 -0.0589 0.0070  -0.0038 43  MET A O   
747  O O   B MET A 43 ? 0.1622 0.2075 0.2005 -0.0334 -0.0085 -0.0064 43  MET A O   
748  C CB  A MET A 43 ? 0.1236 0.1209 0.1402 -0.0416 0.0076  -0.0002 43  MET A CB  
749  C CB  B MET A 43 ? 0.1974 0.2209 0.2259 -0.0153 -0.0289 -0.0231 43  MET A CB  
750  C CG  A MET A 43 ? 0.1437 0.1424 0.1808 -0.0471 0.0028  0.0044  43  MET A CG  
751  C CG  B MET A 43 ? 0.2124 0.2623 0.2713 -0.0075 -0.0433 -0.0332 43  MET A CG  
752  S SD  A MET A 43 ? 0.1377 0.2284 0.2287 -0.0501 0.0204  0.0167  43  MET A SD  
753  S SD  B MET A 43 ? 0.2552 0.3441 0.3478 0.0000  -0.0646 -0.0440 43  MET A SD  
754  C CE  A MET A 43 ? 0.3303 0.3865 0.3589 -0.0019 0.0196  0.0061  43  MET A CE  
755  C CE  B MET A 43 ? 0.3446 0.4213 0.4227 -0.0052 -0.0580 -0.0457 43  MET A CE  
774  N N   . GLN A 44 ? 0.1321 0.1960 0.1772 -0.0302 0.0151  0.0117  44  GLN A N   
775  C CA  . GLN A 44 ? 0.1194 0.1905 0.1455 0.0077  0.0293  0.0241  44  GLN A CA  
776  C C   . GLN A 44 ? 0.0840 0.1674 0.1470 -0.0003 0.0177  0.0273  44  GLN A C   
777  O O   . GLN A 44 ? 0.1017 0.1946 0.1591 -0.0287 0.0280  -0.0089 44  GLN A O   
778  C CB  . GLN A 44 ? 0.2074 0.2221 0.2491 0.0464  0.0397  0.0393  44  GLN A CB  
779  C CG  . GLN A 44 ? 0.2846 0.2445 0.3559 0.0565  0.0324  0.0499  44  GLN A CG  
780  C CD  . GLN A 44 ? 0.4432 0.3612 0.5328 0.0694  0.0331  0.0713  44  GLN A CD  
781  O OE1 . GLN A 44 ? 0.4343 0.3330 0.5350 0.0851  0.0304  0.0871  44  GLN A OE1 
782  N NE2 . GLN A 44 ? 0.6208 0.5142 0.7153 0.0606  0.0275  0.0702  44  GLN A NE2 
791  N N   . VAL A 45 ? 0.0854 0.1651 0.1671 -0.0008 0.0083  0.0249  45  VAL A N   
792  C CA  . VAL A 45 ? 0.0792 0.1210 0.1729 -0.0034 -0.0062 0.0320  45  VAL A CA  
793  C C   . VAL A 45 ? 0.0894 0.1344 0.1715 0.0198  0.0002  0.0401  45  VAL A C   
794  O O   . VAL A 45 ? 0.1199 0.1523 0.1935 0.0343  0.0160  0.0466  45  VAL A O   
795  C CB  . VAL A 45 ? 0.1393 0.1658 0.1603 -0.0045 -0.0247 0.0293  45  VAL A CB  
796  C CG1 . VAL A 45 ? 0.2158 0.2080 0.2249 -0.0031 -0.0222 0.0181  45  VAL A CG1 
797  C CG2 . VAL A 45 ? 0.1300 0.1797 0.1740 0.0047  -0.0077 0.0129  45  VAL A CG2 
807  N N   . ASN A 46 ? 0.0989 0.1478 0.1916 0.0190  0.0181  0.0517  46  ASN A N   
808  C CA  . ASN A 46 ? 0.1035 0.1507 0.1539 0.0028  0.0145  0.0595  46  ASN A CA  
809  C C   . ASN A 46 ? 0.1102 0.1588 0.1565 -0.0106 0.0035  0.0736  46  ASN A C   
810  O O   . ASN A 46 ? 0.1428 0.2061 0.1589 -0.0126 -0.0066 0.0801  46  ASN A O   
811  C CB  . ASN A 46 ? 0.1168 0.1544 0.1902 0.0027  0.0156  0.0463  46  ASN A CB  
812  C CG  . ASN A 46 ? 0.1007 0.1909 0.2228 0.0018  0.0254  0.0580  46  ASN A CG  
813  O OD1 . ASN A 46 ? 0.1330 0.1670 0.2104 0.0039  0.0111  0.0303  46  ASN A OD1 
814  N ND2 . ASN A 46 ? 0.2018 0.2632 0.3881 0.0546  0.0264  0.0573  46  ASN A ND2 
821  N N   . ARG A 47 ? 0.1190 0.1781 0.1693 -0.0110 -0.0122 0.0617  47  ARG A N   
822  C CA  . ARG A 47 ? 0.1156 0.1520 0.1308 0.0013  -0.0011 0.0328  47  ARG A CA  
823  C C   . ARG A 47 ? 0.1054 0.1217 0.1475 -0.0043 -0.0270 0.0458  47  ARG A C   
824  O O   . ARG A 47 ? 0.1344 0.1603 0.1394 -0.0325 -0.0301 0.0408  47  ARG A O   
825  C CB  . ARG A 47 ? 0.1423 0.2174 0.1904 0.0162  0.0156  0.0128  47  ARG A CB  
826  C CG  . ARG A 47 ? 0.1783 0.1998 0.2337 0.0304  0.0207  0.0243  47  ARG A CG  
827  C CD  . ARG A 47 ? 0.2230 0.2146 0.2686 0.0258  0.0164  0.0264  47  ARG A CD  
828  N NE  . ARG A 47 ? 0.2843 0.2926 0.3068 0.0280  0.0458  0.0491  47  ARG A NE  
829  C CZ  . ARG A 47 ? 0.3478 0.3635 0.3572 0.0275  0.0468  0.0403  47  ARG A CZ  
830  N NH1 . ARG A 47 ? 0.3978 0.4050 0.3877 0.0277  0.0476  0.0346  47  ARG A NH1 
831  N NH2 . ARG A 47 ? 0.4168 0.4341 0.4038 0.0201  0.0431  0.0271  47  ARG A NH2 
845  N N   . ALA A 48 ? 0.1141 0.1203 0.1638 0.0089  -0.0185 0.0434  48  ALA A N   
846  C CA  . ALA A 48 ? 0.0932 0.1148 0.1388 0.0049  -0.0010 0.0346  48  ALA A CA  
847  C C   . ALA A 48 ? 0.0938 0.1036 0.1383 0.0092  0.0061  0.0221  48  ALA A C   
848  O O   . ALA A 48 ? 0.1669 0.1187 0.1334 0.0227  0.0281  0.0086  48  ALA A O   
849  C CB  . ALA A 48 ? 0.1358 0.1622 0.2068 0.0182  -0.0086 0.0167  48  ALA A CB  
855  N N   . VAL A 49 ? 0.0969 0.1073 0.1253 0.0074  0.0107  0.0208  49  VAL A N   
856  C CA  . VAL A 49 ? 0.0865 0.0897 0.1544 0.0002  0.0095  0.0311  49  VAL A CA  
857  C C   . VAL A 49 ? 0.0928 0.0931 0.1478 -0.0015 0.0028  0.0157  49  VAL A C   
858  O O   . VAL A 49 ? 0.1153 0.1106 0.1612 0.0036  0.0323  0.0083  49  VAL A O   
859  C CB  . VAL A 49 ? 0.1227 0.1196 0.2102 -0.0029 0.0115  0.0590  49  VAL A CB  
860  C CG1 . VAL A 49 ? 0.1562 0.1324 0.2345 0.0283  0.0216  0.0663  49  VAL A CG1 
861  C CG2 . VAL A 49 ? 0.1867 0.1523 0.2685 0.0144  0.0148  0.0681  49  VAL A CG2 
871  N N   . PRO A 50 ? 0.0927 0.1191 0.1352 -0.0115 -0.0057 0.0206  50  PRO A N   
872  C CA  . PRO A 50 ? 0.0847 0.1392 0.1528 -0.0119 -0.0188 0.0260  50  PRO A CA  
873  C C   . PRO A 50 ? 0.0562 0.1244 0.1445 -0.0194 -0.0022 0.0278  50  PRO A C   
874  O O   . PRO A 50 ? 0.0607 0.1166 0.1310 -0.0209 -0.0058 0.0222  50  PRO A O   
875  C CB  . PRO A 50 ? 0.1304 0.1579 0.1525 -0.0242 -0.0259 0.0154  50  PRO A CB  
876  C CG  . PRO A 50 ? 0.1472 0.2034 0.1815 -0.0208 -0.0277 -0.0158 50  PRO A CG  
877  C CD  . PRO A 50 ? 0.1319 0.1398 0.1507 -0.0134 -0.0196 -0.0036 50  PRO A CD  
885  N N   . LEU A 51 ? 0.0719 0.1664 0.1642 -0.0185 0.0055  0.0344  51  LEU A N   
886  C CA  . LEU A 51 ? 0.0595 0.1628 0.1483 -0.0332 0.0139  0.0200  51  LEU A CA  
887  C C   . LEU A 51 ? 0.0612 0.1444 0.1211 -0.0447 -0.0039 0.0109  51  LEU A C   
888  O O   . LEU A 51 ? 0.0919 0.1501 0.1135 -0.0572 -0.0220 0.0000  51  LEU A O   
889  C CB  . LEU A 51 ? 0.0789 0.2208 0.1574 -0.0259 0.0247  0.0038  51  LEU A CB  
890  C CG  . LEU A 51 ? 0.1010 0.3507 0.2021 -0.0348 0.0297  -0.0181 51  LEU A CG  
891  C CD1 . LEU A 51 ? 0.1919 0.3624 0.1907 -0.0290 0.0287  -0.0262 51  LEU A CD1 
892  C CD2 . LEU A 51 ? 0.1348 0.3178 0.2173 -0.0180 0.0061  -0.0272 51  LEU A CD2 
904  N N   . GLY A 52 ? 0.0726 0.1255 0.1258 -0.0486 0.0030  0.0239  52  GLY A N   
905  C CA  . GLY A 52 ? 0.0940 0.0990 0.1329 -0.0372 -0.0041 0.0205  52  GLY A CA  
906  C C   . GLY A 52 ? 0.0663 0.0945 0.1045 -0.0288 -0.0018 0.0164  52  GLY A C   
907  O O   . GLY A 52 ? 0.1049 0.0933 0.1513 -0.0097 0.0114  0.0277  52  GLY A O   
911  N N   . THR A 53 ? 0.0578 0.0915 0.1243 -0.0307 0.0072  0.0216  53  THR A N   
912  C CA  . THR A 53 ? 0.0712 0.0862 0.1031 -0.0194 0.0030  0.0162  53  THR A CA  
913  C C   . THR A 53 ? 0.0537 0.0844 0.0898 -0.0326 0.0082  0.0113  53  THR A C   
914  O O   . THR A 53 ? 0.0693 0.1216 0.0958 -0.0268 0.0064  -0.0087 53  THR A O   
915  C CB  . THR A 53 ? 0.0775 0.1544 0.1031 -0.0248 -0.0006 0.0217  53  THR A CB  
916  O OG1 . THR A 53 ? 0.0935 0.2902 0.1347 -0.0153 -0.0125 0.0260  53  THR A OG1 
917  C CG2 . THR A 53 ? 0.1439 0.1809 0.1254 -0.0037 0.0288  0.0395  53  THR A CG2 
925  N N   . THR A 54 ? 0.0564 0.0943 0.1070 -0.0273 0.0048  0.0094  54  THR A N   
926  C CA  . THR A 54 ? 0.0589 0.1011 0.0984 -0.0262 0.0020  0.0094  54  THR A CA  
927  C C   . THR A 54 ? 0.0623 0.1093 0.0754 -0.0332 0.0019  0.0152  54  THR A C   
928  O O   . THR A 54 ? 0.1044 0.1312 0.0942 -0.0552 0.0093  0.0146  54  THR A O   
929  C CB  . THR A 54 ? 0.0680 0.1197 0.1287 -0.0169 0.0069  0.0201  54  THR A CB  
930  O OG1 . THR A 54 ? 0.0762 0.1100 0.1909 -0.0178 -0.0001 0.0254  54  THR A OG1 
931  C CG2 . THR A 54 ? 0.0714 0.1329 0.1676 0.0041  -0.0129 0.0085  54  THR A CG2 
939  N N   . LEU A 55 ? 0.0593 0.1096 0.0901 -0.0303 0.0017  0.0249  55  LEU A N   
940  C CA  A LEU A 55 ? 0.0479 0.0765 0.0770 -0.0273 -0.0023 0.0150  55  LEU A CA  
941  C CA  B LEU A 55 ? 0.1273 0.1470 0.1477 -0.0145 0.0027  0.0224  55  LEU A CA  
942  C C   . LEU A 55 ? 0.0548 0.1188 0.0919 -0.0235 -0.0037 0.0370  55  LEU A C   
943  O O   . LEU A 55 ? 0.0648 0.1778 0.1182 -0.0100 0.0030  0.0622  55  LEU A O   
944  C CB  A LEU A 55 ? 0.0687 0.0904 0.1244 -0.0060 -0.0161 0.0049  55  LEU A CB  
945  C CB  B LEU A 55 ? 0.2446 0.2144 0.2557 0.0021  0.0062  0.0219  55  LEU A CB  
946  C CG  A LEU A 55 ? 0.1805 0.2207 0.2212 -0.0116 -0.0012 -0.0055 55  LEU A CG  
947  C CG  B LEU A 55 ? 0.3098 0.2499 0.3280 0.0095  0.0070  0.0290  55  LEU A CG  
948  C CD1 A LEU A 55 ? 0.1413 0.1957 0.2141 -0.0076 -0.0124 -0.0176 55  LEU A CD1 
949  C CD1 B LEU A 55 ? 0.2826 0.2061 0.2979 0.0101  0.0083  0.0309  55  LEU A CD1 
950  C CD2 A LEU A 55 ? 0.2307 0.2769 0.2454 -0.0101 -0.0085 -0.0201 55  LEU A CD2 
951  C CD2 B LEU A 55 ? 0.2742 0.2133 0.2942 0.0142  0.0108  0.0291  55  LEU A CD2 
974  N N   . MET A 56 ? 0.0644 0.1268 0.0933 -0.0202 0.0032  0.0349  56  MET A N   
975  C CA  . MET A 56 ? 0.0640 0.1199 0.0970 -0.0100 0.0040  0.0326  56  MET A CA  
976  C C   . MET A 56 ? 0.0617 0.1116 0.0842 -0.0177 0.0049  0.0284  56  MET A C   
977  O O   . MET A 56 ? 0.0665 0.1059 0.1088 -0.0159 0.0149  0.0242  56  MET A O   
978  C CB  . MET A 56 ? 0.1163 0.1108 0.1148 -0.0389 0.0077  0.0218  56  MET A CB  
979  C CG  . MET A 56 ? 0.1669 0.1193 0.1117 -0.0352 0.0023  0.0245  56  MET A CG  
980  S SD  . MET A 56 ? 0.3090 0.1309 0.2404 0.0081  -0.0973 0.0064  56  MET A SD  
981  C CE  . MET A 56 ? 0.4114 0.1698 0.3753 -0.0284 -0.0615 0.0184  56  MET A CE  
991  N N   . PRO A 57 ? 0.0476 0.1234 0.1022 -0.0107 0.0075  0.0206  57  PRO A N   
992  C CA  . PRO A 57 ? 0.0474 0.1259 0.1024 -0.0283 0.0057  0.0092  57  PRO A CA  
993  C C   . PRO A 57 ? 0.0622 0.1234 0.1125 -0.0252 0.0191  0.0018  57  PRO A C   
994  O O   . PRO A 57 ? 0.1144 0.1128 0.1394 -0.0284 0.0207  0.0080  57  PRO A O   
995  C CB  . PRO A 57 ? 0.0802 0.1343 0.1279 -0.0109 0.0054  0.0084  57  PRO A CB  
996  C CG  . PRO A 57 ? 0.0767 0.1733 0.1486 0.0098  0.0132  0.0110  57  PRO A CG  
997  C CD  . PRO A 57 ? 0.0633 0.1397 0.1220 -0.0029 0.0116  0.0126  57  PRO A CD  
1005 N N   . ASP A 58 ? 0.0719 0.1268 0.1036 -0.0192 0.0193  0.0225  58  ASP A N   
1006 C CA  . ASP A 58 ? 0.0931 0.1050 0.1129 -0.0202 0.0236  0.0286  58  ASP A CA  
1007 C C   . ASP A 58 ? 0.0795 0.1243 0.1097 0.0078  0.0197  0.0369  58  ASP A C   
1008 O O   . ASP A 58 ? 0.1248 0.1762 0.1519 0.0341  0.0344  0.0686  58  ASP A O   
1009 C CB  . ASP A 58 ? 0.1046 0.1124 0.1110 -0.0188 0.0160  0.0309  58  ASP A CB  
1010 C CG  . ASP A 58 ? 0.1503 0.1273 0.1137 -0.0547 0.0034  0.0219  58  ASP A CG  
1011 O OD1 . ASP A 58 ? 0.2160 0.1403 0.1309 -0.0918 0.0051  0.0246  58  ASP A OD1 
1012 O OD2 . ASP A 58 ? 0.2692 0.1688 0.1546 -0.0894 -0.0165 0.0216  58  ASP A OD2 
1017 N N   . MET A 59 ? 0.0785 0.1222 0.1297 -0.0168 0.0136  0.0268  59  MET A N   
1018 C CA  . MET A 59 ? 0.0564 0.1100 0.1229 -0.0052 0.0021  0.0209  59  MET A CA  
1019 C C   . MET A 59 ? 0.0716 0.1102 0.1247 -0.0067 -0.0055 0.0216  59  MET A C   
1020 O O   . MET A 59 ? 0.0908 0.1563 0.1751 0.0222  -0.0215 -0.0051 59  MET A O   
1021 C CB  . MET A 59 ? 0.0583 0.1302 0.1371 -0.0034 0.0015  0.0158  59  MET A CB  
1022 C CG  . MET A 59 ? 0.0965 0.1337 0.1576 -0.0286 -0.0088 0.0213  59  MET A CG  
1023 S SD  . MET A 59 ? 0.1018 0.1485 0.1708 -0.0397 -0.0133 0.0450  59  MET A SD  
1024 C CE  . MET A 59 ? 0.2714 0.1720 0.2991 -0.0465 -0.0438 0.0147  59  MET A CE  
1034 N N   . VAL A 60 ? 0.0688 0.1270 0.1339 -0.0228 0.0080  0.0214  60  VAL A N   
1035 C CA  . VAL A 60 ? 0.0876 0.1189 0.1302 -0.0292 0.0123  0.0144  60  VAL A CA  
1036 C C   . VAL A 60 ? 0.0835 0.1396 0.1314 -0.0299 0.0302  0.0052  60  VAL A C   
1037 O O   . VAL A 60 ? 0.1105 0.1257 0.2011 -0.0312 0.0396  -0.0027 60  VAL A O   
1038 C CB  . VAL A 60 ? 0.1320 0.1918 0.1526 -0.0310 -0.0183 -0.0027 60  VAL A CB  
1039 C CG1 . VAL A 60 ? 0.1874 0.2504 0.1656 -0.0349 0.0000  -0.0198 60  VAL A CG1 
1040 C CG2 . VAL A 60 ? 0.1446 0.1428 0.1357 -0.0280 0.0008  0.0149  60  VAL A CG2 
1050 N N   . LYS A 61 ? 0.1066 0.1233 0.1492 -0.0142 0.0395  0.0178  61  LYS A N   
1051 C CA  . LYS A 61 ? 0.1104 0.1215 0.1542 -0.0146 0.0382  0.0208  61  LYS A CA  
1052 C C   . LYS A 61 ? 0.1060 0.1477 0.2000 -0.0217 0.0434  -0.0005 61  LYS A C   
1053 O O   . LYS A 61 ? 0.1527 0.1979 0.1771 -0.0349 0.0310  -0.0222 61  LYS A O   
1054 C CB  . LYS A 61 ? 0.1702 0.1281 0.1856 -0.0097 0.0306  0.0412  61  LYS A CB  
1055 C CG  . LYS A 61 ? 0.2919 0.1958 0.3375 -0.0017 0.0110  0.0544  61  LYS A CG  
1056 C CD  . LYS A 61 ? 0.2889 0.1777 0.3787 0.0124  -0.0080 0.0530  61  LYS A CD  
1057 C CE  . LYS A 61 ? 0.3734 0.2202 0.4670 0.0184  -0.0207 0.0476  61  LYS A CE  
1058 N NZ  . LYS A 61 ? 0.5144 0.3176 0.6036 0.0096  -0.0297 0.0451  61  LYS A NZ  
1072 N N   . GLY A 62 ? 0.1274 0.1794 0.2833 -0.0462 0.0384  -0.0036 62  GLY A N   
1073 C CA  . GLY A 62 ? 0.1203 0.1654 0.2501 -0.0232 0.0121  -0.0121 62  GLY A CA  
1074 C C   . GLY A 62 ? 0.1249 0.1836 0.2720 -0.0561 0.0120  -0.0282 62  GLY A C   
1075 O O   . GLY A 62 ? 0.1552 0.2014 0.3066 -0.0681 -0.0017 -0.0421 62  GLY A O   
1079 N N   . TYR A 63 ? 0.1141 0.2257 0.2827 -0.0424 -0.0007 -0.0283 63  TYR A N   
1080 C CA  . TYR A 63 ? 0.1081 0.2058 0.2222 -0.0312 -0.0137 -0.0380 63  TYR A CA  
1081 C C   . TYR A 63 ? 0.1040 0.2086 0.2403 -0.0186 -0.0088 -0.0286 63  TYR A C   
1082 O O   . TYR A 63 ? 0.1235 0.2182 0.2200 -0.0106 0.0130  -0.0281 63  TYR A O   
1083 C CB  . TYR A 63 ? 0.1048 0.1938 0.1752 -0.0354 -0.0026 -0.0179 63  TYR A CB  
1084 C CG  . TYR A 63 ? 0.1047 0.2371 0.1911 -0.0487 0.0014  0.0008  63  TYR A CG  
1085 C CD1 . TYR A 63 ? 0.1968 0.3192 0.2633 -0.0257 0.0281  0.0108  63  TYR A CD1 
1086 C CD2 . TYR A 63 ? 0.1508 0.2285 0.1844 -0.0490 -0.0155 -0.0113 63  TYR A CD2 
1087 C CE1 . TYR A 63 ? 0.1685 0.2753 0.2147 -0.0362 0.0399  0.0188  63  TYR A CE1 
1088 C CE2 . TYR A 63 ? 0.1739 0.2281 0.2157 -0.0416 -0.0024 -0.0008 63  TYR A CE2 
1089 C CZ  . TYR A 63 ? 0.1190 0.2292 0.2385 -0.0468 0.0052  0.0238  63  TYR A CZ  
1090 O OH  . TYR A 63 ? 0.1657 0.2784 0.2773 -0.0387 0.0017  0.0347  63  TYR A OH  
1100 N N   . ALA A 64 ? 0.1352 0.2656 0.3099 -0.0085 -0.0378 -0.0470 64  ALA A N   
1101 C CA  . ALA A 64 ? 0.1950 0.3322 0.3191 0.0043  -0.0509 -0.0585 64  ALA A CA  
1102 C C   . ALA A 64 ? 0.2484 0.3966 0.3312 0.0098  -0.0923 -0.0817 64  ALA A C   
1103 O O   . ALA A 64 ? 0.2835 0.3995 0.3305 0.0387  -0.0869 -0.0795 64  ALA A O   
1104 C CB  . ALA A 64 ? 0.2579 0.3712 0.3327 0.0136  -0.0168 -0.0348 64  ALA A CB  
1110 N N   . ALA A 65 ? 0.3303 0.4356 0.4011 -0.0181 -0.1033 -0.0826 65  ALA A N   
1111 C CA  . ALA A 65 ? 0.3759 0.4486 0.4315 -0.0227 -0.0953 -0.0740 65  ALA A CA  
1112 C C   . ALA A 65 ? 0.4163 0.4647 0.4291 -0.0209 -0.0996 -0.0624 65  ALA A C   
1113 O O   . ALA A 65 ? 0.4156 0.4739 0.4328 -0.0161 -0.0999 -0.0607 65  ALA A O   
1114 C CB  . ALA A 65 ? 0.4171 0.4799 0.4862 -0.0269 -0.0913 -0.0697 65  ALA A CB  
1115 O OXT . ALA A 65 ? 0.4471 0.4714 0.4273 -0.0203 -0.0950 -0.0545 65  ALA A OXT 
1121 O O   . DOD B .  ? 0.2829 0.2223 0.3130 0.0938  0.1340  0.1302  101 DOD A O   
1124 O O   . DOD B .  ? 0.4651 0.2859 0.3338 -0.0361 0.0140  0.0263  102 DOD A O   
1127 O O   . DOD B .  ? 0.3082 0.2434 0.3275 0.0526  0.0419  0.0485  103 DOD A O   
1130 O O   . DOD B .  ? 0.6058 0.2701 0.2206 -0.1834 -0.0376 0.0018  104 DOD A O   
1133 O O   . DOD B .  ? 0.3829 0.1494 0.4713 -0.0688 -0.0766 0.0162  105 DOD A O   
1136 O O   . DOD B .  ? 0.5011 0.2264 0.3490 -0.0733 -0.0272 0.0167  106 DOD A O   
1139 O O   . DOD B .  ? 0.4053 0.5365 0.1876 -0.1081 -0.0245 -0.0947 107 DOD A O   
1142 O O   . DOD B .  ? 0.2416 0.3665 0.6068 0.0465  -0.1537 -0.0683 108 DOD A O   
1145 O O   . DOD B .  ? 0.1716 0.4768 0.5583 0.1207  0.0133  0.0034  109 DOD A O   
1148 O O   . DOD B .  ? 0.6454 0.3437 0.2230 -0.1781 -0.0261 -0.0380 110 DOD A O   
1151 O O   . DOD B .  ? 0.2686 0.4636 0.4345 0.0835  0.0107  -0.0123 111 DOD A O   
1154 O O   . DOD B .  ? 0.1659 0.4011 0.3267 0.0228  -0.0511 -0.0698 112 DOD A O   
1157 O O   . DOD B .  ? 0.3510 0.4124 0.4028 -0.0844 -0.0170 -0.0204 113 DOD A O   
1158 O O   . DOD B .  ? 0.4738 0.3252 0.5028 0.0449  0.0506  0.0756  114 DOD A O   
1161 O O   . DOD B .  ? 0.3450 0.3642 0.4250 0.0510  0.0374  0.0398  115 DOD A O   
1164 O O   . DOD B .  ? 0.3672 0.3092 0.3442 0.0553  0.1047  0.0824  116 DOD A O   
1167 O O   . DOD B .  ? 0.4632 0.2922 0.4667 -0.0271 -0.0365 0.0154  117 DOD A O   
1170 O O   . DOD B .  ? 0.4149 0.3309 0.4813 0.0219  -0.0222 0.0172  118 DOD A O   
1173 O O   . DOD B .  ? 0.5419 0.3962 0.4332 -0.0536 0.1287  0.1610  119 DOD A O   
1174 O O   . DOD B .  ? 0.3649 0.2460 0.2885 -0.1035 -0.0599 -0.0183 120 DOD A O   
1177 O O   . DOD B .  ? 0.3740 0.6135 0.1741 -0.0361 0.0263  -0.0794 121 DOD A O   
1180 O O   . DOD B .  ? 0.4754 0.5606 0.3904 0.0581  0.1438  0.0640  122 DOD A O   
1183 O O   . DOD B .  ? 0.3496 0.4580 0.4699 0.0096  -0.0525 -0.0487 123 DOD A O   
1186 O O   . DOD B .  ? 0.1813 0.2101 0.3731 0.0822  -0.0321 0.0586  124 DOD A O   
1189 O O   . DOD B .  ? 0.4078 0.4271 0.2806 -0.0819 -0.0490 -0.0528 125 DOD A O   
1192 O O   . DOD B .  ? 0.3344 0.3994 0.4561 0.0472  -0.0031 0.0053  126 DOD A O   
1195 O O   . DOD B .  ? 0.1925 0.3658 0.3394 0.0477  0.1046  0.1475  127 DOD A O   
1196 O O   . DOD B .  ? 0.3595 0.2982 0.4958 0.0595  0.0086  0.0483  128 DOD A O   
1199 O O   . DOD B .  ? 0.4711 0.3847 0.3317 -0.1263 -0.0876 -0.0747 129 DOD A O   
1202 O O   . DOD B .  ? 0.3986 0.3558 0.2275 0.0226  0.1353  0.0756  130 DOD A O   
1205 O O   . DOD B .  ? 0.5038 0.4554 0.5376 -0.0096 -0.0366 -0.0085 131 DOD A O   
1208 O O   . DOD B .  ? 0.3690 0.5309 0.4389 0.0179  -0.0189 -0.0376 132 DOD A O   
1211 O O   . DOD B .  ? 0.3702 0.4108 0.4329 0.0404  0.0329  0.0235  133 DOD A O   
1214 O O   . DOD B .  ? 0.3193 0.3815 0.5085 0.0162  -0.0950 -0.0453 134 DOD A O   
1217 O O   . DOD B .  ? 0.4689 0.5514 0.4676 0.0010  0.0025  -0.0175 135 DOD A O   
1220 O O   . DOD B .  ? 0.4390 0.4675 0.4621 0.0297  0.0305  0.0193  136 DOD A O   
1223 O O   . DOD B .  ? 0.3511 0.5367 0.4463 0.0337  -0.0178 -0.0458 137 DOD A O   
1226 O O   . DOD B .  ? 0.4337 0.5099 0.4780 0.0446  0.0419  0.0186  138 DOD A O   
1229 O O   . DOD B .  ? 0.4388 0.5544 0.4807 -0.0282 -0.0680 -0.0733 139 DOD A O   
1232 O O   . DOD B .  ? 0.4645 0.5199 0.4866 0.0002  -0.0127 -0.0189 140 DOD A O   
1235 O O   . DOD B .  ? 0.5081 0.4531 0.4690 -0.0691 -0.0754 -0.0544 141 DOD A O   
1238 O O   . DOD B .  ? 0.4748 0.5303 0.4194 0.0086  0.0461  0.0111  142 DOD A O   
# 
